data_1O68
#
_entry.id   1O68
#
_cell.length_a   164.419
_cell.length_b   111.238
_cell.length_c   98.807
_cell.angle_alpha   90.00
_cell.angle_beta   122.93
_cell.angle_gamma   90.00
#
_symmetry.space_group_name_H-M   'C 1 2 1'
#
loop_
_entity.id
_entity.type
_entity.pdbx_description
1 polymer '3-methyl-2-oxobutanoate hydroxymethyltransferase'
2 non-polymer 'SODIUM ION'
3 non-polymer '3-METHYL-2-OXOBUTANOIC ACID'
4 water water
#
_entity_poly.entity_id   1
_entity_poly.type   'polypeptide(L)'
_entity_poly.pdbx_seq_one_letter_code
;(MSE)SLITVNTLQK(MSE)KAAGEKIA(MSE)LTAYESSFAAL(MSE)DDAGVE(MSE)LLVGDSLG(MSE)AVQGRKS
TLPVSLRD(MSE)CYHTECVARGAKNA(MSE)IVSDLPFGAYQQSKEQAFAAAAEL(MSE)AAGAH(MSE)VKLEGGVW
(MSE)AETTEFLQ(MSE)RGIPVCAHIGLTPQSVFAFGGYKVQGRGGKAQALLNDAKAHDDAGAAVVL(MSE)ECVLAEL
AKKVTETVSCPTIGIGAGADCDGQVLV(MSE)HD(MSE)LGIFPGKTAKFVKNF(MSE)QGHDSVQAAVRAYVAEVKAKT
FPAAEHIFADEGGSHHHHHH
;
_entity_poly.pdbx_strand_id   A,B,C,D,E
#
loop_
_chem_comp.id
_chem_comp.type
_chem_comp.name
_chem_comp.formula
KIV non-polymer '3-METHYL-2-OXOBUTANOIC ACID' 'C5 H8 O3'
NA non-polymer 'SODIUM ION' 'Na 1'
#
# COMPACT_ATOMS: atom_id res chain seq x y z
N LEU A 3 -32.55 -24.01 1.77
CA LEU A 3 -31.37 -23.23 1.43
C LEU A 3 -30.22 -24.17 1.03
N ILE A 4 -29.62 -23.89 -0.12
CA ILE A 4 -28.52 -24.73 -0.59
C ILE A 4 -27.22 -24.23 0.03
N THR A 5 -26.56 -25.09 0.79
CA THR A 5 -25.29 -24.73 1.43
C THR A 5 -24.19 -25.66 0.92
N VAL A 6 -22.96 -25.38 1.34
CA VAL A 6 -21.80 -26.18 0.96
C VAL A 6 -22.00 -27.63 1.44
N ASN A 7 -22.57 -27.78 2.63
CA ASN A 7 -22.85 -29.09 3.20
C ASN A 7 -23.84 -29.81 2.30
N THR A 8 -24.85 -29.08 1.78
CA THR A 8 -25.82 -29.67 0.87
C THR A 8 -25.10 -30.26 -0.33
N LEU A 9 -24.15 -29.51 -0.88
CA LEU A 9 -23.38 -29.96 -2.03
C LEU A 9 -22.57 -31.20 -1.71
N GLN A 10 -21.98 -31.23 -0.51
CA GLN A 10 -21.17 -32.34 -0.06
C GLN A 10 -22.01 -33.61 0.08
N LYS A 11 -23.19 -33.49 0.66
CA LYS A 11 -24.08 -34.64 0.79
C LYS A 11 -24.46 -35.15 -0.61
N MSE A 12 -24.76 -34.21 -1.51
CA MSE A 12 -25.13 -34.59 -2.89
C MSE A 12 -24.01 -35.33 -3.57
O MSE A 12 -24.24 -36.31 -4.28
CB MSE A 12 -25.57 -33.35 -3.67
CG MSE A 12 -26.89 -32.77 -3.20
SE MSE A 12 -27.37 -31.09 -4.04
CE MSE A 12 -28.03 -31.75 -5.71
N LYS A 13 -22.75 -34.89 -3.39
CA LYS A 13 -21.64 -35.59 -4.02
C LYS A 13 -21.56 -37.03 -3.46
N ALA A 14 -21.65 -37.13 -2.13
CA ALA A 14 -21.56 -38.44 -1.48
C ALA A 14 -22.69 -39.36 -1.94
N ALA A 15 -23.89 -38.82 -2.14
CA ALA A 15 -25.04 -39.57 -2.58
C ALA A 15 -25.10 -39.78 -4.08
N GLY A 16 -24.31 -39.07 -4.89
CA GLY A 16 -24.36 -39.26 -6.33
C GLY A 16 -25.46 -38.44 -6.99
N GLU A 17 -26.07 -37.51 -6.27
CA GLU A 17 -27.12 -36.66 -6.81
C GLU A 17 -26.49 -35.45 -7.52
N LYS A 18 -26.72 -35.32 -8.81
CA LYS A 18 -26.13 -34.26 -9.59
C LYS A 18 -26.61 -32.86 -9.24
N ILE A 19 -25.67 -31.94 -9.19
CA ILE A 19 -25.97 -30.53 -8.83
C ILE A 19 -26.26 -29.73 -10.09
N ALA A 20 -27.36 -28.97 -10.06
CA ALA A 20 -27.71 -28.15 -11.20
C ALA A 20 -27.26 -26.70 -11.01
N MSE A 21 -26.38 -26.23 -11.87
CA MSE A 21 -25.88 -24.84 -11.81
C MSE A 21 -26.17 -24.18 -13.15
O MSE A 21 -26.09 -24.83 -14.18
CB MSE A 21 -24.36 -24.76 -11.54
CG MSE A 21 -23.70 -23.38 -11.67
SE MSE A 21 -21.76 -23.40 -11.47
CE MSE A 21 -21.64 -23.14 -9.61
N LEU A 22 -26.52 -22.91 -13.16
CA LEU A 22 -26.78 -22.14 -14.36
C LEU A 22 -26.31 -20.68 -14.09
N THR A 23 -25.86 -20.01 -15.14
CA THR A 23 -25.48 -18.61 -14.93
C THR A 23 -26.74 -17.77 -14.76
N ALA A 24 -26.54 -16.60 -14.14
CA ALA A 24 -27.66 -15.70 -13.86
C ALA A 24 -27.09 -14.30 -13.64
N TYR A 25 -27.63 -13.29 -14.32
CA TYR A 25 -27.13 -11.93 -14.20
C TYR A 25 -28.21 -10.90 -13.90
N GLU A 26 -29.45 -11.36 -13.71
CA GLU A 26 -30.58 -10.46 -13.46
C GLU A 26 -31.51 -11.08 -12.41
N SER A 27 -32.28 -10.25 -11.73
CA SER A 27 -33.17 -10.71 -10.68
C SER A 27 -34.31 -11.59 -11.17
N SER A 28 -34.95 -11.19 -12.27
CA SER A 28 -36.10 -11.94 -12.77
C SER A 28 -35.73 -13.37 -13.16
N PHE A 29 -34.69 -13.51 -13.96
CA PHE A 29 -34.21 -14.83 -14.35
C PHE A 29 -33.74 -15.61 -13.13
N ALA A 30 -33.05 -14.95 -12.20
CA ALA A 30 -32.61 -15.63 -10.98
C ALA A 30 -33.77 -16.19 -10.17
N ALA A 31 -34.87 -15.48 -10.02
CA ALA A 31 -36.02 -16.00 -9.26
C ALA A 31 -36.66 -17.20 -9.96
N LEU A 32 -36.70 -17.13 -11.29
CA LEU A 32 -37.26 -18.17 -12.14
C LEU A 32 -36.44 -19.44 -12.01
N MSE A 33 -35.12 -19.31 -12.17
CA MSE A 33 -34.23 -20.45 -12.05
C MSE A 33 -34.29 -21.07 -10.66
O MSE A 33 -34.28 -22.30 -10.55
CB MSE A 33 -32.81 -20.09 -12.44
CG MSE A 33 -32.66 -19.74 -13.92
SE MSE A 33 -30.83 -19.27 -14.33
CE MSE A 33 -30.97 -17.37 -14.22
N ASP A 34 -34.32 -20.24 -9.63
CA ASP A 34 -34.43 -20.70 -8.26
C ASP A 34 -35.73 -21.50 -8.08
N ASP A 35 -36.84 -20.94 -8.56
CA ASP A 35 -38.13 -21.61 -8.49
C ASP A 35 -38.13 -22.86 -9.37
N ALA A 36 -37.29 -22.92 -10.40
CA ALA A 36 -37.25 -24.10 -11.27
C ALA A 36 -36.29 -25.18 -10.80
N GLY A 37 -35.71 -25.08 -9.63
CA GLY A 37 -34.82 -26.07 -9.07
C GLY A 37 -33.35 -25.90 -9.29
N VAL A 38 -32.92 -24.78 -9.90
CA VAL A 38 -31.46 -24.62 -10.06
C VAL A 38 -30.88 -24.47 -8.66
N GLU A 39 -29.82 -25.20 -8.34
CA GLU A 39 -29.25 -25.13 -6.98
C GLU A 39 -28.15 -24.11 -6.80
N MSE A 40 -27.39 -23.86 -7.86
CA MSE A 40 -26.30 -22.89 -7.80
C MSE A 40 -26.48 -21.84 -8.91
O MSE A 40 -26.61 -22.19 -10.08
CB MSE A 40 -24.93 -23.55 -7.91
CG MSE A 40 -24.67 -24.72 -6.93
SE MSE A 40 -22.95 -25.52 -7.20
CE MSE A 40 -21.83 -24.27 -6.25
N LEU A 41 -26.53 -20.56 -8.53
CA LEU A 41 -26.67 -19.51 -9.54
C LEU A 41 -25.28 -18.90 -9.76
N LEU A 42 -24.78 -19.02 -10.99
CA LEU A 42 -23.44 -18.47 -11.23
C LEU A 42 -23.48 -17.08 -11.85
N VAL A 43 -23.12 -16.06 -11.07
CA VAL A 43 -23.04 -14.71 -11.65
C VAL A 43 -21.64 -14.67 -12.28
N GLY A 44 -21.52 -15.13 -13.51
CA GLY A 44 -20.21 -15.26 -14.12
C GLY A 44 -19.74 -14.07 -14.93
N ASP A 45 -18.42 -13.99 -15.15
CA ASP A 45 -17.86 -12.90 -15.95
C ASP A 45 -18.20 -13.16 -17.42
N SER A 46 -18.81 -14.32 -17.71
CA SER A 46 -19.40 -14.60 -19.00
C SER A 46 -20.40 -13.48 -19.35
N LEU A 47 -20.88 -12.67 -18.40
CA LEU A 47 -21.75 -11.54 -18.66
C LEU A 47 -21.07 -10.50 -19.54
N GLY A 48 -19.76 -10.49 -19.65
CA GLY A 48 -19.03 -9.53 -20.52
C GLY A 48 -19.42 -9.77 -21.99
N MSE A 49 -19.73 -11.02 -22.31
CA MSE A 49 -20.18 -11.39 -23.66
C MSE A 49 -21.69 -11.47 -23.77
O MSE A 49 -22.30 -10.78 -24.60
CB MSE A 49 -19.50 -12.74 -24.02
CG MSE A 49 -18.00 -12.65 -23.63
SE MSE A 49 -16.90 -14.02 -24.23
CE MSE A 49 -17.08 -14.07 -26.10
N ALA A 50 -22.37 -12.20 -22.86
CA ALA A 50 -23.82 -12.33 -22.95
C ALA A 50 -24.60 -11.08 -22.60
N VAL A 51 -24.14 -10.30 -21.62
CA VAL A 51 -24.84 -9.08 -21.24
C VAL A 51 -24.22 -7.83 -21.84
N GLN A 52 -22.90 -7.68 -21.77
CA GLN A 52 -22.23 -6.50 -22.28
C GLN A 52 -21.96 -6.53 -23.77
N GLY A 53 -21.87 -7.70 -24.40
CA GLY A 53 -21.65 -7.81 -25.83
C GLY A 53 -20.21 -7.67 -26.28
N ARG A 54 -19.26 -7.85 -25.37
CA ARG A 54 -17.84 -7.73 -25.71
C ARG A 54 -17.36 -9.01 -26.39
N LYS A 55 -16.09 -9.01 -26.81
CA LYS A 55 -15.51 -10.16 -27.46
C LYS A 55 -14.81 -11.09 -26.48
N SER A 56 -14.66 -10.64 -25.24
CA SER A 56 -14.03 -11.44 -24.20
C SER A 56 -14.52 -10.95 -22.85
N THR A 57 -14.16 -11.70 -21.80
CA THR A 57 -14.56 -11.35 -20.46
C THR A 57 -13.54 -10.53 -19.72
N LEU A 58 -12.43 -10.16 -20.35
CA LEU A 58 -11.38 -9.43 -19.67
C LEU A 58 -11.73 -8.03 -19.24
N PRO A 59 -12.53 -7.29 -20.02
CA PRO A 59 -12.89 -5.93 -19.67
C PRO A 59 -13.89 -5.85 -18.53
N VAL A 60 -14.45 -6.96 -18.03
CA VAL A 60 -15.40 -6.90 -16.92
C VAL A 60 -14.71 -6.47 -15.63
N SER A 61 -15.31 -5.46 -14.98
CA SER A 61 -14.75 -4.93 -13.76
C SER A 61 -15.38 -5.57 -12.52
N LEU A 62 -14.77 -5.26 -11.40
CA LEU A 62 -15.29 -5.70 -10.10
C LEU A 62 -16.60 -5.00 -9.83
N ARG A 63 -16.69 -3.71 -10.23
CA ARG A 63 -17.95 -3.02 -10.08
C ARG A 63 -19.08 -3.75 -10.81
N ASP A 64 -18.87 -4.22 -12.03
CA ASP A 64 -19.86 -4.92 -12.81
C ASP A 64 -20.28 -6.20 -12.07
N MSE A 65 -19.30 -6.96 -11.56
CA MSE A 65 -19.63 -8.20 -10.85
C MSE A 65 -20.46 -7.98 -9.59
O MSE A 65 -21.41 -8.74 -9.31
CB MSE A 65 -18.37 -8.99 -10.52
CG MSE A 65 -17.55 -9.42 -11.71
SE MSE A 65 -18.60 -10.32 -13.05
CE MSE A 65 -19.44 -11.64 -11.93
N CYS A 66 -20.17 -6.91 -8.84
CA CYS A 66 -20.91 -6.58 -7.63
C CYS A 66 -22.34 -6.14 -8.01
N TYR A 67 -22.46 -5.38 -9.08
CA TYR A 67 -23.77 -4.92 -9.53
C TYR A 67 -24.65 -6.12 -9.88
N HIS A 68 -24.13 -6.99 -10.78
CA HIS A 68 -24.90 -8.16 -11.17
C HIS A 68 -25.19 -9.07 -9.99
N THR A 69 -24.24 -9.22 -9.07
CA THR A 69 -24.46 -10.07 -7.89
C THR A 69 -25.62 -9.48 -7.09
N GLU A 70 -25.64 -8.15 -6.92
CA GLU A 70 -26.73 -7.53 -6.17
C GLU A 70 -28.10 -7.78 -6.83
N CYS A 71 -28.15 -7.69 -8.15
CA CYS A 71 -29.39 -7.92 -8.90
C CYS A 71 -29.86 -9.36 -8.68
N VAL A 72 -28.95 -10.31 -8.85
CA VAL A 72 -29.28 -11.73 -8.66
C VAL A 72 -29.74 -12.03 -7.24
N ALA A 73 -29.13 -11.38 -6.26
CA ALA A 73 -29.44 -11.56 -4.86
C ALA A 73 -30.83 -11.12 -4.51
N ARG A 74 -31.38 -10.12 -5.20
CA ARG A 74 -32.73 -9.66 -4.95
C ARG A 74 -33.74 -10.67 -5.48
N GLY A 75 -33.36 -11.49 -6.46
CA GLY A 75 -34.27 -12.47 -7.00
C GLY A 75 -34.12 -13.87 -6.43
N ALA A 76 -32.95 -14.28 -5.99
CA ALA A 76 -32.67 -15.59 -5.45
C ALA A 76 -33.35 -15.85 -4.11
N LYS A 77 -33.63 -17.14 -3.84
CA LYS A 77 -34.25 -17.51 -2.58
C LYS A 77 -33.54 -18.67 -1.90
N ASN A 78 -33.64 -19.87 -2.46
CA ASN A 78 -33.03 -21.06 -1.88
C ASN A 78 -31.65 -21.37 -2.46
N ALA A 79 -31.46 -20.97 -3.72
CA ALA A 79 -30.20 -21.28 -4.40
C ALA A 79 -29.02 -20.46 -3.90
N MSE A 80 -27.86 -21.12 -3.98
CA MSE A 80 -26.60 -20.51 -3.61
C MSE A 80 -26.11 -19.61 -4.75
O MSE A 80 -26.02 -20.04 -5.91
CB MSE A 80 -25.58 -21.61 -3.44
CG MSE A 80 -24.19 -21.04 -3.04
SE MSE A 80 -22.97 -22.48 -3.03
CE MSE A 80 -23.57 -23.39 -1.47
N ILE A 81 -25.65 -18.42 -4.41
CA ILE A 81 -25.15 -17.49 -5.41
C ILE A 81 -23.62 -17.59 -5.45
N VAL A 82 -23.08 -17.88 -6.63
CA VAL A 82 -21.64 -17.96 -6.82
C VAL A 82 -21.22 -16.79 -7.72
N SER A 83 -20.25 -15.97 -7.31
CA SER A 83 -19.84 -14.84 -8.12
C SER A 83 -18.39 -14.93 -8.56
N ASP A 84 -18.14 -14.72 -9.85
CA ASP A 84 -16.81 -14.73 -10.38
C ASP A 84 -15.99 -13.49 -9.97
N LEU A 85 -14.72 -13.75 -9.69
CA LEU A 85 -13.75 -12.68 -9.43
C LEU A 85 -13.32 -12.31 -10.85
N PRO A 86 -13.51 -11.08 -11.31
CA PRO A 86 -13.18 -10.68 -12.65
C PRO A 86 -11.70 -10.46 -12.91
N PHE A 87 -11.29 -10.63 -14.17
CA PHE A 87 -9.93 -10.46 -14.57
C PHE A 87 -9.27 -9.19 -14.03
N GLY A 88 -8.13 -9.34 -13.38
CA GLY A 88 -7.39 -8.20 -12.86
C GLY A 88 -7.70 -7.82 -11.44
N ALA A 89 -8.82 -8.31 -10.90
CA ALA A 89 -9.22 -7.96 -9.54
C ALA A 89 -8.75 -8.91 -8.46
N TYR A 90 -8.10 -10.02 -8.77
CA TYR A 90 -7.69 -10.95 -7.73
C TYR A 90 -6.36 -11.65 -7.91
N GLN A 91 -5.76 -11.62 -9.08
CA GLN A 91 -4.50 -12.30 -9.33
C GLN A 91 -3.25 -11.60 -8.85
N GLN A 92 -3.37 -10.36 -8.43
CA GLN A 92 -2.21 -9.60 -7.97
C GLN A 92 -1.62 -10.21 -6.70
N SER A 93 -2.49 -10.69 -5.82
CA SER A 93 -2.03 -11.28 -4.55
C SER A 93 -3.23 -11.84 -3.82
N LYS A 94 -3.01 -12.66 -2.83
CA LYS A 94 -4.08 -13.27 -2.04
C LYS A 94 -4.84 -12.21 -1.26
N GLU A 95 -4.11 -11.18 -0.81
CA GLU A 95 -4.70 -10.07 -0.09
C GLU A 95 -5.67 -9.30 -1.01
N GLN A 96 -5.27 -9.06 -2.26
CA GLN A 96 -6.15 -8.37 -3.21
C GLN A 96 -7.36 -9.23 -3.54
N ALA A 97 -7.16 -10.54 -3.69
CA ALA A 97 -8.25 -11.47 -3.98
C ALA A 97 -9.23 -11.48 -2.81
N PHE A 98 -8.75 -11.44 -1.59
CA PHE A 98 -9.62 -11.42 -0.41
C PHE A 98 -10.47 -10.14 -0.41
N ALA A 99 -9.86 -8.99 -0.69
CA ALA A 99 -10.62 -7.72 -0.74
C ALA A 99 -11.71 -7.77 -1.80
N ALA A 100 -11.38 -8.22 -3.01
CA ALA A 100 -12.36 -8.34 -4.09
C ALA A 100 -13.45 -9.34 -3.72
N ALA A 101 -13.10 -10.52 -3.21
CA ALA A 101 -14.09 -11.52 -2.79
C ALA A 101 -14.97 -11.00 -1.68
N ALA A 102 -14.39 -10.22 -0.74
CA ALA A 102 -15.18 -9.64 0.34
C ALA A 102 -16.26 -8.70 -0.22
N GLU A 103 -15.95 -7.94 -1.28
CA GLU A 103 -16.97 -7.06 -1.86
C GLU A 103 -18.08 -7.89 -2.50
N LEU A 104 -17.73 -9.00 -3.18
CA LEU A 104 -18.75 -9.85 -3.77
C LEU A 104 -19.62 -10.47 -2.70
N MSE A 105 -19.01 -10.89 -1.58
CA MSE A 105 -19.82 -11.48 -0.50
C MSE A 105 -20.74 -10.40 0.06
O MSE A 105 -21.91 -10.61 0.38
CB MSE A 105 -18.97 -12.07 0.61
CG MSE A 105 -18.00 -13.15 0.22
SE MSE A 105 -18.80 -14.73 -0.46
CE MSE A 105 -19.74 -15.35 1.09
N ALA A 106 -20.20 -9.17 0.14
CA ALA A 106 -21.00 -8.04 0.63
C ALA A 106 -22.17 -7.74 -0.31
N ALA A 107 -22.01 -7.99 -1.60
CA ALA A 107 -23.05 -7.76 -2.58
C ALA A 107 -24.12 -8.83 -2.61
N GLY A 108 -23.93 -9.96 -1.95
CA GLY A 108 -24.90 -11.03 -1.89
C GLY A 108 -24.41 -12.40 -2.26
N ALA A 109 -23.14 -12.54 -2.67
CA ALA A 109 -22.61 -13.85 -3.02
C ALA A 109 -22.44 -14.77 -1.80
N HIS A 110 -22.61 -16.09 -2.02
CA HIS A 110 -22.43 -17.06 -0.94
C HIS A 110 -21.10 -17.82 -1.14
N MSE A 111 -20.48 -17.59 -2.29
CA MSE A 111 -19.24 -18.22 -2.71
C MSE A 111 -18.65 -17.42 -3.86
O MSE A 111 -19.39 -16.73 -4.56
CB MSE A 111 -19.51 -19.67 -3.17
CG MSE A 111 -18.45 -20.44 -3.88
SE MSE A 111 -18.98 -22.29 -4.35
CE MSE A 111 -19.70 -22.78 -2.68
N VAL A 112 -17.33 -17.49 -4.03
CA VAL A 112 -16.71 -16.80 -5.16
C VAL A 112 -16.02 -17.83 -6.06
N LYS A 113 -15.87 -17.50 -7.33
CA LYS A 113 -15.17 -18.42 -8.24
C LYS A 113 -13.93 -17.69 -8.76
N LEU A 114 -12.84 -18.39 -8.87
CA LEU A 114 -11.58 -17.80 -9.36
C LEU A 114 -10.87 -18.72 -10.32
N GLU A 115 -10.20 -18.19 -11.33
CA GLU A 115 -9.52 -19.01 -12.33
C GLU A 115 -8.03 -19.18 -12.04
N GLY A 116 -7.52 -20.38 -12.20
CA GLY A 116 -6.09 -20.61 -11.99
C GLY A 116 -5.80 -22.02 -11.52
N GLY A 117 -4.56 -22.44 -11.74
CA GLY A 117 -4.12 -23.77 -11.32
C GLY A 117 -3.41 -23.70 -9.97
N VAL A 118 -2.33 -24.46 -9.85
CA VAL A 118 -1.56 -24.52 -8.61
C VAL A 118 -1.14 -23.15 -8.09
N TRP A 119 -0.78 -22.21 -8.95
CA TRP A 119 -0.37 -20.87 -8.50
C TRP A 119 -1.46 -20.11 -7.77
N MSE A 120 -2.73 -20.49 -7.87
CA MSE A 120 -3.82 -19.82 -7.17
C MSE A 120 -4.25 -20.56 -5.92
O MSE A 120 -5.07 -20.05 -5.17
CB MSE A 120 -5.04 -19.64 -8.07
CG MSE A 120 -4.88 -18.56 -9.10
SE MSE A 120 -4.82 -16.80 -8.26
CE MSE A 120 -3.31 -16.14 -9.21
N ALA A 121 -3.75 -21.79 -5.72
CA ALA A 121 -4.17 -22.54 -4.53
C ALA A 121 -3.91 -21.80 -3.22
N GLU A 122 -2.80 -21.09 -3.13
CA GLU A 122 -2.51 -20.32 -1.90
C GLU A 122 -3.60 -19.27 -1.69
N THR A 123 -4.13 -18.74 -2.78
CA THR A 123 -5.22 -17.74 -2.68
C THR A 123 -6.49 -18.43 -2.21
N THR A 124 -6.76 -19.62 -2.75
CA THR A 124 -7.93 -20.40 -2.30
C THR A 124 -7.89 -20.60 -0.79
N GLU A 125 -6.74 -21.05 -0.27
CA GLU A 125 -6.56 -21.29 1.15
C GLU A 125 -6.76 -20.02 1.98
N PHE A 126 -6.18 -18.92 1.52
CA PHE A 126 -6.33 -17.64 2.25
C PHE A 126 -7.79 -17.23 2.37
N LEU A 127 -8.59 -17.39 1.33
CA LEU A 127 -10.00 -17.01 1.32
C LEU A 127 -10.87 -17.95 2.13
N GLN A 128 -10.68 -19.26 1.92
CA GLN A 128 -11.50 -20.25 2.63
C GLN A 128 -11.30 -20.15 4.13
N MSE A 129 -10.06 -19.99 4.57
CA MSE A 129 -9.78 -19.85 6.01
C MSE A 129 -10.46 -18.64 6.60
O MSE A 129 -10.75 -18.56 7.80
CB MSE A 129 -8.23 -19.76 6.15
CG MSE A 129 -7.56 -21.09 5.84
CG MSE A 129 -7.94 -19.43 7.33
CG MSE A 129 -7.60 -21.14 5.92
SE MSE A 129 -5.75 -21.21 6.45
SE MSE A 129 -6.11 -19.84 7.98
SE MSE A 129 -8.09 -22.24 7.41
CE MSE A 129 -5.04 -19.59 5.72
CE MSE A 129 -5.31 -18.98 7.44
CE MSE A 129 -7.13 -21.37 8.80
N ARG A 130 -10.76 -17.61 5.80
CA ARG A 130 -11.43 -16.42 6.25
C ARG A 130 -12.94 -16.41 6.02
N GLY A 131 -13.56 -17.57 5.86
CA GLY A 131 -15.00 -17.65 5.71
C GLY A 131 -15.55 -17.44 4.33
N ILE A 132 -14.68 -17.34 3.32
CA ILE A 132 -15.12 -17.15 1.95
C ILE A 132 -15.04 -18.43 1.16
N PRO A 133 -16.14 -19.11 0.92
CA PRO A 133 -16.14 -20.36 0.14
C PRO A 133 -15.62 -20.08 -1.25
N VAL A 134 -14.79 -20.97 -1.79
CA VAL A 134 -14.21 -20.81 -3.08
C VAL A 134 -14.49 -21.97 -4.04
N CYS A 135 -14.85 -21.56 -5.26
CA CYS A 135 -15.04 -22.51 -6.35
C CYS A 135 -13.82 -22.31 -7.25
N ALA A 136 -12.91 -23.27 -7.30
CA ALA A 136 -11.71 -23.14 -8.14
C ALA A 136 -12.04 -23.62 -9.55
N HIS A 137 -11.89 -22.74 -10.51
CA HIS A 137 -12.15 -22.97 -11.92
C HIS A 137 -10.86 -23.32 -12.66
N ILE A 138 -10.75 -24.55 -13.15
CA ILE A 138 -9.54 -25.01 -13.84
C ILE A 138 -9.87 -25.49 -15.24
N GLY A 139 -8.83 -25.88 -15.96
CA GLY A 139 -8.97 -26.34 -17.35
C GLY A 139 -8.98 -25.14 -18.28
N LEU A 140 -10.06 -24.98 -19.07
CA LEU A 140 -10.10 -23.81 -19.94
C LEU A 140 -10.58 -22.59 -19.15
N THR A 141 -9.68 -21.70 -18.80
CA THR A 141 -9.98 -20.49 -18.04
C THR A 141 -10.02 -19.32 -19.02
N PRO A 142 -11.24 -18.89 -19.37
CA PRO A 142 -11.48 -17.83 -20.32
C PRO A 142 -10.80 -16.52 -20.13
N GLN A 143 -10.45 -16.15 -18.88
CA GLN A 143 -9.69 -14.93 -18.66
C GLN A 143 -8.29 -15.03 -19.26
N SER A 144 -7.81 -16.22 -19.53
CA SER A 144 -6.52 -16.45 -20.15
C SER A 144 -6.62 -16.80 -21.64
N VAL A 145 -7.74 -16.48 -22.26
CA VAL A 145 -7.93 -16.75 -23.68
C VAL A 145 -6.79 -16.25 -24.58
N PHE A 146 -6.22 -15.07 -24.31
CA PHE A 146 -5.12 -14.57 -25.15
C PHE A 146 -3.84 -15.34 -24.88
N ALA A 147 -3.67 -15.91 -23.69
CA ALA A 147 -2.44 -16.67 -23.45
C ALA A 147 -2.64 -18.10 -23.99
N LYS A 159 -0.51 -31.91 -20.83
CA LYS A 159 -1.31 -30.97 -20.05
C LYS A 159 -2.34 -31.69 -19.20
N ALA A 160 -2.33 -33.02 -19.22
CA ALA A 160 -3.29 -33.79 -18.41
C ALA A 160 -2.92 -33.82 -16.93
N GLN A 161 -1.63 -34.05 -16.64
CA GLN A 161 -1.17 -34.12 -15.27
C GLN A 161 -1.26 -32.76 -14.57
N ALA A 162 -1.01 -31.67 -15.28
CA ALA A 162 -1.09 -30.34 -14.70
C ALA A 162 -2.50 -30.07 -14.18
N LEU A 163 -3.50 -30.44 -14.98
CA LEU A 163 -4.89 -30.25 -14.60
C LEU A 163 -5.18 -31.01 -13.32
N LEU A 164 -4.66 -32.25 -13.26
CA LEU A 164 -4.86 -33.07 -12.07
C LEU A 164 -4.14 -32.41 -10.89
N ASN A 165 -2.93 -31.89 -11.13
CA ASN A 165 -2.20 -31.20 -10.08
C ASN A 165 -2.98 -29.98 -9.57
N ASP A 166 -3.54 -29.22 -10.50
CA ASP A 166 -4.35 -28.05 -10.20
C ASP A 166 -5.52 -28.39 -9.27
N ALA A 167 -6.26 -29.42 -9.64
CA ALA A 167 -7.40 -29.91 -8.87
C ALA A 167 -6.97 -30.35 -7.48
N LYS A 168 -5.90 -31.13 -7.40
CA LYS A 168 -5.45 -31.57 -6.07
C LYS A 168 -5.03 -30.40 -5.18
N ALA A 169 -4.27 -29.45 -5.72
CA ALA A 169 -3.79 -28.30 -4.96
C ALA A 169 -4.94 -27.47 -4.39
N HIS A 170 -5.97 -27.23 -5.21
CA HIS A 170 -7.13 -26.48 -4.74
C HIS A 170 -7.91 -27.27 -3.69
N ASP A 171 -8.07 -28.58 -3.94
CA ASP A 171 -8.78 -29.43 -2.98
C ASP A 171 -8.06 -29.39 -1.63
N ASP A 172 -6.74 -29.55 -1.64
CA ASP A 172 -5.92 -29.52 -0.45
C ASP A 172 -5.96 -28.14 0.21
N ALA A 173 -6.04 -27.09 -0.57
CA ALA A 173 -6.12 -25.73 -0.04
C ALA A 173 -7.47 -25.49 0.59
N GLY A 174 -8.45 -26.40 0.42
CA GLY A 174 -9.74 -26.23 1.04
C GLY A 174 -10.86 -25.73 0.12
N ALA A 175 -10.69 -25.83 -1.19
CA ALA A 175 -11.72 -25.38 -2.13
C ALA A 175 -13.05 -26.04 -1.82
N ALA A 176 -14.13 -25.27 -1.85
CA ALA A 176 -15.44 -25.84 -1.57
C ALA A 176 -15.92 -26.66 -2.76
N VAL A 177 -15.58 -26.22 -3.97
CA VAL A 177 -15.96 -26.81 -5.23
C VAL A 177 -14.84 -26.61 -6.27
N VAL A 178 -14.67 -27.56 -7.15
CA VAL A 178 -13.71 -27.47 -8.24
C VAL A 178 -14.52 -27.51 -9.55
N LEU A 179 -14.40 -26.45 -10.35
CA LEU A 179 -15.15 -26.42 -11.62
C LEU A 179 -14.20 -26.66 -12.77
N MSE A 180 -14.59 -27.52 -13.72
CA MSE A 180 -13.76 -27.81 -14.89
C MSE A 180 -14.49 -27.43 -16.16
O MSE A 180 -15.68 -27.72 -16.27
CB MSE A 180 -13.39 -29.30 -14.93
CG MSE A 180 -12.26 -29.74 -14.02
SE MSE A 180 -12.09 -31.66 -13.90
CE MSE A 180 -13.61 -32.12 -12.89
N GLU A 181 -13.81 -26.75 -17.07
CA GLU A 181 -14.36 -26.30 -18.33
C GLU A 181 -13.59 -26.88 -19.52
N CYS A 182 -14.30 -27.50 -20.45
CA CYS A 182 -13.65 -28.08 -21.63
C CYS A 182 -12.50 -28.99 -21.31
N VAL A 183 -12.77 -30.08 -20.62
CA VAL A 183 -11.77 -31.06 -20.22
C VAL A 183 -12.15 -32.47 -20.71
N LEU A 184 -11.16 -33.22 -21.16
CA LEU A 184 -11.39 -34.61 -21.59
C LEU A 184 -12.21 -35.32 -20.53
N ALA A 185 -13.33 -35.90 -20.92
CA ALA A 185 -14.23 -36.61 -20.05
C ALA A 185 -13.57 -37.57 -19.07
N GLU A 186 -12.68 -38.45 -19.55
CA GLU A 186 -12.04 -39.42 -18.68
C GLU A 186 -11.17 -38.73 -17.64
N LEU A 187 -10.54 -37.64 -18.03
CA LEU A 187 -9.74 -36.86 -17.10
C LEU A 187 -10.64 -36.29 -16.01
N ALA A 188 -11.78 -35.71 -16.42
CA ALA A 188 -12.72 -35.14 -15.44
C ALA A 188 -13.16 -36.17 -14.43
N LYS A 189 -13.54 -37.34 -14.92
CA LYS A 189 -13.97 -38.44 -14.06
C LYS A 189 -12.90 -38.77 -13.03
N LYS A 190 -11.64 -38.86 -13.44
CA LYS A 190 -10.55 -39.13 -12.50
C LYS A 190 -10.42 -38.02 -11.45
N VAL A 191 -10.45 -36.75 -11.88
CA VAL A 191 -10.42 -35.64 -10.93
C VAL A 191 -11.56 -35.73 -9.93
N THR A 192 -12.77 -35.95 -10.40
CA THR A 192 -13.96 -36.03 -9.57
C THR A 192 -13.86 -37.14 -8.54
N GLU A 193 -13.30 -38.28 -8.94
CA GLU A 193 -13.12 -39.39 -8.01
C GLU A 193 -11.93 -39.13 -7.08
N THR A 194 -11.00 -38.27 -7.47
CA THR A 194 -9.84 -37.99 -6.64
C THR A 194 -10.04 -36.91 -5.60
N VAL A 195 -10.66 -35.77 -5.92
CA VAL A 195 -10.82 -34.72 -4.94
C VAL A 195 -11.96 -34.92 -3.97
N SER A 196 -11.83 -34.36 -2.76
CA SER A 196 -12.85 -34.53 -1.74
C SER A 196 -14.06 -33.63 -1.95
N CYS A 197 -13.87 -32.47 -2.57
CA CYS A 197 -14.95 -31.53 -2.80
C CYS A 197 -15.75 -31.89 -4.04
N PRO A 198 -16.99 -31.42 -4.10
CA PRO A 198 -17.85 -31.63 -5.25
C PRO A 198 -17.27 -30.93 -6.48
N THR A 199 -17.39 -31.55 -7.64
CA THR A 199 -16.92 -30.96 -8.89
C THR A 199 -18.12 -30.58 -9.78
N ILE A 200 -17.93 -29.51 -10.53
CA ILE A 200 -18.95 -29.02 -11.46
C ILE A 200 -18.29 -28.99 -12.84
N GLY A 201 -19.02 -29.43 -13.89
CA GLY A 201 -18.36 -29.39 -15.20
C GLY A 201 -19.20 -28.68 -16.25
N ILE A 202 -18.53 -28.19 -17.28
CA ILE A 202 -19.10 -27.59 -18.46
C ILE A 202 -18.18 -28.03 -19.62
N GLY A 203 -18.69 -28.92 -20.48
CA GLY A 203 -17.81 -29.44 -21.56
C GLY A 203 -16.75 -30.37 -20.91
N ALA A 204 -17.10 -30.95 -19.77
CA ALA A 204 -16.19 -31.84 -19.06
C ALA A 204 -16.75 -33.24 -18.91
N GLY A 205 -17.94 -33.50 -19.50
CA GLY A 205 -18.51 -34.85 -19.40
C GLY A 205 -19.52 -34.96 -18.28
N ALA A 206 -20.07 -36.16 -18.12
CA ALA A 206 -21.09 -36.49 -17.17
C ALA A 206 -20.61 -37.02 -15.84
N ASP A 207 -19.33 -37.33 -15.72
CA ASP A 207 -18.83 -37.87 -14.45
C ASP A 207 -18.45 -36.80 -13.45
N CYS A 208 -18.97 -35.58 -13.57
CA CYS A 208 -18.67 -34.53 -12.58
C CYS A 208 -19.78 -34.63 -11.55
N ASP A 209 -19.68 -33.95 -10.42
CA ASP A 209 -20.76 -34.00 -9.43
C ASP A 209 -21.92 -33.10 -9.81
N GLY A 210 -21.77 -32.28 -10.83
CA GLY A 210 -22.78 -31.37 -11.30
C GLY A 210 -22.41 -30.76 -12.64
N GLN A 211 -23.31 -29.94 -13.17
CA GLN A 211 -23.13 -29.31 -14.47
C GLN A 211 -23.50 -27.82 -14.43
N VAL A 212 -22.95 -27.08 -15.37
CA VAL A 212 -23.27 -25.67 -15.53
C VAL A 212 -23.33 -25.37 -17.04
N LEU A 213 -24.10 -24.38 -17.42
CA LEU A 213 -24.26 -23.89 -18.75
C LEU A 213 -24.56 -22.37 -18.66
N VAL A 214 -24.19 -21.59 -19.63
CA VAL A 214 -24.54 -20.16 -19.65
C VAL A 214 -26.02 -20.10 -20.03
N MSE A 215 -26.85 -19.44 -19.26
CA MSE A 215 -28.29 -19.39 -19.51
C MSE A 215 -28.68 -19.14 -20.96
O MSE A 215 -29.51 -19.88 -21.51
CB MSE A 215 -28.94 -18.31 -18.63
CG MSE A 215 -30.46 -18.44 -18.52
SE MSE A 215 -31.30 -16.82 -17.89
CE MSE A 215 -31.05 -15.67 -19.36
N HIS A 216 -28.20 -18.06 -21.55
CA HIS A 216 -28.49 -17.66 -22.91
C HIS A 216 -28.16 -18.75 -23.92
N ASP A 217 -27.07 -19.50 -23.70
CA ASP A 217 -26.71 -20.57 -24.61
C ASP A 217 -27.80 -21.65 -24.61
N MSE A 218 -28.14 -22.13 -23.42
CA MSE A 218 -29.13 -23.19 -23.28
C MSE A 218 -30.54 -22.70 -23.63
O MSE A 218 -31.42 -23.53 -23.82
CB MSE A 218 -29.08 -23.85 -21.93
CG MSE A 218 -29.14 -22.95 -20.71
SE MSE A 218 -30.92 -22.54 -20.16
CE MSE A 218 -31.42 -24.21 -19.36
N LEU A 219 -30.78 -21.38 -23.69
CA LEU A 219 -32.10 -20.88 -24.04
C LEU A 219 -32.18 -20.57 -25.53
N GLY A 220 -31.11 -20.77 -26.27
CA GLY A 220 -31.02 -20.53 -27.69
C GLY A 220 -31.07 -19.05 -28.03
N ILE A 221 -30.57 -18.19 -27.15
CA ILE A 221 -30.64 -16.75 -27.43
C ILE A 221 -29.75 -16.34 -28.58
N PHE A 222 -28.64 -17.03 -28.80
CA PHE A 222 -27.74 -16.69 -29.89
C PHE A 222 -28.12 -17.46 -31.13
N PRO A 223 -27.98 -16.84 -32.30
CA PRO A 223 -28.30 -17.50 -33.56
C PRO A 223 -27.20 -18.50 -33.89
N GLY A 224 -27.43 -19.36 -34.87
CA GLY A 224 -26.40 -20.32 -35.27
C GLY A 224 -26.44 -21.56 -34.38
N LYS A 225 -25.50 -22.47 -34.61
CA LYS A 225 -25.41 -23.70 -33.88
C LYS A 225 -24.84 -23.56 -32.48
N THR A 226 -25.46 -24.29 -31.55
CA THR A 226 -25.03 -24.29 -30.15
C THR A 226 -23.62 -24.86 -30.05
N ALA A 227 -22.86 -24.45 -29.04
CA ALA A 227 -21.51 -25.02 -28.91
C ALA A 227 -21.65 -26.53 -28.76
N LYS A 228 -20.60 -27.29 -28.98
CA LYS A 228 -20.71 -28.75 -28.89
C LYS A 228 -21.17 -29.27 -27.54
N PHE A 229 -20.69 -28.66 -26.46
CA PHE A 229 -21.04 -29.14 -25.11
C PHE A 229 -22.31 -28.53 -24.57
N VAL A 230 -22.98 -27.71 -25.36
CA VAL A 230 -24.20 -27.05 -24.99
C VAL A 230 -25.45 -27.68 -25.61
N LYS A 231 -26.53 -27.77 -24.85
CA LYS A 231 -27.80 -28.23 -25.40
C LYS A 231 -28.85 -27.10 -25.26
N ASN A 232 -29.63 -26.96 -26.30
CA ASN A 232 -30.71 -25.99 -26.34
C ASN A 232 -31.91 -26.57 -25.60
N PHE A 233 -32.19 -26.11 -24.38
CA PHE A 233 -33.30 -26.62 -23.61
C PHE A 233 -34.61 -25.90 -23.90
N MSE A 234 -34.56 -24.77 -24.60
CA MSE A 234 -35.76 -24.02 -24.94
C MSE A 234 -36.57 -24.87 -25.96
O MSE A 234 -37.78 -25.03 -25.83
CB MSE A 234 -35.41 -22.66 -25.52
CG MSE A 234 -36.49 -21.81 -26.13
SE MSE A 234 -37.57 -20.83 -24.88
CE MSE A 234 -38.91 -22.14 -24.52
N GLN A 235 -35.89 -25.37 -26.97
CA GLN A 235 -36.52 -26.18 -28.00
C GLN A 235 -37.37 -27.31 -27.46
N GLY A 236 -38.67 -27.32 -27.80
CA GLY A 236 -39.53 -28.38 -27.33
C GLY A 236 -40.26 -28.05 -26.06
N HIS A 237 -40.09 -26.83 -25.54
CA HIS A 237 -40.75 -26.34 -24.34
C HIS A 237 -41.48 -25.04 -24.65
N ASP A 238 -42.53 -24.74 -23.90
CA ASP A 238 -43.34 -23.55 -24.11
C ASP A 238 -43.00 -22.33 -23.29
N SER A 239 -42.08 -22.49 -22.33
CA SER A 239 -41.74 -21.34 -21.49
C SER A 239 -40.27 -21.44 -21.06
N VAL A 240 -39.73 -20.33 -20.58
CA VAL A 240 -38.36 -20.32 -20.05
C VAL A 240 -38.36 -21.22 -18.82
N GLN A 241 -39.45 -21.19 -18.05
CA GLN A 241 -39.58 -22.01 -16.85
C GLN A 241 -39.46 -23.51 -17.18
N ALA A 242 -40.14 -23.98 -18.22
CA ALA A 242 -40.08 -25.39 -18.59
C ALA A 242 -38.70 -25.75 -19.13
N ALA A 243 -38.07 -24.84 -19.87
CA ALA A 243 -36.73 -25.10 -20.41
C ALA A 243 -35.75 -25.34 -19.26
N VAL A 244 -35.82 -24.48 -18.23
CA VAL A 244 -34.92 -24.64 -17.09
C VAL A 244 -35.20 -25.89 -16.29
N ARG A 245 -36.47 -26.22 -16.05
CA ARG A 245 -36.85 -27.42 -15.32
C ARG A 245 -36.36 -28.67 -16.05
N ALA A 246 -36.40 -28.64 -17.39
CA ALA A 246 -35.91 -29.76 -18.18
C ALA A 246 -34.39 -29.89 -18.02
N TYR A 247 -33.72 -28.72 -17.94
CA TYR A 247 -32.25 -28.79 -17.77
C TYR A 247 -31.94 -29.47 -16.44
N VAL A 248 -32.58 -28.99 -15.36
CA VAL A 248 -32.38 -29.57 -14.03
C VAL A 248 -32.71 -31.06 -14.02
N ALA A 249 -33.81 -31.46 -14.66
CA ALA A 249 -34.21 -32.87 -14.68
C ALA A 249 -33.23 -33.74 -15.43
N GLU A 250 -32.63 -33.25 -16.51
CA GLU A 250 -31.68 -34.04 -17.27
C GLU A 250 -30.34 -34.19 -16.55
N VAL A 251 -29.86 -33.10 -15.95
CA VAL A 251 -28.60 -33.18 -15.18
C VAL A 251 -28.77 -34.25 -14.10
N LYS A 252 -29.91 -34.26 -13.40
CA LYS A 252 -30.21 -35.21 -12.37
C LYS A 252 -30.51 -36.63 -12.88
N ALA A 253 -31.01 -36.77 -14.10
CA ALA A 253 -31.28 -38.09 -14.64
C ALA A 253 -29.98 -38.61 -15.26
N LYS A 254 -29.00 -37.71 -15.37
CA LYS A 254 -27.70 -37.99 -15.92
C LYS A 254 -27.77 -38.20 -17.44
N THR A 255 -28.79 -37.59 -18.06
CA THR A 255 -28.96 -37.68 -19.49
C THR A 255 -28.26 -36.51 -20.16
N PHE A 256 -27.97 -35.47 -19.35
CA PHE A 256 -27.19 -34.34 -19.88
C PHE A 256 -25.97 -34.15 -18.98
N PRO A 257 -24.80 -33.98 -19.55
CA PRO A 257 -24.56 -33.97 -20.96
C PRO A 257 -24.57 -35.38 -21.54
N ALA A 258 -24.85 -35.49 -22.82
CA ALA A 258 -24.86 -36.81 -23.49
C ALA A 258 -23.55 -37.00 -24.21
N ALA A 259 -23.33 -38.16 -24.83
CA ALA A 259 -22.12 -38.45 -25.60
C ALA A 259 -21.78 -37.33 -26.57
N GLU A 260 -22.79 -36.77 -27.22
CA GLU A 260 -22.67 -35.69 -28.18
C GLU A 260 -22.17 -34.39 -27.57
N HIS A 261 -22.27 -34.20 -26.26
CA HIS A 261 -21.81 -32.97 -25.62
C HIS A 261 -20.46 -33.13 -24.92
N ILE A 262 -19.75 -34.23 -25.17
CA ILE A 262 -18.47 -34.46 -24.49
C ILE A 262 -17.27 -34.51 -25.38
N PHE A 263 -16.08 -34.27 -24.83
CA PHE A 263 -14.85 -34.29 -25.63
C PHE A 263 -14.10 -35.61 -25.38
N SER B 2 26.70 18.65 -28.11
CA SER B 2 26.18 19.84 -27.47
C SER B 2 25.39 19.53 -26.20
N LEU B 3 24.41 18.63 -26.28
CA LEU B 3 23.66 18.29 -25.08
C LEU B 3 24.56 17.62 -24.05
N ILE B 4 24.34 17.92 -22.78
CA ILE B 4 25.12 17.36 -21.69
C ILE B 4 24.46 16.07 -21.20
N THR B 5 25.19 14.96 -21.30
CA THR B 5 24.66 13.67 -20.89
C THR B 5 25.57 13.10 -19.82
N VAL B 6 25.23 11.93 -19.32
CA VAL B 6 26.05 11.27 -18.30
C VAL B 6 27.42 10.95 -18.88
N ASN B 7 27.47 10.57 -20.17
CA ASN B 7 28.74 10.30 -20.83
C ASN B 7 29.59 11.56 -20.87
N THR B 8 28.97 12.71 -21.14
CA THR B 8 29.69 13.98 -21.16
C THR B 8 30.39 14.23 -19.83
N LEU B 9 29.65 14.03 -18.73
CA LEU B 9 30.21 14.22 -17.40
C LEU B 9 31.36 13.28 -17.13
N GLN B 10 31.22 12.04 -17.57
CA GLN B 10 32.27 11.03 -17.37
C GLN B 10 33.52 11.41 -18.16
N LYS B 11 33.32 11.95 -19.38
CA LYS B 11 34.46 12.39 -20.18
C LYS B 11 35.16 13.60 -19.56
N MSE B 12 34.38 14.46 -18.91
CA MSE B 12 34.93 15.64 -18.22
C MSE B 12 35.69 15.24 -16.98
O MSE B 12 36.73 15.82 -16.66
CB MSE B 12 33.78 16.59 -17.87
CG MSE B 12 33.11 17.18 -19.09
SE MSE B 12 31.68 18.40 -18.68
CE MSE B 12 32.61 19.77 -17.80
N LYS B 13 35.23 14.20 -16.28
CA LYS B 13 35.93 13.76 -15.08
C LYS B 13 37.30 13.16 -15.48
N ALA B 14 37.30 12.38 -16.56
CA ALA B 14 38.52 11.76 -17.04
C ALA B 14 39.48 12.82 -17.56
N ALA B 15 38.97 13.89 -18.16
CA ALA B 15 39.81 14.95 -18.70
C ALA B 15 40.24 15.96 -17.64
N GLY B 16 39.56 15.97 -16.50
CA GLY B 16 39.90 16.94 -15.44
C GLY B 16 39.19 18.27 -15.68
N GLU B 17 38.21 18.30 -16.59
CA GLU B 17 37.48 19.57 -16.84
C GLU B 17 36.41 19.72 -15.76
N LYS B 18 36.38 20.81 -15.01
CA LYS B 18 35.39 20.96 -13.95
C LYS B 18 33.97 21.22 -14.45
N ILE B 19 33.02 20.53 -13.83
CA ILE B 19 31.60 20.64 -14.18
C ILE B 19 30.95 21.78 -13.39
N ALA B 20 30.23 22.65 -14.10
CA ALA B 20 29.57 23.78 -13.43
C ALA B 20 28.08 23.51 -13.21
N MSE B 21 27.67 23.41 -11.96
CA MSE B 21 26.26 23.19 -11.60
C MSE B 21 25.75 24.38 -10.81
O MSE B 21 26.45 24.90 -9.94
CB MSE B 21 26.06 21.87 -10.81
CG MSE B 21 24.67 21.68 -10.17
SE MSE B 21 24.55 20.11 -9.03
CE MSE B 21 24.00 18.85 -10.35
N LEU B 22 24.50 24.78 -11.06
CA LEU B 22 23.83 25.85 -10.37
C LEU B 22 22.36 25.49 -10.19
N THR B 23 21.70 25.97 -9.12
CA THR B 23 20.28 25.63 -8.96
C THR B 23 19.45 26.54 -9.87
N ALA B 24 18.27 26.06 -10.22
CA ALA B 24 17.36 26.80 -11.11
C ALA B 24 15.94 26.34 -10.81
N TYR B 25 15.04 27.32 -10.62
CA TYR B 25 13.65 27.02 -10.28
C TYR B 25 12.68 27.66 -11.26
N GLU B 26 13.17 28.45 -12.21
CA GLU B 26 12.32 29.15 -13.16
C GLU B 26 12.87 29.00 -14.58
N SER B 27 12.00 29.19 -15.55
CA SER B 27 12.36 29.04 -16.94
C SER B 27 13.31 30.10 -17.47
N SER B 28 13.05 31.37 -17.14
CA SER B 28 13.88 32.47 -17.63
C SER B 28 15.30 32.37 -17.09
N PHE B 29 15.45 32.03 -15.79
CA PHE B 29 16.79 31.90 -15.24
C PHE B 29 17.44 30.62 -15.75
N ALA B 30 16.63 29.58 -16.00
CA ALA B 30 17.25 28.33 -16.51
C ALA B 30 17.91 28.60 -17.87
N ALA B 31 17.18 29.27 -18.77
CA ALA B 31 17.66 29.62 -20.09
C ALA B 31 18.88 30.56 -20.02
N LEU B 32 18.90 31.49 -19.07
CA LEU B 32 20.03 32.38 -18.89
C LEU B 32 21.27 31.58 -18.50
N MSE B 33 21.13 30.68 -17.53
CA MSE B 33 22.25 29.85 -17.08
C MSE B 33 22.71 28.87 -18.15
O MSE B 33 23.94 28.65 -18.24
CB MSE B 33 21.94 29.11 -15.78
CG MSE B 33 21.65 30.00 -14.59
SE MSE B 33 21.09 28.97 -13.06
CE MSE B 33 19.35 29.69 -12.78
N ASP B 34 21.83 28.32 -18.95
CA ASP B 34 22.21 27.39 -20.02
C ASP B 34 23.09 28.16 -21.01
N ASP B 35 22.62 29.35 -21.40
CA ASP B 35 23.34 30.20 -22.33
C ASP B 35 24.67 30.69 -21.75
N ALA B 36 24.78 30.85 -20.43
CA ALA B 36 26.03 31.29 -19.81
C ALA B 36 26.99 30.14 -19.57
N GLY B 37 26.66 28.94 -19.99
CA GLY B 37 27.50 27.78 -19.88
C GLY B 37 27.32 26.84 -18.74
N VAL B 38 26.25 26.96 -17.96
CA VAL B 38 26.04 26.05 -16.83
C VAL B 38 25.70 24.69 -17.44
N GLU B 39 26.38 23.65 -16.99
CA GLU B 39 26.15 22.32 -17.56
C GLU B 39 25.09 21.51 -16.91
N MSE B 40 24.90 21.69 -15.60
CA MSE B 40 23.90 20.94 -14.84
C MSE B 40 23.03 21.97 -14.10
O MSE B 40 23.55 22.86 -13.46
CB MSE B 40 24.51 19.94 -13.86
CG MSE B 40 25.58 18.99 -14.36
SE MSE B 40 26.36 17.81 -13.09
CE MSE B 40 24.94 16.54 -12.88
N LEU B 41 21.73 21.89 -14.34
CA LEU B 41 20.75 22.76 -13.73
C LEU B 41 20.01 21.94 -12.66
N LEU B 42 20.28 22.27 -11.40
CA LEU B 42 19.70 21.57 -10.29
C LEU B 42 18.40 22.16 -9.79
N VAL B 43 17.30 21.46 -10.02
CA VAL B 43 16.02 21.93 -9.45
C VAL B 43 16.05 21.41 -8.01
N GLY B 44 16.69 22.18 -7.10
CA GLY B 44 16.82 21.67 -5.75
C GLY B 44 15.69 21.99 -4.83
N ASP B 45 15.57 21.18 -3.77
CA ASP B 45 14.51 21.42 -2.77
C ASP B 45 14.88 22.68 -1.97
N SER B 46 16.07 23.25 -2.21
CA SER B 46 16.50 24.53 -1.66
C SER B 46 15.48 25.60 -2.05
N LEU B 47 14.66 25.35 -3.08
CA LEU B 47 13.58 26.27 -3.43
C LEU B 47 12.62 26.44 -2.25
N GLY B 48 12.54 25.49 -1.31
CA GLY B 48 11.66 25.64 -0.14
C GLY B 48 12.07 26.90 0.65
N MSE B 49 13.38 27.22 0.62
CA MSE B 49 13.86 28.40 1.32
C MSE B 49 13.99 29.63 0.44
O MSE B 49 13.45 30.67 0.78
CB MSE B 49 15.22 28.11 2.02
CG MSE B 49 15.13 26.80 2.83
SE MSE B 49 16.59 26.54 4.02
CE MSE B 49 16.78 28.18 4.91
N ALA B 50 14.57 29.51 -0.75
CA ALA B 50 14.79 30.61 -1.65
C ALA B 50 13.57 31.06 -2.42
N VAL B 51 12.61 30.17 -2.66
CA VAL B 51 11.40 30.52 -3.40
C VAL B 51 10.17 30.61 -2.51
N GLN B 52 10.00 29.59 -1.66
CA GLN B 52 8.85 29.52 -0.76
C GLN B 52 9.03 30.35 0.48
N GLY B 53 10.28 30.64 0.88
CA GLY B 53 10.52 31.44 2.05
C GLY B 53 10.36 30.71 3.37
N ARG B 54 10.48 29.39 3.40
CA ARG B 54 10.33 28.62 4.62
C ARG B 54 11.67 28.53 5.36
N LYS B 55 11.70 28.02 6.57
CA LYS B 55 12.91 27.84 7.37
C LYS B 55 13.72 26.60 7.01
N SER B 56 13.16 25.64 6.30
CA SER B 56 13.96 24.47 5.88
C SER B 56 13.36 23.98 4.57
N THR B 57 13.92 22.90 4.02
CA THR B 57 13.42 22.31 2.79
C THR B 57 12.45 21.15 3.05
N LEU B 58 12.15 20.82 4.29
CA LEU B 58 11.28 19.70 4.61
C LEU B 58 9.86 19.81 4.11
N PRO B 59 9.22 20.96 4.20
CA PRO B 59 7.83 21.10 3.74
C PRO B 59 7.67 20.98 2.24
N VAL B 60 8.73 21.03 1.43
CA VAL B 60 8.58 20.94 -0.02
C VAL B 60 7.96 19.59 -0.40
N SER B 61 6.99 19.64 -1.31
CA SER B 61 6.31 18.45 -1.78
C SER B 61 6.74 17.98 -3.15
N LEU B 62 6.31 16.75 -3.47
CA LEU B 62 6.65 16.18 -4.79
C LEU B 62 6.02 17.04 -5.89
N ARG B 63 4.80 17.51 -5.66
CA ARG B 63 4.14 18.38 -6.61
C ARG B 63 4.94 19.67 -6.85
N ASP B 64 5.50 20.27 -5.80
CA ASP B 64 6.32 21.47 -5.93
C ASP B 64 7.54 21.14 -6.80
N MSE B 65 8.17 19.98 -6.50
CA MSE B 65 9.35 19.55 -7.24
C MSE B 65 9.01 19.34 -8.71
O MSE B 65 9.77 19.76 -9.60
CB MSE B 65 10.03 18.33 -6.64
CG MSE B 65 10.72 18.54 -5.29
SE MSE B 65 11.71 20.19 -5.17
CE MSE B 65 12.74 20.09 -6.76
N CYS B 66 7.86 18.69 -8.98
CA CYS B 66 7.44 18.47 -10.36
C CYS B 66 7.15 19.79 -11.08
N TYR B 67 6.49 20.73 -10.40
CA TYR B 67 6.14 22.02 -11.01
C TYR B 67 7.37 22.79 -11.45
N HIS B 68 8.34 22.98 -10.54
CA HIS B 68 9.55 23.73 -10.87
C HIS B 68 10.34 23.02 -11.94
N THR B 69 10.41 21.69 -11.87
CA THR B 69 11.07 20.90 -12.90
C THR B 69 10.47 21.22 -14.26
N GLU B 70 9.15 21.20 -14.41
CA GLU B 70 8.52 21.54 -15.68
C GLU B 70 8.85 22.96 -16.13
N CYS B 71 8.89 23.88 -15.15
CA CYS B 71 9.21 25.27 -15.46
C CYS B 71 10.63 25.34 -16.05
N VAL B 72 11.57 24.71 -15.34
CA VAL B 72 12.97 24.73 -15.79
C VAL B 72 13.15 24.03 -17.13
N ALA B 73 12.38 22.94 -17.32
CA ALA B 73 12.46 22.21 -18.58
C ALA B 73 12.07 23.05 -19.77
N ARG B 74 11.17 24.02 -19.63
CA ARG B 74 10.79 24.87 -20.75
C ARG B 74 11.80 25.96 -21.05
N GLY B 75 12.86 26.12 -20.26
CA GLY B 75 13.87 27.14 -20.53
C GLY B 75 15.22 26.53 -20.82
N ALA B 76 15.50 25.32 -20.34
CA ALA B 76 16.79 24.69 -20.56
C ALA B 76 16.98 24.32 -22.03
N LYS B 77 18.25 24.18 -22.43
CA LYS B 77 18.55 23.80 -23.82
C LYS B 77 19.55 22.66 -23.87
N ASN B 78 20.81 22.91 -23.56
CA ASN B 78 21.83 21.86 -23.59
C ASN B 78 22.15 21.27 -22.22
N ALA B 79 21.97 22.09 -21.19
CA ALA B 79 22.26 21.64 -19.83
C ALA B 79 21.36 20.49 -19.39
N MSE B 80 21.94 19.64 -18.56
CA MSE B 80 21.24 18.50 -17.99
C MSE B 80 20.41 18.98 -16.80
O MSE B 80 20.88 19.74 -15.96
CB MSE B 80 22.25 17.44 -17.53
CG MSE B 80 21.52 16.20 -16.94
SE MSE B 80 22.81 15.23 -15.92
CE MSE B 80 23.67 14.31 -17.34
N ILE B 81 19.21 18.44 -16.66
CA ILE B 81 18.36 18.86 -15.56
C ILE B 81 18.35 17.79 -14.47
N VAL B 82 18.75 18.22 -13.27
CA VAL B 82 18.74 17.28 -12.14
C VAL B 82 17.67 17.75 -11.16
N SER B 83 16.75 16.89 -10.78
CA SER B 83 15.71 17.28 -9.83
C SER B 83 15.79 16.50 -8.53
N ASP B 84 15.68 17.25 -7.43
CA ASP B 84 15.71 16.65 -6.11
C ASP B 84 14.42 15.95 -5.72
N LEU B 85 14.54 14.79 -5.11
CA LEU B 85 13.44 14.03 -4.55
C LEU B 85 13.22 14.72 -3.19
N PRO B 86 12.06 15.31 -2.95
CA PRO B 86 11.79 16.05 -1.74
C PRO B 86 11.57 15.18 -0.51
N PHE B 87 11.83 15.75 0.66
CA PHE B 87 11.71 15.10 1.94
C PHE B 87 10.37 14.40 2.11
N GLY B 88 10.40 13.15 2.53
CA GLY B 88 9.16 12.38 2.73
C GLY B 88 8.68 11.67 1.51
N ALA B 89 9.12 12.03 0.30
CA ALA B 89 8.64 11.39 -0.91
C ALA B 89 9.42 10.20 -1.41
N TYR B 90 10.53 9.82 -0.81
CA TYR B 90 11.31 8.71 -1.29
C TYR B 90 12.02 7.83 -0.29
N GLN B 91 12.11 8.23 0.98
CA GLN B 91 12.80 7.48 2.00
C GLN B 91 12.00 6.31 2.58
N GLN B 92 10.73 6.23 2.24
CA GLN B 92 9.90 5.16 2.79
C GLN B 92 10.30 3.79 2.29
N SER B 93 10.72 3.68 1.03
CA SER B 93 11.12 2.42 0.41
C SER B 93 11.65 2.72 -0.99
N LYS B 94 12.40 1.79 -1.58
CA LYS B 94 12.93 1.92 -2.93
C LYS B 94 11.78 2.01 -3.93
N GLU B 95 10.64 1.36 -3.62
CA GLU B 95 9.48 1.40 -4.51
C GLU B 95 8.88 2.81 -4.51
N GLN B 96 8.77 3.42 -3.34
CA GLN B 96 8.22 4.79 -3.28
C GLN B 96 9.18 5.75 -3.97
N ALA B 97 10.50 5.58 -3.76
CA ALA B 97 11.49 6.44 -4.40
C ALA B 97 11.36 6.33 -5.90
N PHE B 98 11.20 5.10 -6.43
CA PHE B 98 11.04 4.95 -7.87
C PHE B 98 9.85 5.73 -8.43
N ALA B 99 8.70 5.63 -7.78
CA ALA B 99 7.47 6.31 -8.19
C ALA B 99 7.65 7.81 -8.21
N ALA B 100 8.25 8.36 -7.16
CA ALA B 100 8.50 9.79 -7.07
C ALA B 100 9.50 10.22 -8.14
N ALA B 101 10.56 9.44 -8.32
CA ALA B 101 11.56 9.76 -9.34
C ALA B 101 10.93 9.67 -10.73
N ALA B 102 10.01 8.71 -10.95
CA ALA B 102 9.38 8.60 -12.26
C ALA B 102 8.55 9.85 -12.57
N GLU B 103 7.91 10.44 -11.55
CA GLU B 103 7.14 11.66 -11.77
C GLU B 103 8.08 12.81 -12.18
N LEU B 104 9.23 12.92 -11.50
CA LEU B 104 10.20 13.97 -11.83
C LEU B 104 10.74 13.80 -13.24
N MSE B 105 11.05 12.58 -13.67
CA MSE B 105 11.53 12.31 -15.01
C MSE B 105 10.42 12.64 -16.02
O MSE B 105 10.69 13.27 -17.05
CB MSE B 105 11.97 10.85 -15.23
CG MSE B 105 13.04 10.35 -14.32
SE MSE B 105 14.74 11.20 -14.56
CE MSE B 105 15.07 10.81 -16.39
N ALA B 106 9.17 12.35 -15.67
CA ALA B 106 8.06 12.68 -16.58
C ALA B 106 7.86 14.21 -16.63
N ALA B 107 8.28 14.92 -15.59
CA ALA B 107 8.19 16.36 -15.52
C ALA B 107 9.30 17.04 -16.32
N GLY B 108 10.34 16.31 -16.74
CA GLY B 108 11.40 16.88 -17.54
C GLY B 108 12.79 16.66 -17.00
N ALA B 109 12.95 15.98 -15.89
CA ALA B 109 14.28 15.75 -15.32
C ALA B 109 15.03 14.69 -16.15
N HIS B 110 16.36 14.76 -16.12
CA HIS B 110 17.23 13.83 -16.81
C HIS B 110 17.96 12.98 -15.77
N MSE B 111 17.80 13.39 -14.52
CA MSE B 111 18.45 12.72 -13.39
C MSE B 111 17.77 13.21 -12.12
O MSE B 111 17.23 14.31 -12.06
CB MSE B 111 19.96 13.04 -13.40
CG MSE B 111 20.75 12.68 -12.18
SE MSE B 111 22.65 13.18 -12.25
CE MSE B 111 23.00 12.47 -14.01
N VAL B 112 17.78 12.37 -11.10
CA VAL B 112 17.18 12.77 -9.83
C VAL B 112 18.25 12.77 -8.75
N LYS B 113 18.09 13.56 -7.71
CA LYS B 113 19.05 13.58 -6.62
C LYS B 113 18.37 13.13 -5.33
N LEU B 114 19.05 12.28 -4.57
CA LEU B 114 18.49 11.81 -3.31
C LEU B 114 19.53 11.94 -2.20
N GLU B 115 19.07 12.10 -0.96
CA GLU B 115 19.99 12.28 0.16
C GLU B 115 20.15 11.01 0.99
N GLY B 116 21.38 10.72 1.44
CA GLY B 116 21.55 9.53 2.27
C GLY B 116 22.81 8.74 1.99
N GLY B 117 23.29 8.07 3.04
CA GLY B 117 24.47 7.26 3.02
C GLY B 117 24.20 5.85 2.51
N VAL B 118 24.92 4.89 3.08
CA VAL B 118 24.81 3.48 2.71
C VAL B 118 23.39 2.95 2.70
N TRP B 119 22.52 3.39 3.61
CA TRP B 119 21.14 2.93 3.70
C TRP B 119 20.30 3.34 2.51
N MSE B 120 20.80 4.19 1.62
CA MSE B 120 20.08 4.60 0.44
C MSE B 120 20.65 4.00 -0.83
O MSE B 120 20.05 4.14 -1.90
CB MSE B 120 20.01 6.14 0.36
CG MSE B 120 19.02 6.69 1.41
SE MSE B 120 17.18 6.35 0.85
CE MSE B 120 17.33 6.79 -0.96
N ALA B 121 21.78 3.31 -0.73
CA ALA B 121 22.40 2.69 -1.90
C ALA B 121 21.51 1.69 -2.61
N GLU B 122 20.64 0.99 -1.87
CA GLU B 122 19.75 0.01 -2.53
C GLU B 122 18.74 0.78 -3.36
N THR B 123 18.34 1.96 -2.84
CA THR B 123 17.40 2.80 -3.59
C THR B 123 18.10 3.27 -4.86
N THR B 124 19.35 3.75 -4.73
CA THR B 124 20.11 4.17 -5.92
C THR B 124 20.12 3.04 -6.96
N GLU B 125 20.47 1.83 -6.54
CA GLU B 125 20.51 0.70 -7.45
C GLU B 125 19.18 0.44 -8.13
N PHE B 126 18.11 0.41 -7.35
CA PHE B 126 16.76 0.16 -7.89
C PHE B 126 16.40 1.16 -8.97
N LEU B 127 16.70 2.44 -8.75
CA LEU B 127 16.37 3.45 -9.75
C LEU B 127 17.24 3.37 -10.99
N GLN B 128 18.56 3.26 -10.82
CA GLN B 128 19.45 3.27 -11.98
C GLN B 128 19.19 2.08 -12.90
N MSE B 129 18.90 0.93 -12.29
CA MSE B 129 18.60 -0.28 -13.10
C MSE B 129 17.35 -0.11 -13.92
O MSE B 129 17.14 -0.76 -14.96
CB MSE B 129 18.45 -1.45 -12.11
CB MSE B 129 18.48 -1.56 -12.27
CG MSE B 129 19.80 -1.93 -11.57
CG MSE B 129 19.78 -0.99 -11.53
SE MSE B 129 20.89 -2.65 -12.97
SE MSE B 129 20.05 -3.59 -10.82
CE MSE B 129 19.56 -3.59 -13.97
CE MSE B 129 20.12 -4.62 -12.28
N ARG B 130 16.43 0.77 -13.53
CA ARG B 130 15.20 1.02 -14.27
C ARG B 130 15.26 2.26 -15.13
N GLY B 131 16.45 2.75 -15.48
CA GLY B 131 16.57 3.87 -16.36
C GLY B 131 16.58 5.25 -15.76
N ILE B 132 16.54 5.38 -14.44
CA ILE B 132 16.57 6.71 -13.82
C ILE B 132 17.97 7.01 -13.27
N PRO B 133 18.70 7.89 -13.91
CA PRO B 133 20.04 8.26 -13.44
C PRO B 133 19.89 8.91 -12.07
N VAL B 134 20.79 8.57 -11.15
CA VAL B 134 20.80 9.03 -9.81
C VAL B 134 22.05 9.80 -9.38
N CYS B 135 21.78 10.92 -8.69
CA CYS B 135 22.86 11.70 -8.09
C CYS B 135 22.76 11.41 -6.59
N ALA B 136 23.74 10.80 -5.97
CA ALA B 136 23.65 10.54 -4.53
C ALA B 136 24.27 11.73 -3.80
N HIS B 137 23.55 12.27 -2.82
CA HIS B 137 23.99 13.43 -2.06
C HIS B 137 24.36 12.99 -0.64
N ILE B 138 25.65 13.10 -0.32
CA ILE B 138 26.15 12.68 0.97
C ILE B 138 26.81 13.83 1.74
N GLY B 139 27.25 13.49 2.96
CA GLY B 139 27.90 14.47 3.83
C GLY B 139 26.77 15.20 4.56
N LEU B 140 26.71 16.52 4.47
CA LEU B 140 25.65 17.24 5.16
C LEU B 140 24.41 17.31 4.25
N THR B 141 23.40 16.54 4.60
CA THR B 141 22.15 16.41 3.82
C THR B 141 21.09 17.27 4.50
N PRO B 142 20.76 18.43 3.93
CA PRO B 142 19.84 19.39 4.51
C PRO B 142 18.47 18.90 4.90
N GLN B 143 18.00 17.77 4.34
CA GLN B 143 16.69 17.23 4.76
C GLN B 143 16.81 16.66 6.17
N SER B 144 18.03 16.36 6.61
CA SER B 144 18.27 15.87 7.96
C SER B 144 18.81 16.96 8.88
N VAL B 145 18.62 18.22 8.47
CA VAL B 145 19.09 19.38 9.23
C VAL B 145 18.68 19.34 10.69
N PHE B 146 17.42 18.98 10.99
CA PHE B 146 16.99 18.95 12.38
C PHE B 146 17.70 17.84 13.16
N ALA B 147 18.13 16.78 12.49
CA ALA B 147 18.84 15.70 13.17
C ALA B 147 20.30 16.11 13.39
N PHE B 148 20.91 16.77 12.41
CA PHE B 148 22.28 17.22 12.51
C PHE B 148 22.36 18.37 13.52
N GLY B 149 21.29 19.15 13.58
CA GLY B 149 21.24 20.29 14.49
C GLY B 149 21.68 21.56 13.76
N GLY B 150 21.94 21.45 12.47
CA GLY B 150 22.43 22.58 11.68
C GLY B 150 23.43 22.11 10.63
N TYR B 151 24.22 23.04 10.12
CA TYR B 151 25.20 22.75 9.08
C TYR B 151 26.62 22.54 9.58
N LYS B 152 26.97 21.31 9.98
CA LYS B 152 28.34 21.07 10.43
C LYS B 152 29.14 20.31 9.36
N VAL B 153 30.44 20.54 9.37
CA VAL B 153 31.34 19.86 8.43
C VAL B 153 31.41 18.37 8.79
N GLN B 154 31.33 17.54 7.75
CA GLN B 154 31.36 16.10 7.89
C GLN B 154 32.72 15.51 7.55
N GLY B 155 32.98 14.32 8.11
CA GLY B 155 34.21 13.60 7.91
C GLY B 155 35.31 13.87 8.92
N ARG B 156 34.98 14.55 10.03
CA ARG B 156 35.98 14.86 11.04
C ARG B 156 36.35 13.65 11.88
N GLY B 157 37.65 13.45 12.10
CA GLY B 157 38.17 12.37 12.91
C GLY B 157 37.91 10.99 12.37
N GLY B 158 37.07 10.23 13.08
CA GLY B 158 36.73 8.87 12.69
C GLY B 158 35.42 8.79 11.92
N LYS B 159 34.99 9.92 11.36
CA LYS B 159 33.77 9.97 10.55
C LYS B 159 34.15 9.88 9.07
N ALA B 160 35.43 9.99 8.76
CA ALA B 160 35.92 9.93 7.39
C ALA B 160 35.54 8.61 6.71
N GLN B 161 35.76 7.51 7.41
CA GLN B 161 35.46 6.20 6.87
C GLN B 161 33.99 6.06 6.49
N ALA B 162 33.08 6.51 7.35
CA ALA B 162 31.65 6.42 7.06
C ALA B 162 31.29 7.16 5.78
N LEU B 163 31.84 8.34 5.58
CA LEU B 163 31.56 9.12 4.38
C LEU B 163 32.11 8.41 3.15
N LEU B 164 33.32 7.88 3.29
CA LEU B 164 33.97 7.14 2.22
C LEU B 164 33.12 5.93 1.85
N ASN B 165 32.59 5.27 2.88
CA ASN B 165 31.71 4.10 2.73
C ASN B 165 30.42 4.51 2.03
N ASP B 166 29.88 5.69 2.39
CA ASP B 166 28.65 6.13 1.72
C ASP B 166 28.88 6.34 0.23
N ALA B 167 30.00 7.00 -0.09
CA ALA B 167 30.34 7.28 -1.47
C ALA B 167 30.53 5.99 -2.27
N LYS B 168 31.24 5.02 -1.70
CA LYS B 168 31.49 3.73 -2.36
C LYS B 168 30.21 2.95 -2.61
N ALA B 169 29.36 2.81 -1.59
CA ALA B 169 28.09 2.07 -1.77
C ALA B 169 27.29 2.67 -2.90
N HIS B 170 27.18 4.02 -2.96
CA HIS B 170 26.41 4.61 -4.07
C HIS B 170 27.06 4.35 -5.41
N ASP B 171 28.38 4.51 -5.47
CA ASP B 171 29.10 4.28 -6.72
C ASP B 171 28.95 2.82 -7.16
N ASP B 172 29.03 1.89 -6.22
CA ASP B 172 28.87 0.47 -6.53
C ASP B 172 27.43 0.16 -6.95
N ALA B 173 26.47 0.90 -6.37
CA ALA B 173 25.06 0.72 -6.73
C ALA B 173 24.78 1.34 -8.08
N GLY B 174 25.74 1.98 -8.74
CA GLY B 174 25.57 2.58 -10.04
C GLY B 174 25.16 4.05 -10.03
N ALA B 175 25.45 4.79 -8.96
CA ALA B 175 25.08 6.23 -9.00
C ALA B 175 25.79 6.88 -10.19
N ALA B 176 25.12 7.76 -10.92
CA ALA B 176 25.72 8.45 -12.04
C ALA B 176 26.68 9.53 -11.52
N VAL B 177 26.29 10.16 -10.43
CA VAL B 177 27.06 11.24 -9.82
C VAL B 177 26.90 11.19 -8.29
N VAL B 178 27.93 11.53 -7.56
CA VAL B 178 27.96 11.61 -6.13
C VAL B 178 28.21 13.10 -5.75
N LEU B 179 27.31 13.63 -4.92
CA LEU B 179 27.40 15.02 -4.52
C LEU B 179 27.75 15.13 -3.04
N MSE B 180 28.76 15.93 -2.72
CA MSE B 180 29.19 16.12 -1.34
C MSE B 180 28.96 17.55 -0.89
O MSE B 180 29.32 18.49 -1.60
CB MSE B 180 30.69 15.76 -1.20
CG MSE B 180 30.92 14.25 -1.14
SE MSE B 180 32.81 13.82 -1.11
CE MSE B 180 33.20 14.06 -2.94
N GLU B 181 28.41 17.71 0.30
CA GLU B 181 28.14 19.03 0.85
C GLU B 181 28.81 19.13 2.22
N CYS B 182 29.53 20.22 2.43
CA CYS B 182 30.24 20.49 3.67
C CYS B 182 31.08 19.31 4.14
N VAL B 183 32.05 18.93 3.33
CA VAL B 183 32.94 17.82 3.62
C VAL B 183 34.40 18.29 3.61
N LEU B 184 35.17 17.86 4.60
CA LEU B 184 36.60 18.23 4.62
C LEU B 184 37.18 18.06 3.22
N ALA B 185 37.79 19.11 2.70
CA ALA B 185 38.38 19.12 1.38
C ALA B 185 39.26 17.92 1.09
N GLU B 186 40.16 17.58 2.00
CA GLU B 186 41.04 16.42 1.78
C GLU B 186 40.23 15.14 1.66
N LEU B 187 39.14 15.01 2.41
CA LEU B 187 38.31 13.80 2.29
C LEU B 187 37.61 13.74 0.93
N ALA B 188 37.08 14.89 0.50
CA ALA B 188 36.38 14.96 -0.78
C ALA B 188 37.35 14.57 -1.90
N LYS B 189 38.60 15.03 -1.78
CA LYS B 189 39.61 14.66 -2.80
C LYS B 189 39.79 13.15 -2.82
N LYS B 190 39.90 12.51 -1.68
CA LYS B 190 40.05 11.06 -1.61
C LYS B 190 38.87 10.35 -2.25
N VAL B 191 37.66 10.83 -1.92
CA VAL B 191 36.45 10.26 -2.47
C VAL B 191 36.44 10.39 -3.99
N THR B 192 36.73 11.58 -4.51
CA THR B 192 36.73 11.83 -5.94
C THR B 192 37.72 10.93 -6.66
N GLU B 193 38.86 10.69 -6.01
CA GLU B 193 39.90 9.84 -6.55
C GLU B 193 39.55 8.36 -6.41
N THR B 194 38.63 8.02 -5.54
CA THR B 194 38.20 6.65 -5.34
C THR B 194 36.98 6.24 -6.14
N VAL B 195 35.93 7.04 -6.24
CA VAL B 195 34.76 6.56 -6.98
C VAL B 195 34.93 6.66 -8.48
N SER B 196 34.23 5.77 -9.21
CA SER B 196 34.36 5.80 -10.66
C SER B 196 33.58 6.94 -11.29
N CYS B 197 32.49 7.33 -10.63
CA CYS B 197 31.64 8.39 -11.13
C CYS B 197 32.10 9.78 -10.78
N PRO B 198 31.64 10.75 -11.57
CA PRO B 198 31.98 12.15 -11.31
C PRO B 198 31.41 12.57 -9.96
N THR B 199 32.08 13.51 -9.31
CA THR B 199 31.63 14.07 -8.05
C THR B 199 31.40 15.59 -8.27
N ILE B 200 30.55 16.14 -7.44
CA ILE B 200 30.17 17.54 -7.43
C ILE B 200 30.22 17.98 -5.97
N GLY B 201 30.77 19.18 -5.73
CA GLY B 201 30.81 19.61 -4.34
C GLY B 201 30.24 20.98 -4.06
N ILE B 202 29.91 21.20 -2.79
CA ILE B 202 29.49 22.52 -2.29
C ILE B 202 30.06 22.57 -0.86
N GLY B 203 31.04 23.46 -0.62
CA GLY B 203 31.69 23.43 0.71
C GLY B 203 32.50 22.13 0.85
N ALA B 204 32.94 21.55 -0.26
CA ALA B 204 33.71 20.32 -0.27
C ALA B 204 35.09 20.50 -0.87
N GLY B 205 35.50 21.74 -1.13
CA GLY B 205 36.84 21.96 -1.71
C GLY B 205 36.81 21.91 -3.23
N ALA B 206 37.98 22.24 -3.82
CA ALA B 206 38.07 22.28 -5.27
C ALA B 206 38.48 20.99 -5.94
N ASP B 207 38.71 19.93 -5.19
CA ASP B 207 39.12 18.66 -5.77
C ASP B 207 38.00 17.72 -6.12
N CYS B 208 36.79 18.22 -6.26
CA CYS B 208 35.64 17.43 -6.68
C CYS B 208 35.69 17.57 -8.20
N ASP B 209 34.93 16.81 -8.97
CA ASP B 209 34.96 16.95 -10.42
C ASP B 209 34.12 18.13 -10.87
N GLY B 210 33.43 18.79 -9.94
CA GLY B 210 32.59 19.93 -10.27
C GLY B 210 32.07 20.61 -9.02
N GLN B 211 31.39 21.74 -9.26
CA GLN B 211 30.86 22.53 -8.17
C GLN B 211 29.37 22.88 -8.36
N VAL B 212 28.71 23.18 -7.22
CA VAL B 212 27.34 23.64 -7.28
C VAL B 212 27.11 24.74 -6.22
N LEU B 213 26.23 25.69 -6.54
CA LEU B 213 25.87 26.75 -5.63
C LEU B 213 24.37 27.06 -5.82
N VAL B 214 23.70 27.48 -4.77
CA VAL B 214 22.29 27.88 -4.88
C VAL B 214 22.27 29.22 -5.58
N MSE B 215 21.53 29.35 -6.68
CA MSE B 215 21.50 30.57 -7.44
C MSE B 215 21.41 31.84 -6.59
O MSE B 215 22.15 32.80 -6.81
CB MSE B 215 20.31 30.61 -8.43
CG MSE B 215 20.35 31.85 -9.33
SE MSE B 215 18.77 31.97 -10.44
CE MSE B 215 17.67 33.05 -9.33
N HIS B 216 20.36 31.92 -5.78
CA HIS B 216 20.09 33.09 -4.95
C HIS B 216 21.27 33.44 -4.06
N ASP B 217 22.01 32.48 -3.57
CA ASP B 217 23.18 32.74 -2.72
C ASP B 217 24.26 33.45 -3.52
N MSE B 218 24.59 32.90 -4.68
CA MSE B 218 25.64 33.43 -5.53
C MSE B 218 25.26 34.73 -6.21
O MSE B 218 26.16 35.42 -6.72
CB MSE B 218 26.18 32.38 -6.48
CG MSE B 218 25.19 31.69 -7.38
SE MSE B 218 24.80 32.67 -8.97
CE MSE B 218 26.50 32.57 -9.87
N LEU B 219 23.97 35.10 -6.24
CA LEU B 219 23.55 36.36 -6.83
C LEU B 219 23.35 37.39 -5.72
N GLY B 220 23.66 37.05 -4.48
CA GLY B 220 23.53 37.93 -3.34
C GLY B 220 22.09 38.43 -3.14
N ILE B 221 21.10 37.56 -3.36
CA ILE B 221 19.70 37.96 -3.21
C ILE B 221 19.32 38.17 -1.76
N PHE B 222 19.97 37.47 -0.84
CA PHE B 222 19.64 37.65 0.58
C PHE B 222 20.47 38.76 1.19
N PRO B 223 19.97 39.38 2.25
CA PRO B 223 20.69 40.45 2.92
C PRO B 223 21.76 39.86 3.84
N GLY B 224 22.81 40.61 4.11
CA GLY B 224 23.87 40.08 4.97
C GLY B 224 25.00 39.41 4.22
N LYS B 225 25.65 38.47 4.90
CA LYS B 225 26.76 37.75 4.31
C LYS B 225 26.42 36.33 3.87
N THR B 226 27.07 35.91 2.79
CA THR B 226 26.88 34.55 2.28
C THR B 226 27.58 33.55 3.18
N ALA B 227 27.23 32.28 3.10
CA ALA B 227 27.88 31.25 3.92
C ALA B 227 29.37 31.26 3.56
N LYS B 228 30.20 30.61 4.38
CA LYS B 228 31.63 30.61 4.10
C LYS B 228 32.01 29.94 2.78
N PHE B 229 31.25 28.92 2.37
CA PHE B 229 31.61 28.18 1.15
C PHE B 229 30.96 28.73 -0.10
N VAL B 230 30.30 29.86 0.03
CA VAL B 230 29.59 30.52 -1.03
C VAL B 230 30.23 31.85 -1.44
N LYS B 231 30.35 32.07 -2.73
CA LYS B 231 30.86 33.36 -3.20
C LYS B 231 29.72 34.12 -3.91
N ASN B 232 29.68 35.43 -3.67
CA ASN B 232 28.70 36.29 -4.32
C ASN B 232 29.29 36.71 -5.66
N PHE B 233 28.79 36.17 -6.76
CA PHE B 233 29.31 36.53 -8.08
C PHE B 233 28.60 37.72 -8.69
N MSE B 234 27.46 38.15 -8.14
CA MSE B 234 26.77 39.32 -8.69
C MSE B 234 27.65 40.55 -8.39
O MSE B 234 27.95 41.39 -9.21
CB MSE B 234 25.38 39.48 -8.09
CG MSE B 234 24.62 40.75 -8.43
SE MSE B 234 23.85 40.76 -10.18
CE MSE B 234 25.31 41.55 -11.16
N GLN B 235 28.12 40.58 -7.15
CA GLN B 235 29.01 41.63 -6.66
C GLN B 235 30.24 41.72 -7.57
N GLY B 236 30.55 42.90 -8.08
CA GLY B 236 31.71 43.05 -8.95
C GLY B 236 31.49 42.65 -10.39
N HIS B 237 30.27 42.43 -10.83
CA HIS B 237 29.90 42.06 -12.17
C HIS B 237 28.75 42.91 -12.68
N ASP B 238 28.64 43.10 -13.99
CA ASP B 238 27.66 43.99 -14.55
C ASP B 238 26.27 43.53 -14.90
N SER B 239 26.01 42.23 -14.85
CA SER B 239 24.68 41.72 -15.16
C SER B 239 24.56 40.33 -14.53
N VAL B 240 23.33 39.82 -14.55
CA VAL B 240 23.12 38.46 -14.00
C VAL B 240 23.86 37.49 -14.92
N GLN B 241 23.84 37.75 -16.22
CA GLN B 241 24.54 36.93 -17.20
C GLN B 241 26.04 36.94 -16.92
N ALA B 242 26.61 38.09 -16.56
CA ALA B 242 28.06 38.14 -16.29
C ALA B 242 28.39 37.43 -14.98
N ALA B 243 27.52 37.51 -13.98
CA ALA B 243 27.74 36.84 -12.71
C ALA B 243 27.81 35.32 -12.90
N VAL B 244 26.90 34.79 -13.73
CA VAL B 244 26.90 33.34 -13.96
C VAL B 244 28.11 32.90 -14.79
N ARG B 245 28.49 33.72 -15.77
CA ARG B 245 29.65 33.43 -16.60
C ARG B 245 30.94 33.43 -15.77
N ALA B 246 31.01 34.31 -14.78
CA ALA B 246 32.22 34.38 -13.94
C ALA B 246 32.25 33.14 -13.05
N TYR B 247 31.08 32.64 -12.65
CA TYR B 247 31.02 31.43 -11.82
C TYR B 247 31.53 30.25 -12.63
N VAL B 248 30.98 30.00 -13.81
CA VAL B 248 31.43 28.89 -14.64
C VAL B 248 32.95 29.01 -14.93
N ALA B 249 33.48 30.20 -15.17
CA ALA B 249 34.89 30.42 -15.44
C ALA B 249 35.77 30.17 -14.24
N GLU B 250 35.39 30.62 -13.04
CA GLU B 250 36.21 30.36 -11.86
C GLU B 250 36.14 28.89 -11.48
N VAL B 251 35.05 28.21 -11.76
CA VAL B 251 34.93 26.77 -11.48
C VAL B 251 35.88 26.00 -12.40
N LYS B 252 35.89 26.36 -13.67
CA LYS B 252 36.74 25.72 -14.66
C LYS B 252 38.22 26.06 -14.51
N ALA B 253 38.54 27.22 -13.96
CA ALA B 253 39.90 27.65 -13.74
C ALA B 253 40.41 27.16 -12.39
N LYS B 254 39.49 26.50 -11.65
CA LYS B 254 39.74 25.96 -10.34
C LYS B 254 40.11 27.06 -9.36
N THR B 255 39.56 28.26 -9.53
CA THR B 255 39.84 29.36 -8.60
C THR B 255 38.69 29.41 -7.59
N PHE B 256 37.53 28.87 -7.94
CA PHE B 256 36.40 28.78 -7.01
C PHE B 256 36.10 27.28 -6.85
N PRO B 257 35.95 26.78 -5.65
CA PRO B 257 36.06 27.57 -4.44
C PRO B 257 37.49 27.89 -4.05
N ALA B 258 37.74 29.09 -3.56
CA ALA B 258 39.02 29.55 -3.10
C ALA B 258 39.28 28.95 -1.71
N ALA B 259 40.44 29.32 -1.15
CA ALA B 259 40.82 28.83 0.18
C ALA B 259 39.83 29.26 1.23
N GLU B 260 39.27 30.46 1.11
CA GLU B 260 38.29 31.01 2.03
C GLU B 260 36.98 30.24 2.02
N HIS B 261 36.66 29.54 0.93
CA HIS B 261 35.41 28.81 0.81
C HIS B 261 35.51 27.35 1.17
N ILE B 262 36.67 26.93 1.66
CA ILE B 262 36.91 25.53 1.98
C ILE B 262 37.11 25.28 3.46
N PHE B 263 36.64 24.08 3.89
CA PHE B 263 36.80 23.62 5.25
C PHE B 263 38.06 22.73 5.35
N SER C 2 -17.92 2.55 39.34
CA SER C 2 -17.57 3.55 38.33
C SER C 2 -17.37 2.91 36.96
N LEU C 3 -16.42 3.44 36.21
CA LEU C 3 -16.09 2.98 34.88
C LEU C 3 -15.66 1.51 34.85
N ILE C 4 -16.10 0.81 33.82
CA ILE C 4 -15.77 -0.60 33.65
C ILE C 4 -14.52 -0.69 32.77
N THR C 5 -13.41 -1.15 33.34
CA THR C 5 -12.15 -1.27 32.62
C THR C 5 -11.79 -2.76 32.54
N VAL C 6 -10.74 -3.05 31.80
CA VAL C 6 -10.27 -4.45 31.68
C VAL C 6 -9.90 -4.97 33.07
N ASN C 7 -9.40 -4.08 33.94
CA ASN C 7 -9.05 -4.47 35.30
C ASN C 7 -10.30 -4.90 36.04
N THR C 8 -11.38 -4.12 35.88
CA THR C 8 -12.64 -4.46 36.52
C THR C 8 -13.05 -5.88 36.15
N LEU C 9 -12.92 -6.23 34.88
CA LEU C 9 -13.32 -7.53 34.38
C LEU C 9 -12.45 -8.66 34.92
N GLN C 10 -11.14 -8.39 35.02
CA GLN C 10 -10.21 -9.38 35.56
C GLN C 10 -10.55 -9.66 37.01
N LYS C 11 -10.86 -8.60 37.75
CA LYS C 11 -11.20 -8.71 39.15
C LYS C 11 -12.49 -9.52 39.33
N MSE C 12 -13.45 -9.28 38.43
CA MSE C 12 -14.71 -9.99 38.43
C MSE C 12 -14.50 -11.48 38.18
O MSE C 12 -15.09 -12.29 38.89
CB MSE C 12 -15.70 -9.38 37.41
CG MSE C 12 -16.12 -7.97 37.84
SE MSE C 12 -17.34 -7.15 36.61
CE MSE C 12 -18.92 -8.11 36.96
N LYS C 13 -13.64 -11.81 37.21
CA LYS C 13 -13.35 -13.24 36.95
C LYS C 13 -12.72 -13.86 38.22
N ALA C 14 -11.75 -13.13 38.81
CA ALA C 14 -11.05 -13.66 39.97
C ALA C 14 -12.01 -13.89 41.14
N ALA C 15 -12.98 -12.99 41.31
CA ALA C 15 -13.96 -13.15 42.38
C ALA C 15 -15.11 -14.05 41.97
N GLY C 16 -15.24 -14.44 40.71
CA GLY C 16 -16.38 -15.28 40.33
C GLY C 16 -17.65 -14.45 40.18
N GLU C 17 -17.56 -13.14 39.94
CA GLU C 17 -18.75 -12.32 39.75
C GLU C 17 -19.09 -12.23 38.26
N LYS C 18 -20.17 -12.85 37.82
CA LYS C 18 -20.54 -12.90 36.42
C LYS C 18 -20.71 -11.53 35.77
N ILE C 19 -20.20 -11.43 34.57
CA ILE C 19 -20.22 -10.21 33.76
C ILE C 19 -21.42 -10.20 32.82
N ALA C 20 -22.15 -9.08 32.83
CA ALA C 20 -23.31 -8.96 31.93
C ALA C 20 -22.99 -8.14 30.69
N MSE C 21 -23.07 -8.76 29.53
CA MSE C 21 -22.84 -8.10 28.25
C MSE C 21 -24.13 -8.19 27.42
O MSE C 21 -24.82 -9.21 27.46
CB MSE C 21 -21.71 -8.77 27.47
CG MSE C 21 -21.51 -8.24 26.04
SE MSE C 21 -20.17 -9.18 25.06
CE MSE C 21 -18.66 -8.04 25.34
N LEU C 22 -24.46 -7.12 26.70
CA LEU C 22 -25.62 -7.10 25.81
C LEU C 22 -25.21 -6.27 24.56
N THR C 23 -25.84 -6.57 23.43
CA THR C 23 -25.53 -5.78 22.23
C THR C 23 -26.24 -4.43 22.35
N ALA C 24 -25.73 -3.44 21.63
CA ALA C 24 -26.34 -2.10 21.68
C ALA C 24 -25.94 -1.41 20.39
N TYR C 25 -26.89 -0.77 19.71
CA TYR C 25 -26.54 -0.13 18.45
C TYR C 25 -27.06 1.31 18.43
N GLU C 26 -27.65 1.72 19.55
CA GLU C 26 -28.21 3.08 19.59
C GLU C 26 -27.88 3.74 20.93
N SER C 27 -27.93 5.05 20.92
CA SER C 27 -27.65 5.83 22.10
C SER C 27 -28.69 5.62 23.20
N SER C 28 -30.00 5.69 22.87
CA SER C 28 -31.00 5.56 23.92
C SER C 28 -30.96 4.22 24.64
N PHE C 29 -30.89 3.15 23.86
CA PHE C 29 -30.84 1.82 24.46
C PHE C 29 -29.55 1.64 25.24
N ALA C 30 -28.43 2.15 24.72
CA ALA C 30 -27.14 2.01 25.43
C ALA C 30 -27.17 2.67 26.81
N ALA C 31 -27.76 3.85 26.91
CA ALA C 31 -27.83 4.56 28.19
C ALA C 31 -28.75 3.80 29.16
N LEU C 32 -29.84 3.25 28.63
CA LEU C 32 -30.76 2.44 29.46
C LEU C 32 -30.03 1.22 30.01
N MSE C 33 -29.34 0.49 29.11
CA MSE C 33 -28.62 -0.70 29.56
C MSE C 33 -27.53 -0.33 30.58
O MSE C 33 -27.35 -1.03 31.57
CB MSE C 33 -28.04 -1.46 28.38
CG MSE C 33 -29.09 -2.18 27.54
SE MSE C 33 -28.34 -2.94 25.95
CE MSE C 33 -27.99 -1.39 24.95
N ASP C 34 -26.82 0.77 30.33
CA ASP C 34 -25.78 1.23 31.24
C ASP C 34 -26.39 1.47 32.63
N ASP C 35 -27.49 2.23 32.69
CA ASP C 35 -28.14 2.49 33.97
C ASP C 35 -28.65 1.18 34.60
N ALA C 36 -29.03 0.21 33.80
CA ALA C 36 -29.54 -1.06 34.34
C ALA C 36 -28.45 -2.01 34.80
N GLY C 37 -27.18 -1.65 34.75
CA GLY C 37 -26.09 -2.47 35.23
C GLY C 37 -25.39 -3.34 34.20
N VAL C 38 -25.68 -3.11 32.91
CA VAL C 38 -24.98 -3.93 31.91
C VAL C 38 -23.54 -3.42 31.90
N GLU C 39 -22.55 -4.29 32.07
CA GLU C 39 -21.17 -3.86 32.14
C GLU C 39 -20.42 -3.69 30.85
N MSE C 40 -20.75 -4.46 29.84
CA MSE C 40 -20.14 -4.46 28.53
C MSE C 40 -21.23 -4.29 27.46
O MSE C 40 -22.21 -5.03 27.46
CB MSE C 40 -19.39 -5.79 28.25
CG MSE C 40 -18.26 -6.08 29.24
SE MSE C 40 -17.40 -7.77 28.90
CE MSE C 40 -16.15 -7.25 27.55
N LEU C 41 -21.09 -3.26 26.64
CA LEU C 41 -22.03 -2.97 25.57
C LEU C 41 -21.38 -3.41 24.26
N LEU C 42 -21.91 -4.46 23.64
CA LEU C 42 -21.35 -4.97 22.41
C LEU C 42 -21.98 -4.39 21.15
N VAL C 43 -21.21 -3.53 20.46
CA VAL C 43 -21.73 -2.98 19.18
C VAL C 43 -21.36 -4.06 18.16
N GLY C 44 -22.22 -5.06 17.99
CA GLY C 44 -21.89 -6.19 17.14
C GLY C 44 -22.31 -6.06 15.70
N ASP C 45 -21.65 -6.85 14.82
CA ASP C 45 -22.00 -6.84 13.40
C ASP C 45 -23.37 -7.51 13.20
N SER C 46 -24.00 -8.02 14.25
CA SER C 46 -25.33 -8.56 14.34
C SER C 46 -26.34 -7.45 14.00
N LEU C 47 -25.90 -6.17 14.03
CA LEU C 47 -26.75 -5.07 13.60
C LEU C 47 -27.06 -5.23 12.11
N GLY C 48 -26.28 -6.01 11.35
CA GLY C 48 -26.57 -6.20 9.92
C GLY C 48 -27.93 -6.90 9.74
N MSE C 49 -28.34 -7.69 10.75
CA MSE C 49 -29.59 -8.41 10.76
C MSE C 49 -30.64 -7.70 11.58
O MSE C 49 -31.72 -7.39 11.05
CB MSE C 49 -29.34 -9.86 11.25
CG MSE C 49 -27.99 -10.40 10.70
SE MSE C 49 -27.75 -12.27 10.72
CE MSE C 49 -29.46 -12.93 10.23
N ALA C 50 -30.34 -7.27 12.80
CA ALA C 50 -31.29 -6.61 13.66
C ALA C 50 -31.65 -5.19 13.27
N VAL C 51 -30.66 -4.43 12.77
CA VAL C 51 -30.88 -3.06 12.40
C VAL C 51 -31.10 -2.88 10.90
N GLN C 52 -30.23 -3.45 10.10
CA GLN C 52 -30.29 -3.34 8.65
C GLN C 52 -31.27 -4.31 8.00
N GLY C 53 -31.58 -5.41 8.65
CA GLY C 53 -32.51 -6.40 8.15
C GLY C 53 -31.93 -7.31 7.08
N ARG C 54 -30.62 -7.47 7.02
CA ARG C 54 -30.01 -8.34 6.01
C ARG C 54 -30.05 -9.79 6.51
N LYS C 55 -29.69 -10.74 5.68
CA LYS C 55 -29.70 -12.16 6.01
C LYS C 55 -28.40 -12.61 6.66
N SER C 56 -27.37 -11.77 6.57
CA SER C 56 -26.11 -12.15 7.24
C SER C 56 -25.41 -10.86 7.68
N THR C 57 -24.31 -11.02 8.41
CA THR C 57 -23.58 -9.85 8.87
C THR C 57 -22.45 -9.51 7.90
N LEU C 58 -22.27 -10.25 6.81
CA LEU C 58 -21.15 -9.97 5.91
C LEU C 58 -21.18 -8.63 5.23
N PRO C 59 -22.32 -8.10 4.79
CA PRO C 59 -22.40 -6.80 4.16
C PRO C 59 -22.15 -5.61 5.07
N VAL C 60 -22.10 -5.79 6.39
CA VAL C 60 -21.83 -4.69 7.32
C VAL C 60 -20.45 -4.11 7.03
N SER C 61 -20.35 -2.79 6.86
CA SER C 61 -19.11 -2.13 6.57
C SER C 61 -18.46 -1.49 7.79
N LEU C 62 -17.20 -1.10 7.60
CA LEU C 62 -16.44 -0.45 8.66
C LEU C 62 -17.13 0.89 9.02
N ARG C 63 -17.63 1.58 7.98
CA ARG C 63 -18.33 2.84 8.23
C ARG C 63 -19.58 2.58 9.09
N ASP C 64 -20.30 1.49 8.83
CA ASP C 64 -21.49 1.20 9.64
C ASP C 64 -21.09 0.96 11.10
N MSE C 65 -20.01 0.22 11.33
CA MSE C 65 -19.55 -0.07 12.70
C MSE C 65 -19.11 1.19 13.41
O MSE C 65 -19.44 1.43 14.56
CB MSE C 65 -18.46 -1.14 12.68
CG MSE C 65 -18.88 -2.49 12.09
SE MSE C 65 -20.43 -3.25 12.99
CE MSE C 65 -19.94 -2.82 14.79
N CYS C 66 -18.39 2.10 12.70
CA CYS C 66 -17.98 3.36 13.34
C CYS C 66 -19.18 4.20 13.69
N TYR C 67 -20.17 4.23 12.79
CA TYR C 67 -21.37 5.04 13.06
C TYR C 67 -22.09 4.58 14.30
N HIS C 68 -22.40 3.27 14.37
CA HIS C 68 -23.15 2.76 15.52
C HIS C 68 -22.30 2.88 16.78
N THR C 69 -20.98 2.72 16.65
CA THR C 69 -20.10 2.89 17.82
C THR C 69 -20.22 4.30 18.35
N GLU C 70 -20.21 5.29 17.46
CA GLU C 70 -20.38 6.68 17.88
C GLU C 70 -21.72 6.90 18.58
N CYS C 71 -22.81 6.40 17.99
CA CYS C 71 -24.12 6.56 18.62
C CYS C 71 -24.11 6.00 20.02
N VAL C 72 -23.69 4.74 20.17
CA VAL C 72 -23.64 4.11 21.49
C VAL C 72 -22.77 4.86 22.47
N ALA C 73 -21.63 5.41 21.99
CA ALA C 73 -20.72 6.13 22.86
C ALA C 73 -21.35 7.42 23.37
N ARG C 74 -22.38 7.96 22.71
CA ARG C 74 -22.98 9.19 23.28
C ARG C 74 -23.98 8.82 24.37
N GLY C 75 -24.40 7.55 24.47
CA GLY C 75 -25.32 7.13 25.50
C GLY C 75 -24.67 6.48 26.70
N ALA C 76 -23.60 5.75 26.50
CA ALA C 76 -22.88 5.03 27.52
C ALA C 76 -22.21 5.95 28.54
N LYS C 77 -22.12 5.49 29.77
CA LYS C 77 -21.47 6.27 30.82
C LYS C 77 -20.35 5.46 31.49
N ASN C 78 -20.74 4.41 32.18
CA ASN C 78 -19.81 3.57 32.90
C ASN C 78 -19.44 2.27 32.20
N ALA C 79 -20.37 1.78 31.38
CA ALA C 79 -20.11 0.51 30.69
C ALA C 79 -19.01 0.61 29.65
N MSE C 80 -18.36 -0.52 29.43
CA MSE C 80 -17.31 -0.63 28.44
C MSE C 80 -17.95 -0.89 27.07
O MSE C 80 -18.82 -1.76 26.96
CB MSE C 80 -16.37 -1.78 28.79
CG MSE C 80 -15.28 -1.95 27.70
SE MSE C 80 -14.38 -3.63 28.04
CE MSE C 80 -13.32 -2.97 29.52
N ILE C 81 -17.46 -0.20 26.06
CA ILE C 81 -17.98 -0.37 24.70
C ILE C 81 -17.09 -1.27 23.88
N VAL C 82 -17.66 -2.38 23.42
CA VAL C 82 -16.87 -3.32 22.61
C VAL C 82 -17.37 -3.26 21.18
N SER C 83 -16.47 -3.00 20.23
CA SER C 83 -16.99 -2.92 18.85
C SER C 83 -16.48 -4.02 17.93
N ASP C 84 -17.40 -4.62 17.15
CA ASP C 84 -16.96 -5.66 16.23
C ASP C 84 -16.18 -5.08 15.04
N LEU C 85 -15.17 -5.84 14.62
CA LEU C 85 -14.43 -5.51 13.40
C LEU C 85 -15.29 -6.25 12.32
N PRO C 86 -15.84 -5.55 11.37
CA PRO C 86 -16.76 -6.12 10.38
C PRO C 86 -16.08 -6.96 9.32
N PHE C 87 -16.80 -7.93 8.77
CA PHE C 87 -16.26 -8.85 7.77
C PHE C 87 -15.61 -8.11 6.61
N GLY C 88 -14.40 -8.51 6.23
CA GLY C 88 -13.69 -7.88 5.13
C GLY C 88 -12.82 -6.70 5.54
N ALA C 89 -13.05 -6.16 6.74
CA ALA C 89 -12.31 -5.00 7.21
C ALA C 89 -11.05 -5.31 8.03
N TYR C 90 -10.77 -6.54 8.40
CA TYR C 90 -9.60 -6.83 9.21
C TYR C 90 -8.88 -8.12 8.95
N GLN C 91 -9.41 -9.01 8.10
CA GLN C 91 -8.77 -10.28 7.86
C GLN C 91 -7.69 -10.26 6.80
N GLN C 92 -7.51 -9.15 6.11
CA GLN C 92 -6.49 -9.10 5.06
C GLN C 92 -5.07 -9.25 5.59
N SER C 93 -4.81 -8.65 6.73
CA SER C 93 -3.50 -8.70 7.39
C SER C 93 -3.64 -8.09 8.79
N LYS C 94 -2.66 -8.28 9.65
CA LYS C 94 -2.72 -7.68 11.00
C LYS C 94 -2.65 -6.15 10.88
N GLU C 95 -1.98 -5.64 9.83
CA GLU C 95 -1.85 -4.21 9.61
C GLU C 95 -3.22 -3.61 9.24
N GLN C 96 -4.02 -4.36 8.46
CA GLN C 96 -5.35 -3.87 8.10
C GLN C 96 -6.23 -3.89 9.34
N ALA C 97 -6.19 -5.02 10.09
CA ALA C 97 -7.00 -5.11 11.29
C ALA C 97 -6.68 -3.92 12.21
N PHE C 98 -5.39 -3.60 12.37
CA PHE C 98 -5.00 -2.49 13.22
C PHE C 98 -5.62 -1.18 12.74
N ALA C 99 -5.59 -0.90 11.43
CA ALA C 99 -6.18 0.35 10.92
C ALA C 99 -7.68 0.37 11.19
N ALA C 100 -8.39 -0.75 11.01
CA ALA C 100 -9.84 -0.81 11.26
C ALA C 100 -10.14 -0.68 12.75
N ALA C 101 -9.35 -1.34 13.59
CA ALA C 101 -9.54 -1.26 15.04
C ALA C 101 -9.30 0.17 15.53
N ALA C 102 -8.30 0.85 14.96
CA ALA C 102 -8.01 2.24 15.33
C ALA C 102 -9.17 3.14 14.98
N GLU C 103 -9.84 2.90 13.84
CA GLU C 103 -11.02 3.73 13.50
C GLU C 103 -12.11 3.48 14.54
N LEU C 104 -12.32 2.22 14.93
CA LEU C 104 -13.37 1.95 15.96
C LEU C 104 -12.99 2.59 17.28
N MSE C 105 -11.69 2.53 17.68
CA MSE C 105 -11.35 3.17 18.94
C MSE C 105 -11.57 4.68 18.82
O MSE C 105 -12.08 5.28 19.77
CB MSE C 105 -9.91 2.86 19.37
CG MSE C 105 -9.56 1.35 19.45
SE MSE C 105 -10.48 0.45 20.85
CE MSE C 105 -9.80 1.33 22.42
N ALA C 106 -11.26 5.28 17.67
CA ALA C 106 -11.46 6.72 17.49
C ALA C 106 -12.95 7.06 17.52
N ALA C 107 -13.82 6.13 17.13
CA ALA C 107 -15.26 6.38 17.16
C ALA C 107 -15.83 6.22 18.56
N GLY C 108 -15.04 5.79 19.54
CA GLY C 108 -15.52 5.63 20.89
C GLY C 108 -15.42 4.24 21.49
N ALA C 109 -15.02 3.21 20.77
CA ALA C 109 -14.91 1.89 21.40
C ALA C 109 -13.77 1.85 22.42
N HIS C 110 -13.85 0.92 23.38
CA HIS C 110 -12.87 0.70 24.43
C HIS C 110 -12.19 -0.66 24.23
N MSE C 111 -12.72 -1.42 23.29
CA MSE C 111 -12.19 -2.75 22.98
C MSE C 111 -12.78 -3.18 21.62
O MSE C 111 -13.86 -2.70 21.28
CB MSE C 111 -12.63 -3.75 24.07
CG MSE C 111 -12.24 -5.21 23.81
SE MSE C 111 -12.89 -6.36 25.26
CE MSE C 111 -11.87 -5.64 26.70
N VAL C 112 -12.09 -4.01 20.86
CA VAL C 112 -12.62 -4.49 19.59
C VAL C 112 -12.76 -6.02 19.66
N LYS C 113 -13.72 -6.53 18.90
CA LYS C 113 -13.94 -7.97 18.84
C LYS C 113 -13.60 -8.47 17.43
N LEU C 114 -12.90 -9.57 17.35
CA LEU C 114 -12.54 -10.14 16.04
C LEU C 114 -12.87 -11.64 16.06
N GLU C 115 -13.21 -12.21 14.93
CA GLU C 115 -13.58 -13.62 14.82
C GLU C 115 -12.46 -14.45 14.23
N GLY C 116 -12.22 -15.64 14.76
CA GLY C 116 -11.17 -16.51 14.22
C GLY C 116 -10.40 -17.28 15.27
N GLY C 117 -9.90 -18.44 14.86
CA GLY C 117 -9.12 -19.30 15.76
C GLY C 117 -7.64 -18.90 15.77
N VAL C 118 -6.78 -19.91 15.85
CA VAL C 118 -5.35 -19.77 15.89
C VAL C 118 -4.76 -18.83 14.84
N TRP C 119 -5.24 -18.87 13.61
CA TRP C 119 -4.74 -18.05 12.53
C TRP C 119 -4.94 -16.55 12.79
N MSE C 120 -5.80 -16.15 13.71
CA MSE C 120 -6.02 -14.77 14.06
C MSE C 120 -5.27 -14.32 15.31
O MSE C 120 -5.26 -13.12 15.59
CB MSE C 120 -7.52 -14.49 14.22
CG MSE C 120 -8.22 -14.33 12.88
SE MSE C 120 -7.74 -12.66 12.03
CE MSE C 120 -6.59 -13.24 10.68
N ALA C 121 -4.59 -15.22 16.00
CA ALA C 121 -3.87 -14.88 17.23
C ALA C 121 -2.75 -13.88 16.98
N GLU C 122 -2.08 -13.95 15.84
CA GLU C 122 -1.02 -12.99 15.52
C GLU C 122 -1.63 -11.59 15.45
N THR C 123 -2.83 -11.50 14.85
CA THR C 123 -3.52 -10.21 14.76
C THR C 123 -3.84 -9.70 16.17
N THR C 124 -4.32 -10.59 17.04
CA THR C 124 -4.63 -10.23 18.42
C THR C 124 -3.38 -9.66 19.12
N GLU C 125 -2.26 -10.36 18.95
CA GLU C 125 -1.02 -9.88 19.57
C GLU C 125 -0.64 -8.48 19.06
N PHE C 126 -0.70 -8.33 17.74
CA PHE C 126 -0.35 -7.04 17.13
C PHE C 126 -1.18 -5.91 17.70
N LEU C 127 -2.50 -6.08 17.77
CA LEU C 127 -3.39 -5.02 18.26
C LEU C 127 -3.19 -4.71 19.73
N GLN C 128 -3.14 -5.75 20.55
CA GLN C 128 -3.00 -5.65 21.99
C GLN C 128 -1.68 -4.97 22.35
N MSE C 129 -0.62 -5.28 21.60
CA MSE C 129 0.69 -4.64 21.89
C MSE C 129 0.64 -3.15 21.63
O MSE C 129 1.31 -2.37 22.29
CB MSE C 129 1.79 -5.30 21.06
CG MSE C 129 3.17 -4.69 21.23
CG MSE C 129 1.76 -7.11 21.17
CG MSE C 129 2.11 -6.71 21.55
SE MSE C 129 4.58 -5.74 20.49
SE MSE C 129 3.53 -7.51 21.11
SE MSE C 129 2.98 -6.66 23.26
CE MSE C 129 3.74 -6.53 18.97
CE MSE C 129 4.45 -6.38 22.12
CE MSE C 129 4.42 -5.47 22.86
N ARG C 130 -0.27 -2.69 20.75
CA ARG C 130 -0.36 -1.27 20.44
C ARG C 130 -1.45 -0.57 21.20
N GLY C 131 -1.94 -1.11 22.31
CA GLY C 131 -2.95 -0.45 23.13
C GLY C 131 -4.39 -0.71 22.81
N ILE C 132 -4.70 -1.57 21.85
CA ILE C 132 -6.09 -1.88 21.52
C ILE C 132 -6.50 -3.20 22.16
N PRO C 133 -7.38 -3.16 23.17
CA PRO C 133 -7.86 -4.36 23.85
C PRO C 133 -8.66 -5.19 22.86
N VAL C 134 -8.46 -6.50 22.86
CA VAL C 134 -9.12 -7.37 21.92
C VAL C 134 -9.94 -8.49 22.57
N CYS C 135 -11.17 -8.60 22.08
CA CYS C 135 -12.05 -9.69 22.48
C CYS C 135 -11.97 -10.73 21.35
N ALA C 136 -11.43 -11.90 21.60
CA ALA C 136 -11.34 -12.92 20.54
C ALA C 136 -12.63 -13.75 20.53
N HIS C 137 -13.29 -13.85 19.40
CA HIS C 137 -14.53 -14.59 19.26
C HIS C 137 -14.30 -15.93 18.59
N ILE C 138 -14.49 -17.01 19.37
CA ILE C 138 -14.25 -18.37 18.83
C ILE C 138 -15.50 -19.21 18.89
N GLY C 139 -15.41 -20.45 18.42
CA GLY C 139 -16.59 -21.33 18.42
C GLY C 139 -17.32 -21.07 17.09
N LEU C 140 -18.60 -20.79 17.16
CA LEU C 140 -19.41 -20.46 15.97
C LEU C 140 -19.16 -18.99 15.62
N THR C 141 -18.63 -18.73 14.44
CA THR C 141 -18.32 -17.33 14.05
C THR C 141 -19.19 -17.00 12.85
N PRO C 142 -20.26 -16.25 13.09
CA PRO C 142 -21.23 -15.86 12.09
C PRO C 142 -20.66 -15.29 10.82
N GLN C 143 -19.50 -14.62 10.89
CA GLN C 143 -18.87 -14.09 9.67
C GLN C 143 -18.45 -15.20 8.73
N SER C 144 -18.26 -16.43 9.24
CA SER C 144 -17.90 -17.53 8.37
C SER C 144 -19.10 -18.45 8.17
N VAL C 145 -20.31 -17.89 8.24
CA VAL C 145 -21.55 -18.61 8.07
C VAL C 145 -21.68 -19.33 6.74
N PHE C 146 -21.15 -18.77 5.67
CA PHE C 146 -21.25 -19.41 4.36
C PHE C 146 -20.26 -20.53 4.19
N ALA C 147 -19.20 -20.58 4.98
CA ALA C 147 -18.19 -21.63 4.90
C ALA C 147 -18.52 -22.76 5.89
N LYS C 159 -12.49 -31.16 17.05
CA LYS C 159 -13.17 -29.91 17.36
C LYS C 159 -12.97 -29.45 18.79
N ALA C 160 -12.99 -30.33 19.78
CA ALA C 160 -12.78 -29.89 21.17
C ALA C 160 -11.36 -29.33 21.36
N GLN C 161 -10.37 -30.06 20.85
CA GLN C 161 -8.98 -29.64 20.95
C GLN C 161 -8.73 -28.39 20.09
N ALA C 162 -9.48 -28.24 19.01
CA ALA C 162 -9.35 -27.06 18.16
C ALA C 162 -9.83 -25.83 18.94
N LEU C 163 -10.99 -25.90 19.57
CA LEU C 163 -11.52 -24.83 20.37
C LEU C 163 -10.55 -24.40 21.47
N LEU C 164 -10.05 -25.37 22.24
CA LEU C 164 -9.08 -25.11 23.29
C LEU C 164 -7.81 -24.48 22.72
N ASN C 165 -7.33 -24.97 21.60
CA ASN C 165 -6.15 -24.40 20.95
C ASN C 165 -6.40 -22.94 20.58
N ASP C 166 -7.56 -22.66 20.00
CA ASP C 166 -7.90 -21.28 19.62
C ASP C 166 -7.90 -20.37 20.85
N ALA C 167 -8.61 -20.82 21.89
CA ALA C 167 -8.70 -20.06 23.13
C ALA C 167 -7.32 -19.83 23.74
N LYS C 168 -6.51 -20.88 23.77
CA LYS C 168 -5.16 -20.77 24.31
C LYS C 168 -4.27 -19.84 23.50
N ALA C 169 -4.28 -19.97 22.18
CA ALA C 169 -3.47 -19.11 21.33
C ALA C 169 -3.86 -17.64 21.53
N HIS C 170 -5.18 -17.35 21.61
CA HIS C 170 -5.59 -15.97 21.79
C HIS C 170 -5.16 -15.43 23.15
N ASP C 171 -5.32 -16.26 24.19
CA ASP C 171 -4.93 -15.91 25.55
C ASP C 171 -3.42 -15.66 25.63
N ASP C 172 -2.64 -16.48 24.92
CA ASP C 172 -1.18 -16.33 24.90
C ASP C 172 -0.80 -15.05 24.13
N ALA C 173 -1.64 -14.65 23.17
CA ALA C 173 -1.36 -13.42 22.40
C ALA C 173 -1.73 -12.17 23.19
N GLY C 174 -2.42 -12.28 24.34
CA GLY C 174 -2.79 -11.14 25.13
C GLY C 174 -4.24 -10.69 24.98
N ALA C 175 -5.12 -11.58 24.51
CA ALA C 175 -6.53 -11.19 24.39
C ALA C 175 -7.04 -10.74 25.75
N ALA C 176 -7.81 -9.67 25.80
CA ALA C 176 -8.34 -9.20 27.09
C ALA C 176 -9.53 -10.05 27.49
N VAL C 177 -10.29 -10.52 26.49
CA VAL C 177 -11.48 -11.36 26.73
C VAL C 177 -11.60 -12.40 25.61
N VAL C 178 -12.07 -13.59 25.93
CA VAL C 178 -12.34 -14.62 24.93
C VAL C 178 -13.86 -14.86 24.92
N LEU C 179 -14.47 -14.69 23.75
CA LEU C 179 -15.92 -14.88 23.66
C LEU C 179 -16.22 -16.20 22.90
N MSE C 180 -17.04 -17.05 23.51
CA MSE C 180 -17.40 -18.31 22.86
C MSE C 180 -18.87 -18.32 22.45
O MSE C 180 -19.73 -18.00 23.25
CB MSE C 180 -17.15 -19.49 23.83
CG MSE C 180 -15.64 -19.68 24.08
SE MSE C 180 -15.32 -21.18 25.23
CE MSE C 180 -15.70 -20.37 26.89
N GLU C 181 -19.19 -18.74 21.24
CA GLU C 181 -20.57 -18.82 20.78
C GLU C 181 -20.93 -20.26 20.39
N CYS C 182 -22.02 -20.77 20.91
CA CYS C 182 -22.51 -22.11 20.59
C CYS C 182 -21.46 -23.19 20.74
N VAL C 183 -21.09 -23.41 21.99
CA VAL C 183 -20.07 -24.39 22.35
C VAL C 183 -20.62 -25.32 23.43
N LEU C 184 -20.25 -26.59 23.33
CA LEU C 184 -20.69 -27.53 24.38
C LEU C 184 -20.29 -26.94 25.73
N ALA C 185 -21.24 -26.82 26.65
CA ALA C 185 -21.01 -26.26 27.96
C ALA C 185 -19.80 -26.84 28.70
N GLU C 186 -19.58 -28.15 28.73
CA GLU C 186 -18.45 -28.73 29.43
C GLU C 186 -17.13 -28.23 28.85
N LEU C 187 -17.07 -28.09 27.53
CA LEU C 187 -15.87 -27.57 26.88
C LEU C 187 -15.66 -26.08 27.19
N ALA C 188 -16.75 -25.33 27.28
CA ALA C 188 -16.61 -23.88 27.58
C ALA C 188 -15.98 -23.76 28.97
N LYS C 189 -16.43 -24.66 29.86
CA LYS C 189 -15.94 -24.70 31.23
C LYS C 189 -14.42 -24.88 31.27
N LYS C 190 -13.87 -25.83 30.53
CA LYS C 190 -12.44 -26.08 30.52
C LYS C 190 -11.68 -24.85 30.03
N VAL C 191 -12.18 -24.28 28.94
CA VAL C 191 -11.58 -23.07 28.41
C VAL C 191 -11.52 -21.98 29.48
N THR C 192 -12.62 -21.72 30.15
CA THR C 192 -12.70 -20.66 31.16
C THR C 192 -11.69 -20.87 32.29
N GLU C 193 -11.52 -22.13 32.67
CA GLU C 193 -10.62 -22.57 33.69
C GLU C 193 -9.16 -22.55 33.23
N THR C 194 -8.89 -22.65 31.93
CA THR C 194 -7.52 -22.65 31.47
C THR C 194 -7.03 -21.33 30.94
N VAL C 195 -7.86 -20.37 30.61
CA VAL C 195 -7.31 -19.08 30.11
C VAL C 195 -7.18 -18.08 31.24
N SER C 196 -6.24 -17.14 31.11
CA SER C 196 -6.05 -16.13 32.15
C SER C 196 -7.07 -15.01 32.06
N CYS C 197 -7.62 -14.78 30.89
CA CYS C 197 -8.61 -13.73 30.66
C CYS C 197 -10.05 -14.18 30.91
N PRO C 198 -10.92 -13.22 31.20
CA PRO C 198 -12.34 -13.50 31.36
C PRO C 198 -12.88 -14.08 30.06
N THR C 199 -13.89 -14.92 30.16
CA THR C 199 -14.55 -15.49 29.00
C THR C 199 -16.02 -15.02 29.04
N ILE C 200 -16.60 -14.85 27.87
CA ILE C 200 -18.00 -14.45 27.77
C ILE C 200 -18.67 -15.51 26.87
N GLY C 201 -19.87 -15.96 27.23
CA GLY C 201 -20.49 -16.97 26.37
C GLY C 201 -21.88 -16.59 25.88
N ILE C 202 -22.26 -17.24 24.81
CA ILE C 202 -23.60 -17.14 24.21
C ILE C 202 -23.86 -18.53 23.59
N GLY C 203 -24.70 -19.32 24.27
CA GLY C 203 -24.98 -20.68 23.80
C GLY C 203 -23.74 -21.52 24.17
N ALA C 204 -23.11 -21.12 25.29
CA ALA C 204 -21.90 -21.79 25.73
C ALA C 204 -22.01 -22.29 27.15
N GLY C 205 -23.19 -22.23 27.77
CA GLY C 205 -23.38 -22.69 29.13
C GLY C 205 -23.06 -21.60 30.13
N ALA C 206 -23.34 -21.87 31.38
CA ALA C 206 -23.13 -20.94 32.47
C ALA C 206 -21.73 -20.98 33.03
N ASP C 207 -20.89 -21.90 32.59
CA ASP C 207 -19.51 -21.94 33.11
C ASP C 207 -18.58 -21.03 32.32
N CYS C 208 -18.99 -19.80 32.13
CA CYS C 208 -18.21 -18.76 31.46
C CYS C 208 -18.11 -17.65 32.51
N ASP C 209 -17.22 -16.70 32.35
CA ASP C 209 -17.15 -15.62 33.35
C ASP C 209 -18.23 -14.60 33.11
N GLY C 210 -18.96 -14.71 31.99
CA GLY C 210 -20.02 -13.75 31.70
C GLY C 210 -20.86 -14.21 30.53
N GLN C 211 -21.95 -13.51 30.27
CA GLN C 211 -22.87 -13.86 29.21
C GLN C 211 -23.19 -12.72 28.28
N VAL C 212 -23.52 -13.05 27.03
CA VAL C 212 -23.96 -12.02 26.10
C VAL C 212 -25.20 -12.49 25.35
N LEU C 213 -26.12 -11.59 25.02
CA LEU C 213 -27.30 -11.90 24.24
C LEU C 213 -27.53 -10.72 23.26
N VAL C 214 -28.17 -10.95 22.14
CA VAL C 214 -28.49 -9.84 21.22
C VAL C 214 -29.71 -9.17 21.83
N MSE C 215 -29.69 -7.86 22.06
CA MSE C 215 -30.79 -7.16 22.66
C MSE C 215 -32.14 -7.51 22.05
O MSE C 215 -33.10 -7.85 22.77
CB MSE C 215 -30.58 -5.62 22.52
CG MSE C 215 -31.65 -4.81 23.24
SE MSE C 215 -31.68 -2.93 22.81
CE MSE C 215 -32.93 -2.93 21.39
N HIS C 216 -32.27 -7.41 20.73
CA HIS C 216 -33.56 -7.70 20.09
C HIS C 216 -34.03 -9.12 20.42
N ASP C 217 -33.12 -10.07 20.56
CA ASP C 217 -33.50 -11.43 20.91
C ASP C 217 -34.11 -11.51 22.32
N MSE C 218 -33.39 -10.96 23.30
CA MSE C 218 -33.88 -11.07 24.68
C MSE C 218 -35.06 -10.18 24.99
O MSE C 218 -35.70 -10.40 26.03
CB MSE C 218 -32.76 -10.94 25.71
CG MSE C 218 -31.88 -9.71 25.56
SE MSE C 218 -32.61 -8.09 26.23
CE MSE C 218 -32.33 -8.29 28.13
N LEU C 219 -35.35 -9.18 24.15
CA LEU C 219 -36.49 -8.32 24.33
C LEU C 219 -37.70 -8.90 23.56
N GLY C 220 -37.50 -10.00 22.84
CA GLY C 220 -38.57 -10.62 22.07
C GLY C 220 -39.07 -9.77 20.90
N ILE C 221 -38.14 -9.07 20.24
CA ILE C 221 -38.51 -8.19 19.13
C ILE C 221 -38.76 -8.96 17.85
N PHE C 222 -38.24 -10.19 17.77
CA PHE C 222 -38.41 -11.01 16.58
C PHE C 222 -39.59 -11.95 16.65
N PRO C 223 -40.34 -12.02 15.56
CA PRO C 223 -41.48 -12.92 15.47
C PRO C 223 -40.97 -14.34 15.26
N GLY C 224 -41.46 -15.29 16.02
CA GLY C 224 -41.00 -16.68 15.83
C GLY C 224 -40.49 -17.24 17.15
N LYS C 225 -40.16 -18.52 17.14
CA LYS C 225 -39.68 -19.19 18.32
C LYS C 225 -38.37 -18.61 18.84
N THR C 226 -38.32 -18.36 20.14
CA THR C 226 -37.12 -17.87 20.81
C THR C 226 -35.97 -18.85 20.55
N ALA C 227 -34.81 -18.35 20.14
CA ALA C 227 -33.65 -19.25 19.93
C ALA C 227 -33.42 -20.04 21.23
N LYS C 228 -33.07 -21.30 21.08
CA LYS C 228 -32.85 -22.22 22.16
C LYS C 228 -32.13 -21.71 23.38
N PHE C 229 -30.93 -21.13 23.17
CA PHE C 229 -30.13 -20.63 24.27
C PHE C 229 -30.43 -19.17 24.60
N VAL C 230 -31.54 -18.64 24.13
CA VAL C 230 -31.93 -17.27 24.39
C VAL C 230 -33.15 -17.27 25.32
N LYS C 231 -33.20 -16.35 26.27
CA LYS C 231 -34.40 -16.23 27.09
C LYS C 231 -35.07 -14.88 26.84
N ASN C 232 -36.39 -14.88 26.73
CA ASN C 232 -37.10 -13.62 26.56
C ASN C 232 -37.24 -12.94 27.92
N PHE C 233 -36.53 -11.86 28.18
CA PHE C 233 -36.56 -11.14 29.43
C PHE C 233 -37.58 -10.01 29.46
N MSE C 234 -38.14 -9.67 28.30
CA MSE C 234 -39.17 -8.62 28.22
C MSE C 234 -40.44 -9.16 28.90
O MSE C 234 -41.10 -8.47 29.64
CB MSE C 234 -39.46 -8.30 26.76
CG MSE C 234 -40.48 -7.27 26.42
SE MSE C 234 -40.06 -5.46 26.83
CE MSE C 234 -40.68 -5.23 28.58
N GLN C 235 -40.71 -10.44 28.67
CA GLN C 235 -41.89 -11.09 29.21
C GLN C 235 -41.96 -10.98 30.72
N GLY C 236 -43.12 -10.58 31.26
CA GLY C 236 -43.26 -10.46 32.70
C GLY C 236 -42.95 -9.08 33.24
N HIS C 237 -42.47 -8.15 32.39
CA HIS C 237 -42.14 -6.80 32.87
C HIS C 237 -42.81 -5.79 31.96
N ASP C 238 -42.98 -4.55 32.40
CA ASP C 238 -43.63 -3.55 31.58
C ASP C 238 -42.78 -2.32 31.33
N SER C 239 -41.48 -2.54 31.26
CA SER C 239 -40.50 -1.51 30.95
C SER C 239 -39.25 -2.24 30.43
N VAL C 240 -38.59 -1.66 29.45
CA VAL C 240 -37.37 -2.21 28.87
C VAL C 240 -36.29 -2.17 29.95
N GLN C 241 -36.39 -1.14 30.80
CA GLN C 241 -35.46 -1.00 31.90
C GLN C 241 -35.52 -2.23 32.81
N ALA C 242 -36.74 -2.64 33.19
CA ALA C 242 -36.92 -3.78 34.07
C ALA C 242 -36.50 -5.07 33.40
N ALA C 243 -36.71 -5.19 32.08
CA ALA C 243 -36.27 -6.36 31.35
C ALA C 243 -34.76 -6.52 31.38
N VAL C 244 -34.03 -5.41 31.21
CA VAL C 244 -32.56 -5.51 31.20
C VAL C 244 -32.06 -5.84 32.60
N ARG C 245 -32.64 -5.13 33.60
CA ARG C 245 -32.25 -5.41 34.98
C ARG C 245 -32.47 -6.89 35.32
N ALA C 246 -33.52 -7.51 34.81
CA ALA C 246 -33.78 -8.93 35.09
C ALA C 246 -32.72 -9.80 34.47
N TYR C 247 -32.28 -9.46 33.27
CA TYR C 247 -31.22 -10.24 32.60
C TYR C 247 -29.93 -10.15 33.42
N VAL C 248 -29.57 -8.93 33.82
CA VAL C 248 -28.33 -8.75 34.61
C VAL C 248 -28.41 -9.52 35.93
N ALA C 249 -29.56 -9.49 36.61
CA ALA C 249 -29.71 -10.21 37.87
C ALA C 249 -29.62 -11.72 37.70
N GLU C 250 -30.19 -12.27 36.62
CA GLU C 250 -30.13 -13.72 36.42
C GLU C 250 -28.70 -14.14 36.08
N VAL C 251 -28.02 -13.31 35.27
CA VAL C 251 -26.63 -13.61 34.91
C VAL C 251 -25.78 -13.65 36.20
N LYS C 252 -25.93 -12.70 37.08
CA LYS C 252 -25.22 -12.61 38.34
C LYS C 252 -25.56 -13.75 39.31
N ALA C 253 -26.84 -14.10 39.40
CA ALA C 253 -27.31 -15.19 40.27
C ALA C 253 -26.98 -16.53 39.63
N LYS C 254 -26.46 -16.52 38.40
CA LYS C 254 -26.10 -17.71 37.69
C LYS C 254 -27.33 -18.56 37.38
N THR C 255 -28.49 -17.92 37.18
CA THR C 255 -29.70 -18.66 36.84
C THR C 255 -29.88 -18.64 35.33
N PHE C 256 -29.16 -17.75 34.67
CA PHE C 256 -29.17 -17.69 33.20
C PHE C 256 -27.71 -17.73 32.73
N PRO C 257 -27.40 -18.55 31.76
CA PRO C 257 -28.35 -19.42 31.09
C PRO C 257 -28.73 -20.63 31.95
N ALA C 258 -29.96 -21.10 31.81
CA ALA C 258 -30.45 -22.26 32.55
C ALA C 258 -29.94 -23.53 31.86
N SER D 2 19.97 30.62 22.39
CA SER D 2 19.14 31.03 21.25
C SER D 2 18.34 29.84 20.71
N LEU D 3 18.52 29.52 19.45
CA LEU D 3 17.82 28.44 18.76
C LEU D 3 18.11 27.07 19.37
N ILE D 4 17.07 26.42 19.87
CA ILE D 4 17.24 25.12 20.52
C ILE D 4 17.29 23.97 19.53
N THR D 5 18.41 23.26 19.52
CA THR D 5 18.63 22.11 18.66
C THR D 5 18.90 20.88 19.51
N VAL D 6 19.10 19.75 18.84
CA VAL D 6 19.37 18.49 19.56
C VAL D 6 20.72 18.59 20.27
N ASN D 7 21.66 19.28 19.61
CA ASN D 7 22.99 19.50 20.20
C ASN D 7 22.84 20.30 21.49
N THR D 8 21.96 21.31 21.51
CA THR D 8 21.72 22.10 22.70
C THR D 8 21.25 21.19 23.84
N LEU D 9 20.28 20.33 23.57
CA LEU D 9 19.78 19.41 24.59
C LEU D 9 20.87 18.49 25.13
N GLN D 10 21.74 18.04 24.23
CA GLN D 10 22.83 17.15 24.61
C GLN D 10 23.83 17.90 25.50
N LYS D 11 24.08 19.16 25.12
CA LYS D 11 25.00 19.98 25.93
C LYS D 11 24.43 20.18 27.32
N MSE D 12 23.12 20.41 27.42
CA MSE D 12 22.46 20.60 28.69
C MSE D 12 22.48 19.34 29.54
O MSE D 12 22.63 19.34 30.75
CB MSE D 12 21.01 21.09 28.43
CG MSE D 12 20.96 22.49 27.80
SE MSE D 12 19.14 23.03 27.33
CE MSE D 12 18.42 23.25 29.04
N LYS D 13 22.33 18.18 28.89
CA LYS D 13 22.33 16.93 29.67
C LYS D 13 23.71 16.77 30.34
N ALA D 14 24.75 16.95 29.53
CA ALA D 14 26.11 16.80 30.02
C ALA D 14 26.42 17.82 31.11
N ALA D 15 25.87 19.03 31.00
CA ALA D 15 26.08 20.08 31.95
C ALA D 15 25.20 19.94 33.19
N GLY D 16 24.13 19.18 33.12
CA GLY D 16 23.23 19.01 34.25
C GLY D 16 22.19 20.13 34.26
N GLU D 17 22.03 20.84 33.15
CA GLU D 17 21.04 21.92 33.12
C GLU D 17 19.69 21.35 32.69
N LYS D 18 18.69 21.49 33.55
CA LYS D 18 17.37 20.95 33.31
C LYS D 18 16.63 21.62 32.16
N ILE D 19 16.05 20.78 31.31
CA ILE D 19 15.32 21.23 30.12
C ILE D 19 13.86 21.45 30.46
N ALA D 20 13.33 22.61 30.09
CA ALA D 20 11.93 22.89 30.39
C ALA D 20 11.05 22.66 29.15
N MSE D 21 10.16 21.68 29.25
CA MSE D 21 9.22 21.38 28.16
C MSE D 21 7.80 21.65 28.63
O MSE D 21 7.44 21.48 29.79
CB MSE D 21 9.37 19.92 27.68
CG MSE D 21 8.32 19.46 26.65
SE MSE D 21 8.43 17.53 26.29
CE MSE D 21 9.34 17.63 24.65
N LEU D 22 6.93 22.11 27.74
CA LEU D 22 5.54 22.38 28.05
C LEU D 22 4.73 22.11 26.77
N THR D 23 3.47 21.77 26.93
CA THR D 23 2.64 21.53 25.75
C THR D 23 2.16 22.87 25.22
N ALA D 24 1.88 22.91 23.93
CA ALA D 24 1.45 24.11 23.25
C ALA D 24 0.57 23.71 22.07
N TYR D 25 -0.62 24.31 21.93
CA TYR D 25 -1.51 23.95 20.82
C TYR D 25 -1.89 25.14 19.95
N GLU D 26 -1.52 26.34 20.36
CA GLU D 26 -1.90 27.57 19.65
C GLU D 26 -0.67 28.46 19.45
N SER D 27 -0.77 29.45 18.56
CA SER D 27 0.37 30.31 18.30
C SER D 27 0.63 31.32 19.43
N SER D 28 -0.43 31.87 19.99
CA SER D 28 -0.26 32.91 21.04
C SER D 28 0.44 32.37 22.27
N PHE D 29 -0.05 31.21 22.76
CA PHE D 29 0.55 30.60 23.92
C PHE D 29 1.97 30.15 23.60
N ALA D 30 2.19 29.67 22.38
CA ALA D 30 3.53 29.22 22.00
C ALA D 30 4.54 30.33 22.06
N ALA D 31 4.18 31.50 21.55
CA ALA D 31 5.06 32.66 21.57
C ALA D 31 5.35 33.10 23.00
N LEU D 32 4.32 33.08 23.85
CA LEU D 32 4.45 33.43 25.25
C LEU D 32 5.41 32.49 25.97
N MSE D 33 5.28 31.18 25.79
CA MSE D 33 6.15 30.21 26.45
C MSE D 33 7.58 30.36 25.93
O MSE D 33 8.57 30.29 26.67
CB MSE D 33 5.66 28.78 26.27
CG MSE D 33 4.34 28.48 26.96
SE MSE D 33 3.68 26.70 26.48
CE MSE D 33 2.84 27.10 24.84
N ASP D 34 7.71 30.51 24.62
CA ASP D 34 9.03 30.68 24.01
C ASP D 34 9.71 31.90 24.65
N ASP D 35 8.95 33.01 24.79
CA ASP D 35 9.51 34.23 25.40
C ASP D 35 9.75 34.01 26.88
N ALA D 36 9.03 33.10 27.55
CA ALA D 36 9.25 32.82 28.95
C ALA D 36 10.40 31.84 29.23
N GLY D 37 11.10 31.32 28.22
CA GLY D 37 12.20 30.42 28.44
C GLY D 37 11.90 28.95 28.21
N VAL D 38 10.71 28.59 27.74
CA VAL D 38 10.45 27.14 27.52
C VAL D 38 11.31 26.70 26.35
N GLU D 39 12.07 25.62 26.52
CA GLU D 39 12.96 25.19 25.46
C GLU D 39 12.38 24.20 24.47
N MSE D 40 11.41 23.39 24.91
CA MSE D 40 10.74 22.42 24.04
C MSE D 40 9.24 22.66 24.08
O MSE D 40 8.57 22.62 25.12
CB MSE D 40 11.09 20.97 24.38
CG MSE D 40 12.60 20.66 24.42
SE MSE D 40 13.01 18.89 25.05
CE MSE D 40 12.91 17.88 23.44
N LEU D 41 8.65 22.90 22.92
CA LEU D 41 7.17 23.11 22.87
C LEU D 41 6.56 21.79 22.36
N LEU D 42 5.80 21.12 23.22
CA LEU D 42 5.22 19.85 22.84
C LEU D 42 3.81 19.98 22.29
N VAL D 43 3.61 19.79 21.00
CA VAL D 43 2.24 19.81 20.44
C VAL D 43 1.74 18.38 20.74
N GLY D 44 1.15 18.16 21.91
CA GLY D 44 0.80 16.78 22.24
C GLY D 44 -0.57 16.36 21.86
N ASP D 45 -0.78 15.04 21.79
CA ASP D 45 -2.12 14.52 21.46
C ASP D 45 -3.02 14.70 22.68
N SER D 46 -2.44 15.20 23.78
CA SER D 46 -3.16 15.63 24.95
C SER D 46 -4.18 16.71 24.53
N LEU D 47 -4.02 17.35 23.37
CA LEU D 47 -4.97 18.34 22.87
C LEU D 47 -6.33 17.66 22.64
N GLY D 48 -6.35 16.31 22.52
CA GLY D 48 -7.61 15.60 22.37
C GLY D 48 -8.51 15.84 23.57
N MSE D 49 -7.90 16.01 24.75
CA MSE D 49 -8.68 16.26 25.96
C MSE D 49 -8.71 17.73 26.35
O MSE D 49 -9.79 18.31 26.48
CB MSE D 49 -8.12 15.37 27.09
CG MSE D 49 -7.81 13.94 26.60
SE MSE D 49 -7.39 12.72 28.00
CE MSE D 49 -8.87 12.88 29.17
N ALA D 50 -7.59 18.44 26.32
CA ALA D 50 -7.53 19.84 26.71
C ALA D 50 -8.12 20.79 25.68
N VAL D 51 -8.06 20.46 24.40
CA VAL D 51 -8.62 21.32 23.37
C VAL D 51 -9.93 20.80 22.80
N GLN D 52 -9.97 19.51 22.49
CA GLN D 52 -11.14 18.90 21.86
C GLN D 52 -12.18 18.44 22.84
N GLY D 53 -11.82 18.31 24.12
CA GLY D 53 -12.73 17.95 25.17
C GLY D 53 -13.15 16.49 25.16
N ARG D 54 -12.44 15.60 24.49
CA ARG D 54 -12.76 14.19 24.44
C ARG D 54 -12.32 13.48 25.73
N LYS D 55 -12.69 12.21 25.87
CA LYS D 55 -12.37 11.42 27.04
C LYS D 55 -11.00 10.78 26.95
N SER D 56 -10.44 10.74 25.73
CA SER D 56 -9.10 10.16 25.59
C SER D 56 -8.45 10.88 24.42
N THR D 57 -7.19 10.56 24.15
CA THR D 57 -6.45 11.14 23.04
C THR D 57 -6.55 10.25 21.81
N LEU D 58 -7.22 9.10 21.91
CA LEU D 58 -7.28 8.19 20.76
C LEU D 58 -7.96 8.75 19.53
N PRO D 59 -9.05 9.48 19.59
CA PRO D 59 -9.72 10.03 18.43
C PRO D 59 -8.94 11.14 17.68
N VAL D 60 -7.82 11.61 18.20
CA VAL D 60 -7.03 12.68 17.54
C VAL D 60 -6.47 12.14 16.22
N SER D 61 -6.59 12.91 15.16
CA SER D 61 -6.12 12.50 13.85
C SER D 61 -4.80 13.16 13.48
N LEU D 62 -4.17 12.62 12.44
CA LEU D 62 -2.93 13.23 11.93
C LEU D 62 -3.22 14.65 11.47
N ARG D 63 -4.36 14.87 10.82
CA ARG D 63 -4.76 16.19 10.38
C ARG D 63 -4.78 17.18 11.56
N ASP D 64 -5.36 16.82 12.68
CA ASP D 64 -5.42 17.63 13.89
C ASP D 64 -3.98 17.96 14.35
N MSE D 65 -3.14 16.93 14.42
CA MSE D 65 -1.75 17.16 14.84
C MSE D 65 -0.99 18.13 13.93
O MSE D 65 -0.26 19.00 14.44
CB MSE D 65 -1.01 15.82 14.99
CG MSE D 65 -1.58 14.90 16.05
SE MSE D 65 -1.80 15.70 17.81
CE MSE D 65 -0.02 16.43 18.00
N CYS D 66 -1.18 18.04 12.63
CA CYS D 66 -0.56 18.88 11.65
C CYS D 66 -1.10 20.33 11.76
N TYR D 67 -2.40 20.46 12.04
CA TYR D 67 -3.03 21.75 12.19
C TYR D 67 -2.48 22.51 13.39
N HIS D 68 -2.45 21.85 14.56
CA HIS D 68 -1.89 22.48 15.74
C HIS D 68 -0.39 22.73 15.60
N THR D 69 0.31 21.82 14.95
CA THR D 69 1.74 21.97 14.72
C THR D 69 2.02 23.24 13.93
N GLU D 70 1.24 23.49 12.90
CA GLU D 70 1.32 24.69 12.09
C GLU D 70 1.00 25.93 12.91
N CYS D 71 -0.03 25.88 13.77
CA CYS D 71 -0.39 27.01 14.62
C CYS D 71 0.80 27.39 15.50
N VAL D 72 1.32 26.41 16.22
CA VAL D 72 2.46 26.59 17.11
C VAL D 72 3.69 27.10 16.36
N ALA D 73 3.94 26.59 15.17
CA ALA D 73 5.06 27.03 14.36
C ALA D 73 4.98 28.51 14.04
N ARG D 74 3.79 29.11 14.01
CA ARG D 74 3.73 30.55 13.70
C ARG D 74 4.08 31.39 14.91
N GLY D 75 4.08 30.83 16.11
CA GLY D 75 4.39 31.59 17.30
C GLY D 75 5.79 31.29 17.83
N ALA D 76 6.31 30.11 17.59
CA ALA D 76 7.61 29.68 18.05
C ALA D 76 8.75 30.48 17.46
N LYS D 77 9.80 30.71 18.28
CA LYS D 77 10.97 31.42 17.80
C LYS D 77 12.25 30.61 18.02
N ASN D 78 12.69 30.48 19.27
CA ASN D 78 13.91 29.76 19.56
C ASN D 78 13.62 28.32 19.96
N ALA D 79 12.48 28.12 20.59
CA ALA D 79 12.11 26.82 21.12
C ALA D 79 11.97 25.75 20.05
N MSE D 80 12.31 24.52 20.46
CA MSE D 80 12.18 23.38 19.57
C MSE D 80 10.74 22.87 19.58
O MSE D 80 10.16 22.75 20.65
CB MSE D 80 13.08 22.23 20.10
CG MSE D 80 12.94 20.96 19.24
SE MSE D 80 13.86 19.52 20.08
CE MSE D 80 15.65 20.03 19.66
N ILE D 81 10.17 22.65 18.40
CA ILE D 81 8.81 22.14 18.32
C ILE D 81 8.79 20.62 18.19
N VAL D 82 8.19 19.95 19.17
CA VAL D 82 8.08 18.48 19.14
C VAL D 82 6.60 18.12 18.88
N SER D 83 6.29 17.33 17.87
CA SER D 83 4.89 16.98 17.63
C SER D 83 4.62 15.49 17.87
N ASP D 84 3.50 15.20 18.56
CA ASP D 84 3.17 13.80 18.79
C ASP D 84 2.63 13.11 17.54
N LEU D 85 2.98 11.84 17.35
CA LEU D 85 2.41 11.04 16.28
C LEU D 85 1.09 10.55 16.94
N PRO D 86 -0.06 10.82 16.37
CA PRO D 86 -1.33 10.44 17.00
C PRO D 86 -1.67 8.98 16.86
N PHE D 87 -2.48 8.44 17.76
CA PHE D 87 -2.90 7.07 17.80
C PHE D 87 -3.48 6.60 16.47
N GLY D 88 -2.96 5.50 15.94
CA GLY D 88 -3.41 4.93 14.69
C GLY D 88 -2.63 5.38 13.49
N ALA D 89 -1.93 6.53 13.61
CA ALA D 89 -1.20 7.00 12.43
C ALA D 89 0.22 6.46 12.29
N TYR D 90 0.76 5.76 13.28
CA TYR D 90 2.14 5.33 13.13
C TYR D 90 2.45 3.91 13.53
N GLN D 91 1.59 3.27 14.28
CA GLN D 91 1.88 1.91 14.78
C GLN D 91 1.76 0.79 13.81
N GLN D 92 1.19 1.05 12.63
CA GLN D 92 0.97 0.01 11.63
C GLN D 92 2.27 -0.57 11.10
N SER D 93 3.28 0.29 10.96
CA SER D 93 4.59 -0.14 10.46
C SER D 93 5.55 1.03 10.52
N LYS D 94 6.85 0.75 10.43
CA LYS D 94 7.86 1.80 10.41
C LYS D 94 7.65 2.71 9.20
N GLU D 95 7.16 2.15 8.10
CA GLU D 95 6.91 2.91 6.88
C GLU D 95 5.79 3.91 7.06
N GLN D 96 4.71 3.50 7.73
CA GLN D 96 3.58 4.36 8.01
C GLN D 96 4.00 5.43 9.04
N ALA D 97 4.80 5.01 10.04
CA ALA D 97 5.25 5.99 11.03
C ALA D 97 6.05 7.09 10.31
N PHE D 98 6.91 6.70 9.37
CA PHE D 98 7.69 7.66 8.61
C PHE D 98 6.81 8.62 7.81
N ALA D 99 5.81 8.08 7.10
CA ALA D 99 4.90 8.94 6.33
C ALA D 99 4.25 9.99 7.25
N ALA D 100 3.76 9.55 8.40
CA ALA D 100 3.10 10.44 9.34
C ALA D 100 4.07 11.46 9.95
N ALA D 101 5.24 10.96 10.33
CA ALA D 101 6.27 11.83 10.91
C ALA D 101 6.69 12.89 9.89
N ALA D 102 6.82 12.52 8.62
CA ALA D 102 7.16 13.43 7.54
C ALA D 102 6.11 14.53 7.42
N GLU D 103 4.81 14.21 7.58
CA GLU D 103 3.80 15.27 7.52
C GLU D 103 3.97 16.25 8.69
N LEU D 104 4.27 15.73 9.88
CA LEU D 104 4.46 16.61 11.03
C LEU D 104 5.65 17.55 10.82
N MSE D 105 6.73 17.00 10.27
CA MSE D 105 7.92 17.81 9.97
C MSE D 105 7.59 18.84 8.91
O MSE D 105 8.01 19.98 8.99
CB MSE D 105 9.10 16.96 9.54
CG MSE D 105 9.63 15.89 10.45
SE MSE D 105 10.17 16.47 12.19
CE MSE D 105 11.84 17.33 11.64
N ALA D 106 6.77 18.46 7.89
CA ALA D 106 6.37 19.40 6.86
C ALA D 106 5.47 20.51 7.45
N ALA D 107 4.75 20.22 8.51
CA ALA D 107 3.89 21.18 9.18
C ALA D 107 4.62 22.13 10.12
N GLY D 108 5.88 21.88 10.46
CA GLY D 108 6.64 22.78 11.33
C GLY D 108 7.34 22.15 12.48
N ALA D 109 7.24 20.83 12.68
CA ALA D 109 7.92 20.17 13.78
C ALA D 109 9.43 20.02 13.55
N HIS D 110 10.20 19.97 14.65
CA HIS D 110 11.64 19.75 14.62
C HIS D 110 11.97 18.35 15.16
N MSE D 111 10.97 17.63 15.65
CA MSE D 111 11.12 16.30 16.24
C MSE D 111 9.72 15.72 16.41
O MSE D 111 8.79 16.52 16.52
CB MSE D 111 11.75 16.41 17.64
CG MSE D 111 11.89 15.16 18.49
SE MSE D 111 12.76 15.51 20.22
CE MSE D 111 14.41 16.21 19.52
N VAL D 112 9.58 14.40 16.31
CA VAL D 112 8.30 13.77 16.58
C VAL D 112 8.38 12.90 17.83
N LYS D 113 7.22 12.64 18.46
CA LYS D 113 7.21 11.79 19.64
C LYS D 113 6.32 10.58 19.37
N LEU D 114 6.77 9.39 19.78
CA LEU D 114 5.93 8.20 19.56
C LEU D 114 5.90 7.37 20.82
N GLU D 115 4.80 6.65 21.09
CA GLU D 115 4.68 5.87 22.31
C GLU D 115 5.02 4.40 22.06
N GLY D 116 5.71 3.77 22.98
CA GLY D 116 6.04 2.37 22.83
C GLY D 116 7.38 1.93 23.37
N GLY D 117 7.46 0.63 23.66
CA GLY D 117 8.67 0.06 24.22
C GLY D 117 9.59 -0.50 23.15
N VAL D 118 10.23 -1.63 23.43
CA VAL D 118 11.17 -2.27 22.51
C VAL D 118 10.57 -2.55 21.16
N TRP D 119 9.28 -2.79 21.05
CA TRP D 119 8.61 -3.06 19.79
C TRP D 119 8.57 -1.84 18.88
N MSE D 120 8.73 -0.63 19.41
CA MSE D 120 8.77 0.57 18.57
C MSE D 120 10.20 1.02 18.24
O MSE D 120 10.38 2.01 17.52
CB MSE D 120 8.06 1.74 19.27
CG MSE D 120 6.52 1.69 19.19
SE MSE D 120 5.93 1.80 17.31
CE MSE D 120 5.15 0.08 17.25
N ALA D 121 11.23 0.37 18.80
CA ALA D 121 12.61 0.79 18.57
C ALA D 121 13.02 0.73 17.12
N GLU D 122 12.56 -0.29 16.40
CA GLU D 122 12.88 -0.38 14.97
C GLU D 122 12.32 0.84 14.24
N THR D 123 11.13 1.29 14.63
CA THR D 123 10.50 2.46 14.02
C THR D 123 11.34 3.69 14.36
N THR D 124 11.79 3.77 15.63
CA THR D 124 12.65 4.89 16.02
C THR D 124 13.87 4.95 15.13
N GLU D 125 14.50 3.79 14.89
CA GLU D 125 15.70 3.74 14.07
C GLU D 125 15.43 4.15 12.64
N PHE D 126 14.31 3.65 12.09
CA PHE D 126 13.97 3.98 10.71
C PHE D 126 13.85 5.50 10.53
N LEU D 127 13.14 6.14 11.48
CA LEU D 127 12.93 7.57 11.38
C LEU D 127 14.21 8.39 11.51
N GLN D 128 14.94 8.19 12.61
CA GLN D 128 16.15 8.96 12.87
C GLN D 128 17.16 8.85 11.75
N MSE D 129 17.32 7.66 11.16
CA MSE D 129 18.28 7.51 10.06
C MSE D 129 17.89 8.35 8.87
O MSE D 129 18.73 8.71 8.03
CB MSE D 129 18.35 6.01 9.65
CG MSE D 129 18.93 5.16 10.78
CG MSE D 129 19.73 5.67 9.08
SE MSE D 129 19.51 3.43 10.22
SE MSE D 129 20.98 5.56 10.53
CE MSE D 129 20.71 3.89 8.81
CE MSE D 129 20.99 3.69 10.87
N ARG D 130 16.57 8.60 8.67
CA ARG D 130 16.13 9.41 7.56
C ARG D 130 16.00 10.89 7.88
N GLY D 131 16.57 11.35 8.99
CA GLY D 131 16.57 12.75 9.33
C GLY D 131 15.46 13.25 10.21
N ILE D 132 14.67 12.36 10.81
CA ILE D 132 13.60 12.76 11.69
C ILE D 132 13.96 12.43 13.14
N PRO D 133 14.26 13.44 13.94
CA PRO D 133 14.58 13.28 15.34
C PRO D 133 13.36 12.71 16.06
N VAL D 134 13.59 11.71 16.89
CA VAL D 134 12.53 11.04 17.61
C VAL D 134 12.65 11.12 19.13
N CYS D 135 11.52 11.40 19.76
CA CYS D 135 11.42 11.40 21.21
C CYS D 135 10.62 10.14 21.55
N ALA D 136 11.25 9.13 22.15
CA ALA D 136 10.52 7.91 22.49
C ALA D 136 9.81 8.07 23.82
N HIS D 137 8.52 7.81 23.88
CA HIS D 137 7.73 7.94 25.10
C HIS D 137 7.45 6.56 25.71
N ILE D 138 8.06 6.31 26.88
CA ILE D 138 7.93 5.02 27.54
C ILE D 138 7.27 5.19 28.92
N GLY D 139 7.04 4.08 29.59
CA GLY D 139 6.39 4.12 30.92
C GLY D 139 4.89 4.12 30.68
N LEU D 140 4.16 5.08 31.23
CA LEU D 140 2.72 5.14 30.99
C LEU D 140 2.48 5.84 29.64
N THR D 141 1.94 5.07 28.70
CA THR D 141 1.66 5.60 27.36
C THR D 141 0.15 5.75 27.21
N PRO D 142 -0.37 6.97 27.32
CA PRO D 142 -1.79 7.27 27.29
C PRO D 142 -2.59 6.77 26.14
N GLN D 143 -2.01 6.56 24.96
CA GLN D 143 -2.70 5.99 23.83
C GLN D 143 -3.12 4.54 24.14
N SER D 144 -2.50 3.89 25.11
CA SER D 144 -2.83 2.55 25.53
C SER D 144 -3.66 2.51 26.80
N VAL D 145 -4.26 3.65 27.17
CA VAL D 145 -5.06 3.74 28.38
C VAL D 145 -6.15 2.69 28.53
N PHE D 146 -6.77 2.25 27.42
CA PHE D 146 -7.84 1.25 27.51
C PHE D 146 -7.25 -0.12 27.78
N ALA D 147 -6.02 -0.37 27.36
CA ALA D 147 -5.38 -1.67 27.65
C ALA D 147 -4.81 -1.62 29.07
N PHE D 148 -4.34 -0.44 29.48
CA PHE D 148 -3.75 -0.23 30.80
C PHE D 148 -4.82 -0.29 31.89
N GLY D 149 -5.97 0.31 31.59
CA GLY D 149 -7.08 0.37 32.52
C GLY D 149 -7.00 1.65 33.36
N GLY D 150 -6.35 2.66 32.79
CA GLY D 150 -6.19 3.95 33.46
C GLY D 150 -4.73 4.33 33.60
N TYR D 151 -4.44 5.23 34.54
CA TYR D 151 -3.10 5.72 34.81
C TYR D 151 -2.53 5.03 36.06
N LYS D 152 -1.37 4.41 35.96
CA LYS D 152 -0.75 3.74 37.10
C LYS D 152 0.78 3.86 37.05
N VAL D 153 1.43 3.86 38.20
CA VAL D 153 2.89 3.95 38.28
C VAL D 153 3.52 2.76 37.58
N GLN D 154 4.67 2.98 36.95
CA GLN D 154 5.39 1.95 36.24
C GLN D 154 6.79 1.73 36.80
N GLY D 155 7.33 0.53 36.55
CA GLY D 155 8.66 0.20 36.98
C GLY D 155 8.86 -0.53 38.26
N ARG D 156 7.83 -0.77 39.06
CA ARG D 156 8.05 -1.50 40.32
C ARG D 156 8.03 -3.02 40.08
N GLY D 157 8.60 -3.75 41.03
CA GLY D 157 8.66 -5.20 40.96
C GLY D 157 9.62 -5.68 39.89
N GLY D 158 9.15 -6.64 39.09
CA GLY D 158 9.92 -7.22 38.02
C GLY D 158 9.69 -6.48 36.70
N LYS D 159 8.89 -5.42 36.75
CA LYS D 159 8.59 -4.60 35.58
C LYS D 159 9.67 -3.52 35.36
N ALA D 160 10.53 -3.32 36.35
CA ALA D 160 11.58 -2.34 36.26
C ALA D 160 12.52 -2.63 35.10
N GLN D 161 12.92 -3.90 34.95
CA GLN D 161 13.81 -4.31 33.90
C GLN D 161 13.23 -4.10 32.50
N ALA D 162 11.92 -4.27 32.36
CA ALA D 162 11.27 -4.08 31.07
C ALA D 162 11.37 -2.60 30.65
N LEU D 163 11.23 -1.69 31.61
CA LEU D 163 11.30 -0.27 31.32
C LEU D 163 12.70 0.14 30.92
N LEU D 164 13.70 -0.38 31.62
CA LEU D 164 15.09 -0.14 31.30
C LEU D 164 15.37 -0.63 29.87
N ASN D 165 14.90 -1.82 29.55
CA ASN D 165 15.06 -2.37 28.21
C ASN D 165 14.47 -1.43 27.17
N ASP D 166 13.26 -0.94 27.43
CA ASP D 166 12.57 -0.03 26.54
C ASP D 166 13.40 1.22 26.23
N ALA D 167 13.97 1.80 27.27
CA ALA D 167 14.79 3.00 27.14
C ALA D 167 16.08 2.74 26.38
N LYS D 168 16.72 1.61 26.72
CA LYS D 168 18.00 1.28 26.07
C LYS D 168 17.77 0.89 24.62
N ALA D 169 16.66 0.20 24.34
CA ALA D 169 16.36 -0.16 22.94
C ALA D 169 16.23 1.13 22.12
N HIS D 170 15.48 2.12 22.63
CA HIS D 170 15.33 3.38 21.89
C HIS D 170 16.67 4.13 21.83
N ASP D 171 17.38 4.15 22.97
CA ASP D 171 18.70 4.81 22.93
C ASP D 171 19.61 4.19 21.91
N ASP D 172 19.60 2.84 21.80
CA ASP D 172 20.42 2.15 20.82
C ASP D 172 19.95 2.39 19.39
N ALA D 173 18.66 2.62 19.20
CA ALA D 173 18.13 2.89 17.86
C ALA D 173 18.40 4.32 17.41
N GLY D 174 18.89 5.20 18.28
CA GLY D 174 19.15 6.58 17.86
C GLY D 174 18.16 7.60 18.36
N ALA D 175 17.36 7.28 19.38
CA ALA D 175 16.39 8.28 19.88
C ALA D 175 17.14 9.54 20.32
N ALA D 176 16.60 10.71 20.00
CA ALA D 176 17.24 11.98 20.38
C ALA D 176 16.91 12.24 21.84
N VAL D 177 15.67 11.87 22.22
CA VAL D 177 15.18 12.06 23.58
C VAL D 177 14.31 10.87 23.98
N VAL D 178 14.28 10.53 25.25
CA VAL D 178 13.47 9.44 25.79
C VAL D 178 12.62 10.07 26.90
N LEU D 179 11.30 10.01 26.69
CA LEU D 179 10.40 10.61 27.68
C LEU D 179 9.79 9.51 28.55
N MSE D 180 9.72 9.77 29.85
CA MSE D 180 9.18 8.83 30.81
C MSE D 180 8.00 9.45 31.57
O MSE D 180 8.13 10.55 32.11
CB MSE D 180 10.26 8.42 31.83
CG MSE D 180 11.20 7.32 31.30
SE MSE D 180 12.60 6.92 32.58
CE MSE D 180 13.61 8.55 32.45
N GLU D 181 6.87 8.77 31.56
CA GLU D 181 5.67 9.24 32.22
C GLU D 181 5.26 8.30 33.36
N CYS D 182 5.11 8.80 34.57
CA CYS D 182 4.69 8.02 35.72
C CYS D 182 5.50 6.77 35.98
N VAL D 183 6.79 6.94 36.20
CA VAL D 183 7.74 5.88 36.51
C VAL D 183 8.37 6.18 37.87
N LEU D 184 8.62 5.12 38.65
CA LEU D 184 9.27 5.29 39.95
C LEU D 184 10.50 6.16 39.74
N ALA D 185 10.66 7.20 40.55
CA ALA D 185 11.75 8.13 40.45
C ALA D 185 13.13 7.48 40.44
N GLU D 186 13.34 6.47 41.28
CA GLU D 186 14.63 5.79 41.33
C GLU D 186 14.93 5.10 40.02
N LEU D 187 13.90 4.57 39.37
CA LEU D 187 14.09 3.92 38.07
C LEU D 187 14.40 4.99 37.02
N ALA D 188 13.62 6.08 37.03
CA ALA D 188 13.85 7.16 36.06
C ALA D 188 15.30 7.63 36.16
N LYS D 189 15.78 7.76 37.39
CA LYS D 189 17.16 8.18 37.63
C LYS D 189 18.13 7.20 37.01
N LYS D 190 17.98 5.90 37.30
CA LYS D 190 18.91 4.93 36.70
C LYS D 190 18.84 4.99 35.18
N VAL D 191 17.61 5.05 34.60
CA VAL D 191 17.51 5.17 33.14
C VAL D 191 18.25 6.41 32.65
N THR D 192 18.07 7.54 33.33
CA THR D 192 18.71 8.79 32.92
C THR D 192 20.22 8.69 32.94
N GLU D 193 20.75 8.00 33.96
CA GLU D 193 22.20 7.83 34.06
C GLU D 193 22.71 6.79 33.08
N THR D 194 21.82 5.97 32.50
CA THR D 194 22.27 4.94 31.58
C THR D 194 22.17 5.29 30.12
N VAL D 195 21.07 5.88 29.63
CA VAL D 195 21.01 6.16 28.19
C VAL D 195 21.91 7.33 27.85
N SER D 196 22.31 7.43 26.58
CA SER D 196 23.19 8.51 26.17
C SER D 196 22.42 9.78 25.85
N CYS D 197 21.11 9.66 25.52
CA CYS D 197 20.36 10.85 25.19
C CYS D 197 19.67 11.49 26.39
N PRO D 198 19.33 12.77 26.27
CA PRO D 198 18.63 13.45 27.35
C PRO D 198 17.30 12.71 27.61
N THR D 199 16.77 12.86 28.80
CA THR D 199 15.52 12.30 29.23
C THR D 199 14.61 13.42 29.76
N ILE D 200 13.32 13.27 29.51
CA ILE D 200 12.31 14.22 29.93
C ILE D 200 11.30 13.44 30.79
N GLY D 201 10.92 13.96 31.95
CA GLY D 201 9.95 13.29 32.77
C GLY D 201 8.69 14.08 33.05
N ILE D 202 7.66 13.32 33.41
CA ILE D 202 6.38 13.81 33.86
C ILE D 202 5.88 12.72 34.83
N GLY D 203 5.91 13.02 36.12
CA GLY D 203 5.51 11.98 37.11
C GLY D 203 6.65 10.97 37.24
N ALA D 204 7.86 11.39 36.87
CA ALA D 204 9.03 10.54 36.90
C ALA D 204 10.17 11.05 37.77
N GLY D 205 9.93 12.02 38.66
CA GLY D 205 10.99 12.52 39.53
C GLY D 205 11.80 13.63 38.89
N ALA D 206 12.67 14.25 39.71
CA ALA D 206 13.50 15.35 39.31
C ALA D 206 14.84 14.95 38.76
N ASP D 207 15.18 13.65 38.75
CA ASP D 207 16.49 13.27 38.24
C ASP D 207 16.50 13.07 36.74
N CYS D 208 15.39 13.34 36.04
CA CYS D 208 15.43 13.23 34.58
C CYS D 208 16.25 14.41 34.08
N ASP D 209 16.52 14.51 32.77
CA ASP D 209 17.29 15.66 32.30
C ASP D 209 16.44 16.89 32.09
N GLY D 210 15.12 16.74 32.23
CA GLY D 210 14.19 17.82 32.00
C GLY D 210 12.78 17.39 32.40
N GLN D 211 11.83 18.32 32.37
CA GLN D 211 10.48 18.06 32.77
C GLN D 211 9.45 18.51 31.71
N VAL D 212 8.23 17.99 31.82
CA VAL D 212 7.15 18.42 30.95
C VAL D 212 5.84 18.36 31.74
N LEU D 213 4.95 19.31 31.46
CA LEU D 213 3.62 19.33 32.02
C LEU D 213 2.64 19.73 30.91
N VAL D 214 1.38 19.38 31.06
CA VAL D 214 0.36 19.83 30.08
C VAL D 214 0.06 21.29 30.43
N MSE D 215 0.13 22.21 29.48
CA MSE D 215 -0.14 23.62 29.77
C MSE D 215 -1.36 23.86 30.65
O MSE D 215 -1.25 24.46 31.73
CB MSE D 215 -0.34 24.41 28.45
CG MSE D 215 -0.43 25.91 28.74
SE MSE D 215 -0.98 26.98 27.26
CE MSE D 215 -2.85 26.94 27.53
N HIS D 216 -2.54 23.42 30.24
CA HIS D 216 -3.80 23.58 30.91
C HIS D 216 -3.82 23.02 32.34
N ASP D 217 -3.04 21.96 32.58
CA ASP D 217 -3.00 21.42 33.93
C ASP D 217 -2.21 22.39 34.84
N MSE D 218 -1.06 22.85 34.36
CA MSE D 218 -0.20 23.72 35.16
C MSE D 218 -0.71 25.16 35.24
O MSE D 218 -0.27 25.93 36.11
CB MSE D 218 1.24 23.63 34.70
CG MSE D 218 1.52 23.90 33.24
SE MSE D 218 1.59 25.78 32.85
CE MSE D 218 3.32 26.15 33.65
N LEU D 219 -1.70 25.51 34.42
CA LEU D 219 -2.31 26.83 34.50
C LEU D 219 -3.60 26.73 35.33
N GLY D 220 -3.91 25.55 35.84
CA GLY D 220 -5.12 25.32 36.62
C GLY D 220 -6.42 25.56 35.87
N ILE D 221 -6.50 25.21 34.60
CA ILE D 221 -7.71 25.42 33.80
C ILE D 221 -8.84 24.45 34.11
N PHE D 222 -8.54 23.31 34.71
CA PHE D 222 -9.58 22.33 35.04
C PHE D 222 -10.06 22.48 36.48
N PRO D 223 -11.31 22.11 36.71
CA PRO D 223 -11.91 22.18 38.04
C PRO D 223 -11.39 21.06 38.91
N GLY D 224 -11.34 21.26 40.22
CA GLY D 224 -10.85 20.22 41.11
C GLY D 224 -9.33 20.27 41.25
N LYS D 225 -8.76 19.10 41.58
CA LYS D 225 -7.31 19.00 41.77
C LYS D 225 -6.61 18.31 40.61
N THR D 226 -5.37 18.74 40.37
CA THR D 226 -4.60 18.13 39.28
C THR D 226 -3.98 16.82 39.78
N ALA D 227 -3.46 16.00 38.86
CA ALA D 227 -2.81 14.76 39.25
C ALA D 227 -1.73 15.08 40.27
N LYS D 228 -1.27 14.09 41.02
CA LYS D 228 -0.25 14.27 42.03
C LYS D 228 1.07 14.79 41.51
N PHE D 229 1.39 14.50 40.24
CA PHE D 229 2.67 14.89 39.67
C PHE D 229 2.59 16.25 39.00
N VAL D 230 1.43 16.90 39.08
CA VAL D 230 1.24 18.21 38.47
C VAL D 230 1.23 19.33 39.50
N LYS D 231 1.75 20.50 39.12
CA LYS D 231 1.65 21.64 40.03
C LYS D 231 0.94 22.79 39.29
N ASN D 232 0.09 23.51 40.03
CA ASN D 232 -0.60 24.66 39.46
C ASN D 232 0.34 25.87 39.56
N PHE D 233 0.91 26.30 38.44
CA PHE D 233 1.82 27.44 38.45
C PHE D 233 1.14 28.79 38.29
N MSE D 234 -0.15 28.76 37.90
CA MSE D 234 -0.92 29.99 37.76
C MSE D 234 -1.08 30.60 39.16
O MSE D 234 -0.99 31.80 39.35
CB MSE D 234 -2.29 29.70 37.15
CG MSE D 234 -3.18 30.89 36.89
SE MSE D 234 -2.65 31.97 35.43
CE MSE D 234 -1.98 33.52 36.29
N GLN D 235 -1.48 29.77 40.11
CA GLN D 235 -1.66 30.21 41.50
C GLN D 235 -0.43 30.95 42.01
N GLY D 236 -0.66 32.10 42.65
CA GLY D 236 0.43 32.92 43.18
C GLY D 236 0.98 33.89 42.16
N HIS D 237 0.41 33.94 40.96
CA HIS D 237 0.85 34.81 39.89
C HIS D 237 -0.37 35.47 39.23
N ASP D 238 -0.17 36.62 38.56
CA ASP D 238 -1.32 37.26 37.93
C ASP D 238 -1.09 37.57 36.45
N SER D 239 -0.31 36.72 35.80
CA SER D 239 -0.05 36.78 34.38
C SER D 239 0.38 35.36 33.95
N VAL D 240 -0.03 34.94 32.75
CA VAL D 240 0.38 33.60 32.25
C VAL D 240 1.90 33.63 32.01
N GLN D 241 2.41 34.80 31.64
CA GLN D 241 3.84 35.02 31.41
C GLN D 241 4.62 34.61 32.67
N ALA D 242 4.20 35.15 33.81
CA ALA D 242 4.82 34.89 35.10
C ALA D 242 4.63 33.43 35.53
N ALA D 243 3.44 32.88 35.29
CA ALA D 243 3.20 31.49 35.64
C ALA D 243 4.18 30.56 34.91
N VAL D 244 4.42 30.82 33.64
CA VAL D 244 5.32 30.00 32.82
C VAL D 244 6.77 30.18 33.23
N ARG D 245 7.11 31.43 33.55
CA ARG D 245 8.46 31.75 34.01
C ARG D 245 8.75 31.07 35.34
N ALA D 246 7.76 30.89 36.19
CA ALA D 246 7.95 30.20 37.48
C ALA D 246 8.22 28.70 37.26
N TYR D 247 7.52 28.12 36.28
CA TYR D 247 7.71 26.70 35.93
C TYR D 247 9.15 26.52 35.49
N VAL D 248 9.57 27.36 34.55
CA VAL D 248 10.94 27.29 34.02
C VAL D 248 11.96 27.40 35.14
N ALA D 249 11.79 28.40 36.01
CA ALA D 249 12.67 28.60 37.15
C ALA D 249 12.72 27.40 38.08
N GLU D 250 11.57 26.89 38.54
CA GLU D 250 11.56 25.74 39.44
C GLU D 250 12.14 24.50 38.77
N VAL D 251 11.94 24.33 37.46
CA VAL D 251 12.50 23.15 36.76
C VAL D 251 14.03 23.27 36.78
N LYS D 252 14.51 24.49 36.43
CA LYS D 252 15.95 24.66 36.41
C LYS D 252 16.57 24.63 37.81
N ALA D 253 15.84 25.04 38.83
CA ALA D 253 16.38 25.05 40.19
C ALA D 253 16.24 23.70 40.86
N LYS D 254 15.52 22.80 40.17
CA LYS D 254 15.25 21.46 40.65
C LYS D 254 14.32 21.49 41.85
N THR D 255 13.45 22.50 41.91
CA THR D 255 12.49 22.59 43.01
C THR D 255 11.16 21.95 42.59
N PHE D 256 11.04 21.74 41.28
CA PHE D 256 9.88 21.04 40.71
C PHE D 256 10.44 19.99 39.73
N PRO D 257 9.96 18.78 39.82
CA PRO D 257 8.96 18.35 40.75
C PRO D 257 9.48 18.27 42.17
N ALA D 258 8.60 18.49 43.14
CA ALA D 258 9.03 18.38 44.55
C ALA D 258 8.61 17.00 45.03
N ALA D 259 8.96 16.64 46.25
CA ALA D 259 8.64 15.36 46.86
C ALA D 259 7.20 14.96 46.67
N GLU D 260 6.27 15.89 46.82
CA GLU D 260 4.84 15.65 46.67
C GLU D 260 4.43 15.33 45.25
N HIS D 261 5.22 15.60 44.23
CA HIS D 261 4.87 15.30 42.85
C HIS D 261 5.59 14.06 42.31
N ILE D 262 6.25 13.31 43.17
CA ILE D 262 7.01 12.14 42.76
C ILE D 262 6.50 10.83 43.33
N PHE D 263 6.61 9.75 42.57
CA PHE D 263 6.17 8.43 42.98
C PHE D 263 7.38 7.66 43.55
N SER E 2 -8.18 -16.82 -39.08
CA SER E 2 -8.08 -15.41 -39.46
C SER E 2 -7.34 -14.63 -38.39
N LEU E 3 -7.97 -14.49 -37.23
CA LEU E 3 -7.38 -13.76 -36.12
C LEU E 3 -5.98 -14.28 -35.80
N ILE E 4 -5.05 -13.36 -35.60
CA ILE E 4 -3.66 -13.73 -35.29
C ILE E 4 -3.48 -13.89 -33.79
N THR E 5 -3.08 -15.09 -33.38
CA THR E 5 -2.86 -15.48 -32.01
C THR E 5 -1.40 -15.83 -31.77
N VAL E 6 -1.04 -16.15 -30.53
CA VAL E 6 0.33 -16.53 -30.19
C VAL E 6 0.70 -17.82 -30.91
N ASN E 7 -0.25 -18.75 -31.05
CA ASN E 7 0.03 -20.00 -31.77
C ASN E 7 0.39 -19.68 -33.21
N THR E 8 -0.36 -18.75 -33.82
CA THR E 8 -0.08 -18.34 -35.19
C THR E 8 1.38 -17.89 -35.34
N LEU E 9 1.85 -17.06 -34.38
CA LEU E 9 3.22 -16.57 -34.40
C LEU E 9 4.22 -17.71 -34.23
N GLN E 10 3.86 -18.68 -33.38
CA GLN E 10 4.74 -19.83 -33.18
C GLN E 10 4.86 -20.64 -34.47
N LYS E 11 3.72 -20.79 -35.17
CA LYS E 11 3.73 -21.54 -36.43
C LYS E 11 4.54 -20.83 -37.48
N MSE E 12 4.41 -19.50 -37.52
CA MSE E 12 5.19 -18.69 -38.46
C MSE E 12 6.68 -18.80 -38.18
O MSE E 12 7.49 -18.88 -39.11
CB MSE E 12 4.73 -17.23 -38.42
CG MSE E 12 3.26 -17.11 -38.84
SE MSE E 12 2.60 -15.32 -38.82
CE MSE E 12 3.71 -14.49 -40.11
N LYS E 13 7.08 -18.78 -36.90
CA LYS E 13 8.51 -18.92 -36.60
C LYS E 13 9.02 -20.27 -37.11
N ALA E 14 8.26 -21.34 -36.83
CA ALA E 14 8.67 -22.69 -37.23
C ALA E 14 8.74 -22.81 -38.74
N ALA E 15 7.81 -22.20 -39.44
CA ALA E 15 7.73 -22.18 -40.88
C ALA E 15 8.72 -21.20 -41.48
N GLY E 16 9.34 -20.36 -40.64
CA GLY E 16 10.30 -19.37 -41.12
C GLY E 16 9.62 -18.23 -41.86
N GLU E 17 8.32 -18.06 -41.66
CA GLU E 17 7.57 -16.99 -42.31
C GLU E 17 7.57 -15.72 -41.45
N LYS E 18 8.34 -14.74 -41.89
CA LYS E 18 8.54 -13.47 -41.24
C LYS E 18 7.26 -12.76 -40.82
N ILE E 19 7.22 -12.31 -39.57
CA ILE E 19 6.08 -11.58 -39.02
C ILE E 19 6.17 -10.09 -39.26
N ALA E 20 5.05 -9.46 -39.63
CA ALA E 20 5.00 -8.03 -39.89
C ALA E 20 4.34 -7.24 -38.76
N MSE E 21 5.12 -6.39 -38.12
CA MSE E 21 4.59 -5.56 -37.04
C MSE E 21 4.81 -4.08 -37.37
O MSE E 21 5.85 -3.72 -37.92
CB MSE E 21 5.25 -5.90 -35.71
CG MSE E 21 4.81 -5.00 -34.54
SE MSE E 21 5.88 -5.31 -32.99
CE MSE E 21 4.69 -6.41 -31.96
N LEU E 22 3.82 -3.24 -37.07
CA LEU E 22 3.91 -1.81 -37.30
C LEU E 22 3.18 -1.11 -36.11
N THR E 23 3.73 0.05 -35.70
CA THR E 23 3.04 0.75 -34.61
C THR E 23 1.73 1.32 -35.16
N ALA E 24 0.77 1.52 -34.28
CA ALA E 24 -0.54 2.05 -34.60
C ALA E 24 -1.06 2.81 -33.38
N TYR E 25 -1.62 3.99 -33.58
CA TYR E 25 -2.13 4.81 -32.49
C TYR E 25 -3.57 5.27 -32.70
N GLU E 26 -4.17 5.04 -33.85
CA GLU E 26 -5.52 5.47 -34.15
C GLU E 26 -6.32 4.33 -34.80
N SER E 27 -7.63 4.48 -34.85
CA SER E 27 -8.49 3.45 -35.42
C SER E 27 -8.41 3.38 -36.94
N SER E 28 -8.39 4.55 -37.60
CA SER E 28 -8.35 4.57 -39.06
C SER E 28 -7.09 3.92 -39.60
N PHE E 29 -5.92 4.28 -39.07
CA PHE E 29 -4.69 3.66 -39.56
C PHE E 29 -4.62 2.19 -39.13
N ALA E 30 -5.16 1.85 -37.96
CA ALA E 30 -5.11 0.45 -37.51
C ALA E 30 -5.88 -0.43 -38.49
N ALA E 31 -7.10 -0.04 -38.86
CA ALA E 31 -7.89 -0.79 -39.83
C ALA E 31 -7.18 -0.90 -41.18
N LEU E 32 -6.56 0.19 -41.62
CA LEU E 32 -5.81 0.21 -42.88
C LEU E 32 -4.66 -0.80 -42.84
N MSE E 33 -3.87 -0.78 -41.78
CA MSE E 33 -2.75 -1.72 -41.68
C MSE E 33 -3.25 -3.15 -41.61
O MSE E 33 -2.67 -4.05 -42.22
CB MSE E 33 -1.84 -1.40 -40.50
CG MSE E 33 -1.08 -0.08 -40.65
SE MSE E 33 -0.15 0.38 -39.03
CE MSE E 33 -1.50 1.29 -38.08
N ASP E 34 -4.27 -3.39 -40.81
CA ASP E 34 -4.82 -4.74 -40.67
C ASP E 34 -5.19 -5.29 -42.05
N ASP E 35 -5.96 -4.50 -42.80
CA ASP E 35 -6.39 -4.83 -44.14
C ASP E 35 -5.22 -4.94 -45.12
N ALA E 36 -4.08 -4.32 -44.84
CA ALA E 36 -2.91 -4.39 -45.68
C ALA E 36 -1.98 -5.55 -45.32
N GLY E 37 -2.44 -6.44 -44.45
CA GLY E 37 -1.64 -7.59 -44.06
C GLY E 37 -0.79 -7.49 -42.83
N VAL E 38 -0.73 -6.34 -42.16
CA VAL E 38 0.09 -6.21 -40.95
C VAL E 38 -0.47 -7.18 -39.92
N GLU E 39 0.38 -8.01 -39.35
CA GLU E 39 -0.06 -9.02 -38.39
C GLU E 39 -0.08 -8.60 -36.94
N MSE E 40 0.87 -7.75 -36.52
CA MSE E 40 0.93 -7.27 -35.15
C MSE E 40 0.88 -5.74 -35.13
O MSE E 40 1.65 -5.07 -35.83
CB MSE E 40 2.19 -7.76 -34.42
CG MSE E 40 2.41 -9.26 -34.44
SE MSE E 40 3.99 -9.85 -33.56
CE MSE E 40 3.36 -9.84 -31.75
N LEU E 41 -0.07 -5.21 -34.38
CA LEU E 41 -0.26 -3.76 -34.26
C LEU E 41 0.29 -3.32 -32.90
N LEU E 42 1.41 -2.61 -32.92
CA LEU E 42 2.06 -2.16 -31.70
C LEU E 42 1.63 -0.78 -31.25
N VAL E 43 0.80 -0.74 -30.20
CA VAL E 43 0.41 0.59 -29.66
C VAL E 43 1.62 0.94 -28.77
N GLY E 44 2.65 1.56 -29.36
CA GLY E 44 3.85 1.81 -28.60
C GLY E 44 3.88 3.12 -27.84
N ASP E 45 4.77 3.20 -26.84
CA ASP E 45 4.89 4.45 -26.08
C ASP E 45 5.71 5.48 -26.88
N SER E 46 6.07 5.10 -28.11
CA SER E 46 6.72 5.91 -29.11
C SER E 46 5.71 6.99 -29.56
N LEU E 47 4.43 6.80 -29.23
CA LEU E 47 3.39 7.77 -29.49
C LEU E 47 3.68 9.07 -28.72
N GLY E 48 4.47 9.01 -27.66
CA GLY E 48 4.85 10.18 -26.86
C GLY E 48 5.62 11.19 -27.70
N MSE E 49 6.32 10.68 -28.71
CA MSE E 49 7.06 11.51 -29.64
C MSE E 49 6.31 11.76 -30.94
O MSE E 49 6.03 12.89 -31.32
CB MSE E 49 8.44 10.85 -29.92
CG MSE E 49 9.05 10.36 -28.61
SE MSE E 49 10.88 9.95 -28.68
CE MSE E 49 11.63 11.47 -29.52
N ALA E 50 5.81 10.71 -31.58
CA ALA E 50 5.10 10.81 -32.83
C ALA E 50 3.71 11.40 -32.74
N VAL E 51 2.99 11.21 -31.65
CA VAL E 51 1.65 11.75 -31.49
C VAL E 51 1.60 12.96 -30.57
N GLN E 52 2.24 12.88 -29.42
CA GLN E 52 2.28 13.91 -28.41
C GLN E 52 3.32 14.99 -28.70
N GLY E 53 4.32 14.65 -29.51
CA GLY E 53 5.39 15.51 -29.92
C GLY E 53 6.35 15.87 -28.80
N ARG E 54 6.58 14.96 -27.86
CA ARG E 54 7.50 15.20 -26.76
C ARG E 54 8.91 14.80 -27.22
N LYS E 55 9.90 15.05 -26.40
CA LYS E 55 11.28 14.71 -26.68
C LYS E 55 11.64 13.28 -26.30
N SER E 56 10.81 12.62 -25.50
CA SER E 56 11.08 11.24 -25.10
C SER E 56 9.75 10.56 -24.77
N THR E 57 9.80 9.26 -24.48
CA THR E 57 8.61 8.51 -24.14
C THR E 57 8.34 8.48 -22.65
N LEU E 58 9.23 9.05 -21.82
CA LEU E 58 9.02 8.98 -20.38
C LEU E 58 7.73 9.59 -19.86
N PRO E 59 7.27 10.72 -20.33
CA PRO E 59 6.04 11.34 -19.87
C PRO E 59 4.76 10.60 -20.23
N VAL E 60 4.74 9.69 -21.19
CA VAL E 60 3.50 8.98 -21.54
C VAL E 60 2.92 8.29 -20.30
N SER E 61 1.62 8.40 -20.07
CA SER E 61 0.99 7.78 -18.92
C SER E 61 0.24 6.50 -19.29
N LEU E 62 -0.17 5.77 -18.26
CA LEU E 62 -0.96 4.55 -18.42
C LEU E 62 -2.30 4.91 -19.05
N ARG E 63 -2.84 6.08 -18.70
CA ARG E 63 -4.07 6.58 -19.27
C ARG E 63 -3.91 6.78 -20.79
N ASP E 64 -2.80 7.40 -21.22
CA ASP E 64 -2.54 7.59 -22.64
C ASP E 64 -2.47 6.24 -23.38
N MSE E 65 -1.75 5.26 -22.81
CA MSE E 65 -1.64 3.95 -23.44
C MSE E 65 -3.00 3.27 -23.55
O MSE E 65 -3.31 2.70 -24.62
CB MSE E 65 -0.65 3.08 -22.65
CG MSE E 65 0.77 3.64 -22.61
SE MSE E 65 1.47 4.08 -24.35
CE MSE E 65 1.15 2.43 -25.26
N CYS E 66 -3.81 3.38 -22.52
CA CYS E 66 -5.14 2.77 -22.55
C CYS E 66 -6.03 3.45 -23.57
N TYR E 67 -5.93 4.78 -23.69
CA TYR E 67 -6.75 5.52 -24.64
C TYR E 67 -6.44 5.09 -26.07
N HIS E 68 -5.13 5.03 -26.38
CA HIS E 68 -4.72 4.67 -27.72
C HIS E 68 -5.02 3.20 -28.01
N THR E 69 -4.92 2.36 -26.98
CA THR E 69 -5.25 0.94 -27.14
C THR E 69 -6.72 0.82 -27.54
N GLU E 70 -7.61 1.54 -26.87
CA GLU E 70 -9.04 1.53 -27.19
C GLU E 70 -9.33 2.01 -28.59
N CYS E 71 -8.64 3.08 -29.03
CA CYS E 71 -8.79 3.59 -30.37
C CYS E 71 -8.45 2.52 -31.41
N VAL E 72 -7.26 1.96 -31.31
CA VAL E 72 -6.75 0.92 -32.20
C VAL E 72 -7.66 -0.32 -32.17
N ALA E 73 -8.17 -0.68 -31.00
CA ALA E 73 -9.05 -1.83 -30.86
C ALA E 73 -10.34 -1.64 -31.64
N ARG E 74 -10.82 -0.42 -31.84
CA ARG E 74 -12.02 -0.18 -32.61
C ARG E 74 -11.76 -0.32 -34.11
N GLY E 75 -10.50 -0.24 -34.54
CA GLY E 75 -10.20 -0.38 -35.95
C GLY E 75 -9.65 -1.75 -36.35
N ALA E 76 -8.95 -2.45 -35.49
CA ALA E 76 -8.38 -3.74 -35.79
C ALA E 76 -9.41 -4.86 -35.94
N LYS E 77 -9.09 -5.84 -36.78
CA LYS E 77 -9.97 -6.98 -37.02
C LYS E 77 -9.28 -8.31 -36.73
N ASN E 78 -8.30 -8.66 -37.57
CA ASN E 78 -7.57 -9.90 -37.39
C ASN E 78 -6.22 -9.73 -36.72
N ALA E 79 -5.66 -8.53 -36.81
CA ALA E 79 -4.33 -8.32 -36.25
C ALA E 79 -4.35 -8.37 -34.73
N MSE E 80 -3.20 -8.75 -34.20
CA MSE E 80 -3.01 -8.83 -32.77
C MSE E 80 -2.56 -7.45 -32.25
O MSE E 80 -1.60 -6.91 -32.79
CB MSE E 80 -1.89 -9.83 -32.46
CG MSE E 80 -1.83 -10.10 -30.94
SE MSE E 80 -0.15 -10.85 -30.54
CE MSE E 80 -0.43 -12.67 -31.06
N ILE E 81 -3.21 -6.99 -31.20
CA ILE E 81 -2.89 -5.70 -30.62
C ILE E 81 -1.90 -5.86 -29.47
N VAL E 82 -0.72 -5.25 -29.63
CA VAL E 82 0.30 -5.31 -28.56
C VAL E 82 0.38 -3.92 -27.93
N SER E 83 0.28 -3.79 -26.62
CA SER E 83 0.36 -2.45 -26.02
C SER E 83 1.55 -2.27 -25.09
N ASP E 84 2.27 -1.15 -25.21
CA ASP E 84 3.39 -0.94 -24.30
C ASP E 84 2.98 -0.55 -22.89
N LEU E 85 3.72 -1.03 -21.90
CA LEU E 85 3.53 -0.66 -20.49
C LEU E 85 4.42 0.61 -20.37
N PRO E 86 3.82 1.75 -20.13
CA PRO E 86 4.56 3.03 -20.11
C PRO E 86 5.51 3.21 -18.97
N PHE E 87 6.48 4.12 -19.16
CA PHE E 87 7.52 4.33 -18.14
C PHE E 87 6.92 4.69 -16.78
N GLY E 88 7.38 4.04 -15.72
CA GLY E 88 6.91 4.28 -14.37
C GLY E 88 5.69 3.45 -13.97
N ALA E 89 4.97 2.88 -14.95
CA ALA E 89 3.75 2.16 -14.67
C ALA E 89 3.92 0.68 -14.37
N TYR E 90 5.14 0.14 -14.47
CA TYR E 90 5.28 -1.29 -14.24
C TYR E 90 6.60 -1.74 -13.64
N GLN E 91 7.60 -0.87 -13.52
CA GLN E 91 8.89 -1.28 -12.98
C GLN E 91 8.96 -1.27 -11.46
N GLN E 92 7.90 -0.80 -10.81
CA GLN E 92 7.96 -0.77 -9.33
C GLN E 92 7.95 -2.16 -8.73
N SER E 93 7.20 -3.08 -9.29
CA SER E 93 7.08 -4.45 -8.84
C SER E 93 6.26 -5.26 -9.87
N LYS E 94 6.27 -6.57 -9.70
CA LYS E 94 5.54 -7.45 -10.61
C LYS E 94 4.05 -7.25 -10.41
N GLU E 95 3.68 -6.94 -9.16
CA GLU E 95 2.26 -6.69 -8.84
C GLU E 95 1.80 -5.40 -9.53
N GLN E 96 2.63 -4.35 -9.52
CA GLN E 96 2.24 -3.10 -10.19
C GLN E 96 2.16 -3.34 -11.69
N ALA E 97 3.14 -4.12 -12.22
CA ALA E 97 3.13 -4.40 -13.65
C ALA E 97 1.85 -5.16 -14.08
N PHE E 98 1.40 -6.09 -13.24
CA PHE E 98 0.21 -6.86 -13.50
C PHE E 98 -1.01 -5.95 -13.57
N ALA E 99 -1.14 -5.08 -12.58
CA ALA E 99 -2.26 -4.13 -12.54
C ALA E 99 -2.26 -3.24 -13.78
N ALA E 100 -1.10 -2.74 -14.21
CA ALA E 100 -1.07 -1.87 -15.40
C ALA E 100 -1.33 -2.69 -16.66
N ALA E 101 -0.78 -3.91 -16.72
CA ALA E 101 -1.00 -4.76 -17.88
C ALA E 101 -2.49 -5.11 -18.03
N ALA E 102 -3.14 -5.46 -16.92
CA ALA E 102 -4.55 -5.79 -16.89
C ALA E 102 -5.39 -4.65 -17.45
N GLU E 103 -5.05 -3.40 -17.10
CA GLU E 103 -5.75 -2.24 -17.66
C GLU E 103 -5.64 -2.20 -19.17
N LEU E 104 -4.41 -2.38 -19.69
CA LEU E 104 -4.23 -2.42 -21.15
C LEU E 104 -5.05 -3.55 -21.77
N MSE E 105 -5.06 -4.75 -21.15
CA MSE E 105 -5.83 -5.86 -21.70
C MSE E 105 -7.31 -5.51 -21.69
O MSE E 105 -8.03 -5.70 -22.68
CB MSE E 105 -5.58 -7.16 -20.94
CG MSE E 105 -4.19 -7.71 -20.90
SE MSE E 105 -3.41 -8.21 -22.56
CE MSE E 105 -4.34 -9.88 -22.85
N ALA E 106 -7.80 -4.87 -20.61
CA ALA E 106 -9.20 -4.44 -20.56
C ALA E 106 -9.47 -3.37 -21.62
N ALA E 107 -8.46 -2.60 -22.04
CA ALA E 107 -8.67 -1.60 -23.09
C ALA E 107 -8.68 -2.24 -24.48
N GLY E 108 -8.29 -3.51 -24.62
CA GLY E 108 -8.33 -4.12 -25.94
C GLY E 108 -7.06 -4.78 -26.39
N ALA E 109 -5.99 -4.70 -25.60
CA ALA E 109 -4.74 -5.34 -25.98
C ALA E 109 -4.83 -6.87 -25.87
N HIS E 110 -4.03 -7.55 -26.66
CA HIS E 110 -3.96 -9.00 -26.69
C HIS E 110 -2.61 -9.47 -26.12
N MSE E 111 -1.73 -8.52 -25.84
CA MSE E 111 -0.39 -8.80 -25.31
C MSE E 111 0.20 -7.47 -24.89
O MSE E 111 -0.23 -6.42 -25.40
CB MSE E 111 0.45 -9.42 -26.44
CG MSE E 111 1.94 -9.55 -26.20
SE MSE E 111 2.91 -10.28 -27.70
CE MSE E 111 2.06 -12.00 -27.81
N VAL E 112 1.10 -7.46 -23.92
CA VAL E 112 1.73 -6.19 -23.51
C VAL E 112 3.22 -6.30 -23.73
N LYS E 113 3.87 -5.16 -23.94
CA LYS E 113 5.32 -5.13 -24.13
C LYS E 113 5.94 -4.43 -22.92
N LEU E 114 7.03 -4.99 -22.40
CA LEU E 114 7.73 -4.39 -21.27
C LEU E 114 9.22 -4.30 -21.60
N GLU E 115 9.95 -3.34 -21.03
CA GLU E 115 11.37 -3.19 -21.31
C GLU E 115 12.19 -3.67 -20.13
N GLY E 116 13.38 -4.20 -20.40
CA GLY E 116 14.21 -4.65 -19.28
C GLY E 116 14.81 -6.01 -19.53
N GLY E 117 15.95 -6.27 -18.89
CA GLY E 117 16.66 -7.50 -19.04
C GLY E 117 16.25 -8.56 -18.04
N VAL E 118 17.27 -9.24 -17.48
CA VAL E 118 17.04 -10.30 -16.51
C VAL E 118 16.29 -9.87 -15.27
N TRP E 119 16.39 -8.60 -14.88
CA TRP E 119 15.72 -8.09 -13.70
C TRP E 119 14.20 -8.02 -13.91
N MSE E 120 13.72 -8.07 -15.14
CA MSE E 120 12.30 -8.05 -15.46
C MSE E 120 11.75 -9.45 -15.76
O MSE E 120 10.54 -9.61 -15.92
CB MSE E 120 12.06 -7.11 -16.66
CG MSE E 120 12.16 -5.63 -16.28
SE MSE E 120 10.72 -5.12 -15.08
CE MSE E 120 9.24 -5.36 -16.20
N ALA E 121 12.61 -10.47 -15.78
CA ALA E 121 12.15 -11.83 -16.06
C ALA E 121 11.06 -12.27 -15.10
N GLU E 122 11.21 -11.98 -13.81
CA GLU E 122 10.19 -12.35 -12.82
C GLU E 122 8.86 -11.68 -13.11
N THR E 123 8.84 -10.49 -13.70
CA THR E 123 7.61 -9.80 -14.04
C THR E 123 6.94 -10.47 -15.23
N THR E 124 7.77 -10.87 -16.21
CA THR E 124 7.23 -11.56 -17.38
C THR E 124 6.49 -12.85 -16.96
N GLU E 125 7.12 -13.62 -16.09
CA GLU E 125 6.55 -14.87 -15.63
C GLU E 125 5.25 -14.65 -14.83
N PHE E 126 5.30 -13.66 -13.93
CA PHE E 126 4.12 -13.32 -13.15
C PHE E 126 2.92 -13.01 -14.04
N LEU E 127 3.11 -12.21 -15.08
CA LEU E 127 2.06 -11.82 -16.01
C LEU E 127 1.61 -12.97 -16.90
N GLN E 128 2.54 -13.66 -17.56
CA GLN E 128 2.18 -14.75 -18.47
C GLN E 128 1.44 -15.84 -17.74
N MSE E 129 1.81 -16.14 -16.50
CA MSE E 129 1.12 -17.19 -15.73
C MSE E 129 -0.31 -16.81 -15.44
O MSE E 129 -1.16 -17.69 -15.22
CB MSE E 129 1.89 -17.46 -14.43
CG MSE E 129 3.23 -18.16 -14.68
CG MSE E 129 3.23 -18.15 -14.71
SE MSE E 129 2.89 -20.01 -15.06
SE MSE E 129 3.98 -18.97 -13.17
CE MSE E 129 1.94 -20.49 -13.47
CE MSE E 129 2.46 -19.88 -12.47
N ARG E 130 -0.62 -15.50 -15.38
CA ARG E 130 -1.95 -15.03 -15.11
C ARG E 130 -2.77 -14.78 -16.36
N GLY E 131 -2.32 -15.26 -17.51
CA GLY E 131 -3.10 -15.06 -18.73
C GLY E 131 -2.76 -13.83 -19.54
N ILE E 132 -1.66 -13.16 -19.22
CA ILE E 132 -1.29 -11.97 -20.03
C ILE E 132 -0.06 -12.26 -20.85
N PRO E 133 -0.20 -12.36 -22.16
CA PRO E 133 0.94 -12.58 -23.04
C PRO E 133 1.89 -11.39 -22.94
N VAL E 134 3.17 -11.68 -22.82
CA VAL E 134 4.18 -10.66 -22.71
C VAL E 134 5.19 -10.65 -23.84
N CYS E 135 5.45 -9.43 -24.32
CA CYS E 135 6.48 -9.20 -25.32
C CYS E 135 7.65 -8.53 -24.57
N ALA E 136 8.75 -9.24 -24.41
CA ALA E 136 9.91 -8.67 -23.72
C ALA E 136 10.77 -7.85 -24.69
N HIS E 137 10.97 -6.59 -24.37
CA HIS E 137 11.77 -5.68 -25.18
C HIS E 137 13.17 -5.55 -24.57
N ILE E 138 14.19 -6.08 -25.28
CA ILE E 138 15.55 -6.06 -24.84
C ILE E 138 16.48 -5.32 -25.80
N GLY E 139 17.72 -5.10 -25.39
CA GLY E 139 18.69 -4.36 -26.20
C GLY E 139 18.54 -2.87 -25.89
N LEU E 140 18.32 -2.07 -26.93
CA LEU E 140 18.11 -0.63 -26.72
C LEU E 140 16.70 -0.43 -26.16
N THR E 141 16.59 -0.02 -24.91
CA THR E 141 15.27 0.20 -24.29
C THR E 141 15.10 1.71 -24.08
N PRO E 142 14.40 2.38 -24.97
CA PRO E 142 14.20 3.81 -24.96
C PRO E 142 13.71 4.48 -23.70
N GLN E 143 13.04 3.78 -22.79
CA GLN E 143 12.59 4.37 -21.54
C GLN E 143 13.80 4.70 -20.65
N SER E 144 14.93 4.02 -20.91
CA SER E 144 16.13 4.32 -20.13
C SER E 144 17.12 5.12 -20.96
N VAL E 145 16.60 5.94 -21.88
CA VAL E 145 17.39 6.79 -22.74
C VAL E 145 18.31 7.75 -21.98
N PHE E 146 17.87 8.28 -20.85
CA PHE E 146 18.70 9.19 -20.07
C PHE E 146 19.79 8.43 -19.35
N ALA E 147 19.53 7.15 -19.07
CA ALA E 147 20.52 6.30 -18.41
C ALA E 147 21.43 5.68 -19.49
N ALA E 160 27.13 -8.62 -25.11
CA ALA E 160 26.58 -9.65 -25.99
C ALA E 160 26.08 -10.82 -25.14
N GLN E 161 26.91 -11.20 -24.18
CA GLN E 161 26.56 -12.29 -23.28
C GLN E 161 25.36 -11.87 -22.41
N ALA E 162 25.35 -10.59 -22.03
CA ALA E 162 24.28 -10.04 -21.21
C ALA E 162 22.96 -10.02 -21.98
N LEU E 163 22.99 -9.67 -23.25
CA LEU E 163 21.82 -9.64 -24.08
C LEU E 163 21.24 -11.06 -24.26
N LEU E 164 22.14 -12.01 -24.46
CA LEU E 164 21.76 -13.40 -24.63
C LEU E 164 21.07 -13.89 -23.35
N ASN E 165 21.64 -13.55 -22.21
CA ASN E 165 21.13 -13.85 -20.90
C ASN E 165 19.73 -13.25 -20.69
N ASP E 166 19.55 -12.00 -21.11
CA ASP E 166 18.25 -11.34 -21.01
C ASP E 166 17.20 -12.13 -21.81
N ALA E 167 17.57 -12.43 -23.05
CA ALA E 167 16.76 -13.20 -23.97
C ALA E 167 16.31 -14.53 -23.37
N LYS E 168 17.26 -15.30 -22.88
CA LYS E 168 17.02 -16.58 -22.25
C LYS E 168 16.14 -16.42 -21.01
N ALA E 169 16.46 -15.48 -20.13
CA ALA E 169 15.68 -15.26 -18.92
C ALA E 169 14.20 -15.08 -19.25
N HIS E 170 13.88 -14.21 -20.21
CA HIS E 170 12.48 -14.01 -20.58
C HIS E 170 11.85 -15.25 -21.21
N ASP E 171 12.61 -15.94 -22.07
CA ASP E 171 12.13 -17.17 -22.69
C ASP E 171 11.78 -18.19 -21.61
N ASP E 172 12.70 -18.35 -20.66
CA ASP E 172 12.48 -19.29 -19.57
C ASP E 172 11.26 -18.90 -18.73
N ALA E 173 11.01 -17.60 -18.56
CA ALA E 173 9.86 -17.11 -17.80
C ALA E 173 8.56 -17.25 -18.56
N GLY E 174 8.63 -17.55 -19.88
CA GLY E 174 7.43 -17.73 -20.67
C GLY E 174 7.05 -16.58 -21.55
N ALA E 175 7.98 -15.64 -21.80
CA ALA E 175 7.63 -14.54 -22.70
C ALA E 175 7.08 -15.16 -24.00
N ALA E 176 6.04 -14.56 -24.55
CA ALA E 176 5.45 -15.05 -25.79
C ALA E 176 6.30 -14.57 -26.97
N VAL E 177 6.84 -13.36 -26.86
CA VAL E 177 7.68 -12.79 -27.91
C VAL E 177 8.88 -12.04 -27.30
N VAL E 178 10.02 -12.04 -27.98
CA VAL E 178 11.21 -11.32 -27.56
C VAL E 178 11.53 -10.29 -28.65
N LEU E 179 11.50 -9.02 -28.26
CA LEU E 179 11.74 -7.95 -29.26
C LEU E 179 13.10 -7.32 -29.01
N MSE E 180 13.87 -7.13 -30.08
CA MSE E 180 15.22 -6.56 -29.97
C MSE E 180 15.35 -5.31 -30.84
O MSE E 180 14.94 -5.30 -32.00
CB MSE E 180 16.29 -7.56 -30.35
CG MSE E 180 16.58 -8.72 -29.44
SE MSE E 180 17.75 -10.01 -30.28
CE MSE E 180 16.63 -10.56 -31.70
N GLU E 181 15.88 -4.25 -30.25
CA GLU E 181 16.08 -2.97 -30.91
C GLU E 181 17.56 -2.59 -31.01
N CYS E 182 18.00 -2.27 -32.22
CA CYS E 182 19.40 -1.87 -32.41
C CYS E 182 20.39 -2.85 -31.82
N VAL E 183 20.42 -4.04 -32.39
CA VAL E 183 21.32 -5.10 -31.93
C VAL E 183 22.12 -5.68 -33.10
N LEU E 184 23.38 -6.00 -32.85
CA LEU E 184 24.22 -6.60 -33.89
C LEU E 184 23.43 -7.72 -34.56
N ALA E 185 23.23 -7.64 -35.86
CA ALA E 185 22.47 -8.63 -36.59
C ALA E 185 22.91 -10.06 -36.30
N GLU E 186 24.22 -10.27 -36.18
CA GLU E 186 24.75 -11.60 -35.90
C GLU E 186 24.32 -12.07 -34.52
N LEU E 187 24.17 -11.15 -33.58
CA LEU E 187 23.73 -11.52 -32.24
C LEU E 187 22.23 -11.78 -32.22
N ALA E 188 21.45 -11.02 -32.98
CA ALA E 188 20.01 -11.21 -33.06
C ALA E 188 19.71 -12.60 -33.62
N LYS E 189 20.54 -13.00 -34.58
CA LYS E 189 20.43 -14.31 -35.22
C LYS E 189 20.61 -15.41 -34.19
N LYS E 190 21.70 -15.33 -33.43
CA LYS E 190 21.97 -16.29 -32.37
C LYS E 190 20.81 -16.34 -31.37
N VAL E 191 20.32 -15.15 -30.96
CA VAL E 191 19.23 -15.06 -30.04
C VAL E 191 17.97 -15.73 -30.57
N THR E 192 17.60 -15.44 -31.81
CA THR E 192 16.40 -16.02 -32.41
C THR E 192 16.42 -17.54 -32.45
N GLU E 193 17.60 -18.10 -32.64
CA GLU E 193 17.80 -19.53 -32.71
C GLU E 193 17.83 -20.14 -31.30
N THR E 194 18.26 -19.38 -30.30
CA THR E 194 18.34 -19.91 -28.96
C THR E 194 17.02 -19.92 -28.22
N VAL E 195 16.16 -18.94 -28.44
CA VAL E 195 14.88 -18.87 -27.75
C VAL E 195 13.79 -19.62 -28.48
N SER E 196 12.89 -20.19 -27.67
CA SER E 196 11.77 -20.97 -28.20
C SER E 196 10.70 -20.06 -28.77
N CYS E 197 10.55 -18.86 -28.19
CA CYS E 197 9.53 -17.95 -28.69
C CYS E 197 10.01 -17.18 -29.91
N PRO E 198 9.07 -16.70 -30.72
CA PRO E 198 9.36 -15.87 -31.85
C PRO E 198 10.05 -14.55 -31.43
N THR E 199 10.87 -14.01 -32.32
CA THR E 199 11.54 -12.73 -32.07
C THR E 199 11.08 -11.71 -33.10
N ILE E 200 11.16 -10.44 -32.73
CA ILE E 200 10.80 -9.30 -33.55
C ILE E 200 11.94 -8.28 -33.46
N GLY E 201 12.41 -7.79 -34.60
CA GLY E 201 13.49 -6.83 -34.60
C GLY E 201 13.18 -5.47 -35.21
N ILE E 202 14.05 -4.53 -34.84
CA ILE E 202 14.06 -3.15 -35.32
C ILE E 202 15.51 -2.69 -35.16
N GLY E 203 16.23 -2.67 -36.29
CA GLY E 203 17.66 -2.33 -36.22
C GLY E 203 18.40 -3.55 -35.64
N ALA E 204 17.90 -4.75 -35.95
CA ALA E 204 18.51 -5.98 -35.45
C ALA E 204 18.77 -7.00 -36.55
N GLY E 205 18.51 -6.62 -37.81
CA GLY E 205 18.75 -7.57 -38.90
C GLY E 205 17.51 -8.30 -39.33
N ALA E 206 17.67 -9.18 -40.32
CA ALA E 206 16.57 -9.94 -40.89
C ALA E 206 16.52 -11.36 -40.37
N ASP E 207 17.44 -11.71 -39.49
CA ASP E 207 17.47 -13.06 -38.91
C ASP E 207 16.47 -13.22 -37.77
N CYS E 208 15.70 -12.18 -37.50
CA CYS E 208 14.67 -12.24 -36.46
C CYS E 208 13.46 -12.91 -37.13
N ASP E 209 12.51 -13.38 -36.34
CA ASP E 209 11.31 -14.00 -36.87
C ASP E 209 10.35 -12.98 -37.46
N GLY E 210 10.60 -11.68 -37.25
CA GLY E 210 9.73 -10.64 -37.79
C GLY E 210 10.36 -9.26 -37.64
N GLN E 211 9.65 -8.26 -38.18
CA GLN E 211 10.16 -6.89 -38.13
C GLN E 211 9.11 -5.92 -37.63
N VAL E 212 9.61 -4.80 -37.07
CA VAL E 212 8.71 -3.74 -36.61
C VAL E 212 9.32 -2.38 -36.95
N LEU E 213 8.47 -1.42 -37.24
CA LEU E 213 8.88 -0.06 -37.54
C LEU E 213 7.79 0.91 -37.06
N VAL E 214 8.18 2.12 -36.69
CA VAL E 214 7.18 3.13 -36.29
C VAL E 214 6.50 3.59 -37.58
N MSE E 215 5.18 3.51 -37.64
CA MSE E 215 4.43 3.93 -38.82
C MSE E 215 4.93 5.24 -39.41
O MSE E 215 5.36 5.33 -40.57
CB MSE E 215 2.94 4.09 -38.48
CG MSE E 215 2.07 4.39 -39.66
SE MSE E 215 0.25 4.89 -39.25
CE MSE E 215 0.54 6.76 -38.97
N HIS E 216 4.88 6.31 -38.61
CA HIS E 216 5.30 7.63 -39.02
C HIS E 216 6.65 7.64 -39.73
N ASP E 217 7.63 6.94 -39.19
CA ASP E 217 8.96 6.86 -39.80
C ASP E 217 8.89 6.27 -41.21
N MSE E 218 8.26 5.10 -41.33
CA MSE E 218 8.16 4.40 -42.59
C MSE E 218 7.25 5.05 -43.59
O MSE E 218 7.22 4.64 -44.76
CB MSE E 218 7.83 2.91 -42.38
CG MSE E 218 6.60 2.62 -41.56
SE MSE E 218 5.00 2.63 -42.57
CE MSE E 218 5.18 0.99 -43.54
N LEU E 219 6.49 6.06 -43.19
CA LEU E 219 5.61 6.82 -44.05
C LEU E 219 6.28 8.15 -44.41
N GLY E 220 7.46 8.38 -43.85
CA GLY E 220 8.20 9.61 -44.10
C GLY E 220 7.46 10.86 -43.63
N ILE E 221 6.90 10.81 -42.42
CA ILE E 221 6.17 11.94 -41.86
C ILE E 221 7.11 12.99 -41.30
N PHE E 222 8.35 12.61 -40.97
CA PHE E 222 9.33 13.53 -40.44
C PHE E 222 10.34 13.95 -41.49
N PRO E 223 10.70 15.23 -41.46
CA PRO E 223 11.65 15.81 -42.38
C PRO E 223 13.08 15.34 -42.10
N GLY E 224 13.94 15.45 -43.12
CA GLY E 224 15.33 15.03 -42.98
C GLY E 224 15.44 13.52 -43.13
N LYS E 225 16.68 13.05 -43.24
CA LYS E 225 16.94 11.63 -43.41
C LYS E 225 16.25 10.79 -42.33
N THR E 226 16.02 9.51 -42.65
CA THR E 226 15.40 8.61 -41.70
C THR E 226 16.48 7.81 -40.96
N ALA E 227 16.13 7.15 -39.87
CA ALA E 227 17.15 6.37 -39.16
C ALA E 227 17.78 5.38 -40.13
N LYS E 228 18.98 4.93 -39.83
CA LYS E 228 19.70 4.01 -40.69
C LYS E 228 18.96 2.69 -40.89
N PHE E 229 18.27 2.21 -39.85
CA PHE E 229 17.55 0.96 -39.91
C PHE E 229 16.11 1.11 -40.36
N VAL E 230 15.72 2.31 -40.77
CA VAL E 230 14.36 2.57 -41.23
C VAL E 230 14.32 2.80 -42.74
N LYS E 231 13.29 2.32 -43.40
CA LYS E 231 13.08 2.51 -44.82
C LYS E 231 11.75 3.22 -45.07
N ASN E 232 11.79 4.25 -45.92
CA ASN E 232 10.58 4.99 -46.26
C ASN E 232 9.77 4.19 -47.28
N PHE E 233 8.60 3.71 -46.89
CA PHE E 233 7.79 2.93 -47.81
C PHE E 233 6.73 3.76 -48.53
N MSE E 234 6.61 5.04 -48.19
CA MSE E 234 5.63 5.91 -48.85
C MSE E 234 6.11 6.19 -50.29
O MSE E 234 5.32 6.18 -51.22
CB MSE E 234 5.45 7.26 -48.16
CG MSE E 234 4.17 7.40 -47.38
SE MSE E 234 2.60 7.63 -48.43
CE MSE E 234 2.50 9.51 -48.51
N GLN E 235 7.39 6.52 -50.39
CA GLN E 235 8.03 6.82 -51.65
C GLN E 235 7.76 5.73 -52.67
N GLY E 236 7.37 6.14 -53.87
CA GLY E 236 7.09 5.22 -54.96
C GLY E 236 5.64 4.78 -54.98
N HIS E 237 4.85 5.24 -54.01
CA HIS E 237 3.44 4.87 -53.91
C HIS E 237 2.54 6.09 -53.78
N ASP E 238 1.29 5.99 -54.22
CA ASP E 238 0.37 7.12 -54.14
C ASP E 238 -0.80 6.82 -53.19
N SER E 239 -0.53 5.95 -52.21
CA SER E 239 -1.55 5.59 -51.23
C SER E 239 -0.86 4.97 -50.02
N VAL E 240 -1.33 5.31 -48.82
CA VAL E 240 -0.77 4.77 -47.59
C VAL E 240 -0.92 3.25 -47.57
N GLN E 241 -2.08 2.74 -47.95
CA GLN E 241 -2.33 1.31 -48.00
C GLN E 241 -1.31 0.57 -48.86
N ALA E 242 -0.91 1.16 -49.99
CA ALA E 242 0.09 0.52 -50.85
C ALA E 242 1.46 0.57 -50.19
N ALA E 243 1.76 1.67 -49.49
CA ALA E 243 3.03 1.82 -48.79
C ALA E 243 3.19 0.77 -47.69
N VAL E 244 2.09 0.44 -47.03
CA VAL E 244 2.14 -0.55 -45.95
C VAL E 244 2.20 -1.96 -46.53
N ARG E 245 1.47 -2.17 -47.63
CA ARG E 245 1.48 -3.47 -48.32
C ARG E 245 2.89 -3.83 -48.76
N ALA E 246 3.62 -2.84 -49.25
CA ALA E 246 4.99 -3.02 -49.69
C ALA E 246 5.86 -3.40 -48.49
N TYR E 247 5.57 -2.76 -47.34
CA TYR E 247 6.35 -3.07 -46.14
C TYR E 247 6.18 -4.54 -45.79
N VAL E 248 4.94 -4.97 -45.73
CA VAL E 248 4.64 -6.37 -45.40
C VAL E 248 5.34 -7.33 -46.35
N ALA E 249 5.28 -7.03 -47.65
CA ALA E 249 5.90 -7.83 -48.70
C ALA E 249 7.41 -7.86 -48.58
N GLU E 250 8.08 -6.73 -48.40
CA GLU E 250 9.54 -6.74 -48.25
C GLU E 250 9.96 -7.43 -46.95
N VAL E 251 9.10 -7.42 -45.93
CA VAL E 251 9.42 -8.08 -44.67
C VAL E 251 9.41 -9.61 -44.90
N LYS E 252 8.38 -10.04 -45.60
CA LYS E 252 8.19 -11.45 -45.91
C LYS E 252 9.17 -11.95 -46.95
N ALA E 253 9.50 -11.09 -47.91
CA ALA E 253 10.45 -11.42 -48.95
C ALA E 253 11.85 -11.53 -48.37
N LYS E 254 12.06 -10.96 -47.19
CA LYS E 254 13.32 -10.93 -46.49
C LYS E 254 14.22 -9.87 -47.13
N THR E 255 13.59 -8.96 -47.88
CA THR E 255 14.34 -7.88 -48.52
C THR E 255 14.60 -6.77 -47.51
N PHE E 256 13.71 -6.68 -46.52
CA PHE E 256 13.83 -5.69 -45.45
C PHE E 256 13.88 -6.39 -44.10
N PRO E 257 14.81 -5.99 -43.26
CA PRO E 257 15.77 -4.93 -43.56
C PRO E 257 16.89 -5.33 -44.52
N ALA E 258 17.38 -4.35 -45.27
CA ALA E 258 18.45 -4.59 -46.22
C ALA E 258 19.78 -4.43 -45.52
N ALA E 259 20.88 -4.49 -46.28
CA ALA E 259 22.22 -4.40 -45.68
C ALA E 259 22.48 -3.02 -45.13
N GLU E 260 21.84 -2.01 -45.72
CA GLU E 260 21.98 -0.63 -45.32
C GLU E 260 21.26 -0.33 -44.02
N HIS E 261 20.25 -1.13 -43.70
CA HIS E 261 19.46 -0.96 -42.49
C HIS E 261 19.96 -1.82 -41.35
N ILE E 262 21.21 -2.23 -41.39
CA ILE E 262 21.80 -3.09 -40.37
C ILE E 262 23.16 -2.55 -39.92
NA NA F . -16.44 -17.00 -15.73
O1 KIV G . -18.59 -17.02 -16.38
C1 KIV G . -19.12 -18.14 -16.49
O2 KIV G . -20.31 -18.16 -16.83
C2 KIV G . -18.34 -19.40 -16.19
C3 KIV G . -18.85 -20.88 -16.26
C4 KIV G . -20.04 -21.17 -17.21
C5 KIV G . -17.61 -21.72 -16.64
O3 KIV G . -17.20 -19.14 -15.87
NA NA H . 18.43 19.60 -2.29
O1 KIV I . 18.61 21.79 -3.14
C1 KIV I . 19.78 22.18 -3.28
O2 KIV I . 19.88 23.33 -3.79
C2 KIV I . 20.96 21.35 -2.87
C3 KIV I . 22.50 21.65 -2.93
C4 KIV I . 23.31 21.18 -4.15
C5 KIV I . 22.62 23.16 -2.62
O3 KIV I . 20.62 20.27 -2.40
NA NA J . 0.94 12.47 23.91
O1 KIV K . 0.40 14.61 24.81
C1 KIV K . 1.06 15.08 25.72
O2 KIV K . 0.86 16.26 26.06
C2 KIV K . 2.12 14.23 26.41
C3 KIV K . 3.02 14.71 27.61
C4 KIV K . 2.26 14.93 28.96
C5 KIV K . 4.15 13.68 27.69
O3 KIV K . 2.16 13.13 25.94
NA NA L . 7.97 1.45 -26.76
O1 KIV M . 6.99 2.14 -28.85
C1 KIV M . 7.39 1.71 -29.94
O2 KIV M . 6.82 2.15 -30.98
C2 KIV M . 8.51 0.71 -30.04
C3 KIV M . 9.12 0.07 -31.34
C4 KIV M . 10.34 0.78 -31.99
C5 KIV M . 9.47 -1.37 -30.91
O3 KIV M . 8.93 0.42 -28.93
#